data_8DV6
#
_entry.id   8DV6
#
_cell.length_a   95.041
_cell.length_b   133.609
_cell.length_c   105.109
_cell.angle_alpha   90.000
_cell.angle_beta   106.494
_cell.angle_gamma   90.000
#
_symmetry.space_group_name_H-M   'P 1 21 1'
#
loop_
_entity.id
_entity.type
_entity.pdbx_description
1 polymer 'Envelope protein E'
2 polymer 'mAb Fab Heavy Chain'
3 polymer 'mAb Fab Light Chain'
#
loop_
_entity_poly.entity_id
_entity_poly.type
_entity_poly.pdbx_seq_one_letter_code
_entity_poly.pdbx_strand_id
1 'polypeptide(L)'
;IRCIGVSNRDFVEGMSGGTWVDVVLEHGGCVTVMAQDKPTVDIELVTTTVSNMAEVRSYCYEASISDMASDSRCPTQGEA
YLDKQSDTQYVCKRTLVDRGWGNGCGLFGKGSLVTCAKFACSKKMTGKSIQPENLEYRIMLSVHGSQHSGMIVNDTGHET
DENRAKVEITPNSPRAEATLGGFGSLGLDCEPRTGLDFSDLYYLTMNNKHWLVHKEWFHDIPLPWHAGADTGTPHWNNKE
ALVEFKDAHAKRQTVVVLGSQEGAVHTALAGALEAEMDGAKGRLSSGHLKCRLKMDKLRLKGVSYSLCTAAFTFTKIPAE
TLHGTVTVEVQYAGTDGPCKVPAQMAVDMQTLTPVGRLITANPVITESTENSKMMLELDPPFGDSYIVIGVGEKKITHHW
HRSGSSGGSHHHHHH
;
A,B
2 'polypeptide(L)'
;RVHLVESGGGVVQPGRSLRLSCVASGFAFSNYHMHWVRQAPGKGLEWVAIIWDDGSDQYYADSVKGRFTISRDNSKNTLF
LQMNRLRAEDTALYYCVGGSSAYNGDNGWREAASLDDWGQGTLVTVSSASTKGPSVFPLAPSSKSTSGGTAALGCLVKDY
FPEPVTVSWNSGALTSGVHTFPAVLQSSGLYSLSSVVTVPSSSLGTQTYICNVNHKPSNTKVDKKVEPKSCDKTHHHHHH
;
C,H
3 'polypeptide(L)'
;QSALTQPASVSGSPGQSITIFCSGSSNDVGGYNYVSWYQQYPGKVPKLLIYDVNSRPSGVSNRFSGSKSGNTASLTISGL
QAEDEADYYCSSYTSRRTWVFGGGTIVTVLGQPKANPTVTLFPPSSEELQANKATLVCLISDFYPGAVTVAWKADGSPVK
AGVETTKPSKQSNNKYAASSYLSLTPEQWKSHRSYSCQVTHEGSTVEKTVAPTECS
;
D,L
#
# COMPACT_ATOMS: atom_id res chain seq x y z
N ILE A 1 -11.21 46.67 -15.96
CA ILE A 1 -12.58 46.14 -16.04
C ILE A 1 -12.60 44.88 -16.89
N ARG A 2 -13.53 43.97 -16.58
CA ARG A 2 -13.67 42.69 -17.27
C ARG A 2 -13.93 42.87 -18.77
N CYS A 3 -14.04 41.74 -19.48
CA CYS A 3 -14.59 41.66 -20.83
C CYS A 3 -13.62 42.11 -21.91
N ILE A 4 -12.82 43.15 -21.65
CA ILE A 4 -11.95 43.69 -22.70
C ILE A 4 -11.00 42.61 -23.21
N GLY A 5 -10.67 41.62 -22.39
CA GLY A 5 -9.94 40.47 -22.86
C GLY A 5 -10.85 39.44 -23.51
N VAL A 6 -12.07 39.30 -22.98
CA VAL A 6 -12.98 38.26 -23.42
C VAL A 6 -13.20 38.34 -24.93
N SER A 7 -13.24 37.16 -25.57
CA SER A 7 -13.49 37.10 -27.01
C SER A 7 -14.98 37.15 -27.31
N ASN A 8 -15.78 36.35 -26.59
CA ASN A 8 -17.22 36.30 -26.80
C ASN A 8 -17.88 37.43 -26.00
N ARG A 9 -17.65 38.65 -26.47
CA ARG A 9 -18.13 39.86 -25.81
C ARG A 9 -19.25 40.48 -26.63
N ASP A 10 -20.36 40.78 -25.97
CA ASP A 10 -21.54 41.35 -26.61
C ASP A 10 -21.71 42.79 -26.15
N PHE A 11 -21.72 43.72 -27.11
CA PHE A 11 -22.00 45.12 -26.82
C PHE A 11 -23.49 45.38 -26.95
N VAL A 12 -24.07 46.07 -25.97
CA VAL A 12 -25.50 46.34 -25.92
C VAL A 12 -25.70 47.77 -25.45
N GLU A 13 -26.52 48.53 -26.18
CA GLU A 13 -26.87 49.89 -25.81
C GLU A 13 -28.37 49.99 -25.59
N GLY A 14 -28.75 50.70 -24.54
CA GLY A 14 -30.16 50.88 -24.23
C GLY A 14 -30.80 51.96 -25.06
N MET A 15 -31.59 52.81 -24.42
CA MET A 15 -32.27 53.91 -25.10
C MET A 15 -31.78 55.23 -24.54
N SER A 16 -32.70 56.12 -24.15
CA SER A 16 -32.37 57.32 -23.41
C SER A 16 -32.86 57.26 -21.98
N GLY A 17 -34.15 56.98 -21.77
CA GLY A 17 -34.65 56.66 -20.45
C GLY A 17 -34.51 55.18 -20.20
N GLY A 18 -35.25 54.38 -20.95
CA GLY A 18 -35.03 52.95 -20.93
C GLY A 18 -35.47 52.27 -19.65
N THR A 19 -34.75 52.55 -18.56
CA THR A 19 -34.92 51.93 -17.25
C THR A 19 -34.57 50.44 -17.28
N TRP A 20 -35.12 49.69 -18.23
CA TRP A 20 -34.88 48.25 -18.32
C TRP A 20 -34.32 47.89 -19.68
N VAL A 21 -33.38 46.95 -19.70
CA VAL A 21 -32.77 46.42 -20.92
C VAL A 21 -32.54 44.93 -20.75
N ASP A 22 -32.86 44.16 -21.78
CA ASP A 22 -32.68 42.71 -21.73
C ASP A 22 -31.26 42.33 -22.16
N VAL A 23 -30.69 41.35 -21.45
CA VAL A 23 -29.34 40.86 -21.73
C VAL A 23 -29.33 39.35 -21.63
N VAL A 24 -28.32 38.74 -22.24
CA VAL A 24 -28.14 37.30 -22.22
C VAL A 24 -26.75 37.01 -21.68
N LEU A 25 -26.69 36.47 -20.46
CA LEU A 25 -25.43 36.13 -19.81
C LEU A 25 -25.15 34.64 -19.99
N GLU A 26 -23.89 34.31 -20.20
CA GLU A 26 -23.52 32.97 -20.62
C GLU A 26 -22.07 32.72 -20.23
N HIS A 27 -21.78 31.50 -19.79
CA HIS A 27 -20.43 31.13 -19.42
C HIS A 27 -19.47 31.36 -20.58
N GLY A 28 -18.28 31.88 -20.26
CA GLY A 28 -17.30 32.18 -21.29
C GLY A 28 -17.63 33.39 -22.13
N GLY A 29 -18.61 34.19 -21.73
CA GLY A 29 -19.00 35.36 -22.49
C GLY A 29 -19.41 36.47 -21.55
N CYS A 30 -19.25 37.71 -22.04
CA CYS A 30 -19.58 38.89 -21.26
C CYS A 30 -20.59 39.75 -22.00
N VAL A 31 -21.17 40.71 -21.29
CA VAL A 31 -22.06 41.70 -21.86
C VAL A 31 -21.62 43.07 -21.39
N THR A 32 -21.30 43.96 -22.33
CA THR A 32 -21.01 45.35 -22.04
C THR A 32 -22.26 46.19 -22.26
N VAL A 33 -22.65 46.96 -21.24
CA VAL A 33 -23.88 47.73 -21.26
C VAL A 33 -23.50 49.21 -21.29
N MET A 34 -23.86 49.88 -22.37
CA MET A 34 -23.64 51.31 -22.57
C MET A 34 -24.98 52.03 -22.59
N ALA A 35 -24.97 53.29 -22.16
CA ALA A 35 -26.20 54.09 -22.16
C ALA A 35 -25.82 55.56 -22.08
N GLN A 36 -26.64 56.40 -22.71
CA GLN A 36 -26.45 57.84 -22.65
C GLN A 36 -26.59 58.34 -21.22
N ASP A 37 -25.59 59.07 -20.75
CA ASP A 37 -25.52 59.68 -19.42
C ASP A 37 -25.45 58.64 -18.31
N LYS A 38 -25.18 57.38 -18.65
CA LYS A 38 -25.04 56.30 -17.68
C LYS A 38 -23.66 55.68 -17.78
N PRO A 39 -23.08 55.23 -16.67
CA PRO A 39 -21.75 54.63 -16.74
C PRO A 39 -21.80 53.26 -17.41
N THR A 40 -20.82 53.01 -18.28
CA THR A 40 -20.73 51.74 -18.96
C THR A 40 -20.33 50.65 -17.97
N VAL A 41 -21.07 49.54 -17.97
CA VAL A 41 -20.80 48.48 -17.00
C VAL A 41 -20.65 47.15 -17.71
N ASP A 42 -19.82 46.29 -17.16
CA ASP A 42 -19.54 44.97 -17.70
C ASP A 42 -20.13 43.92 -16.79
N ILE A 43 -20.88 42.99 -17.37
CA ILE A 43 -21.58 41.94 -16.64
C ILE A 43 -21.11 40.60 -17.18
N GLU A 44 -20.92 39.64 -16.27
CA GLU A 44 -20.49 38.30 -16.70
C GLU A 44 -20.92 37.26 -15.70
N LEU A 45 -21.56 36.19 -16.17
CA LEU A 45 -21.88 35.05 -15.33
C LEU A 45 -20.62 34.19 -15.20
N VAL A 46 -20.14 34.02 -13.96
CA VAL A 46 -18.86 33.35 -13.74
C VAL A 46 -19.05 31.88 -13.42
N THR A 47 -19.99 31.54 -12.54
CA THR A 47 -20.18 30.16 -12.10
C THR A 47 -21.65 29.85 -11.95
N THR A 48 -21.99 28.58 -12.16
CA THR A 48 -23.32 28.04 -11.94
C THR A 48 -23.16 26.80 -11.06
N THR A 49 -23.50 26.92 -9.79
CA THR A 49 -23.20 25.88 -8.82
C THR A 49 -24.47 25.17 -8.35
N VAL A 50 -24.34 23.88 -8.10
CA VAL A 50 -25.40 23.04 -7.54
C VAL A 50 -24.96 22.53 -6.17
N SER A 51 -25.87 22.61 -5.21
CA SER A 51 -25.66 22.11 -3.85
C SER A 51 -26.75 21.09 -3.51
N ASN A 52 -26.65 20.53 -2.31
CA ASN A 52 -27.66 19.63 -1.73
C ASN A 52 -28.23 18.65 -2.74
N MET A 53 -27.36 18.04 -3.54
CA MET A 53 -27.79 17.13 -4.59
C MET A 53 -27.99 15.73 -4.01
N ALA A 54 -29.21 15.22 -4.09
CA ALA A 54 -29.53 13.91 -3.54
C ALA A 54 -29.18 12.82 -4.55
N GLU A 55 -28.56 11.74 -4.05
CA GLU A 55 -28.22 10.61 -4.89
C GLU A 55 -29.49 9.95 -5.43
N VAL A 56 -29.32 9.13 -6.47
CA VAL A 56 -30.45 8.42 -7.06
C VAL A 56 -30.09 6.96 -7.22
N ARG A 57 -29.01 6.68 -7.95
CA ARG A 57 -28.59 5.32 -8.23
C ARG A 57 -27.10 5.33 -8.51
N SER A 58 -26.41 4.28 -8.06
CA SER A 58 -24.98 4.12 -8.29
C SER A 58 -24.74 2.82 -9.03
N TYR A 59 -23.89 2.87 -10.05
CA TYR A 59 -23.50 1.71 -10.84
C TYR A 59 -22.05 1.37 -10.52
N CYS A 60 -21.75 0.07 -10.54
CA CYS A 60 -20.41 -0.42 -10.27
C CYS A 60 -19.71 -0.68 -11.59
N TYR A 61 -18.62 0.04 -11.85
CA TYR A 61 -17.90 -0.09 -13.11
C TYR A 61 -16.54 -0.77 -12.98
N GLU A 62 -16.14 -1.17 -11.77
CA GLU A 62 -14.99 -2.06 -11.63
C GLU A 62 -15.14 -2.84 -10.34
N ALA A 63 -15.01 -4.17 -10.42
CA ALA A 63 -15.27 -5.02 -9.28
C ALA A 63 -14.28 -6.19 -9.27
N SER A 64 -14.26 -6.89 -8.14
CA SER A 64 -13.43 -8.08 -7.95
C SER A 64 -14.16 -9.04 -7.02
N ILE A 65 -13.76 -10.30 -7.07
CA ILE A 65 -14.38 -11.35 -6.28
C ILE A 65 -13.37 -11.92 -5.30
N SER A 66 -13.88 -12.75 -4.38
CA SER A 66 -13.08 -13.39 -3.35
C SER A 66 -13.92 -14.50 -2.73
N ASP A 67 -13.24 -15.39 -2.01
CA ASP A 67 -13.86 -16.51 -1.30
C ASP A 67 -14.76 -17.32 -2.23
N MET A 68 -14.11 -17.99 -3.18
CA MET A 68 -14.80 -18.92 -4.06
C MET A 68 -15.04 -20.23 -3.32
N ALA A 69 -16.20 -20.85 -3.58
CA ALA A 69 -16.56 -22.09 -2.92
C ALA A 69 -17.56 -22.83 -3.80
N SER A 70 -17.59 -24.15 -3.65
CA SER A 70 -18.49 -24.96 -4.45
C SER A 70 -18.96 -26.15 -3.63
N ASP A 71 -20.15 -26.63 -3.96
CA ASP A 71 -20.72 -27.82 -3.32
C ASP A 71 -21.41 -28.67 -4.36
N SER A 72 -21.19 -29.98 -4.30
CA SER A 72 -21.66 -30.91 -5.31
C SER A 72 -22.37 -32.09 -4.67
N ARG A 73 -23.33 -32.65 -5.40
CA ARG A 73 -24.09 -33.81 -4.98
C ARG A 73 -24.15 -34.81 -6.14
N CYS A 74 -24.07 -36.10 -5.80
CA CYS A 74 -24.07 -37.16 -6.79
C CYS A 74 -25.44 -37.25 -7.48
N PRO A 75 -25.51 -37.96 -8.61
CA PRO A 75 -26.81 -38.17 -9.26
C PRO A 75 -27.82 -38.81 -8.33
N THR A 76 -29.03 -38.24 -8.30
CA THR A 76 -30.15 -38.68 -7.48
C THR A 76 -29.90 -38.55 -5.98
N GLN A 77 -28.84 -37.85 -5.58
CA GLN A 77 -28.52 -37.61 -4.18
C GLN A 77 -28.86 -36.19 -3.76
N GLY A 78 -30.01 -35.68 -4.20
CA GLY A 78 -30.49 -34.38 -3.79
C GLY A 78 -29.74 -33.20 -4.37
N GLU A 79 -30.30 -32.01 -4.20
CA GLU A 79 -29.66 -30.78 -4.66
C GLU A 79 -28.49 -30.41 -3.76
N ALA A 80 -27.53 -29.69 -4.34
CA ALA A 80 -26.41 -29.18 -3.57
C ALA A 80 -26.80 -27.87 -2.89
N TYR A 81 -26.14 -27.58 -1.77
CA TYR A 81 -26.43 -26.38 -1.02
C TYR A 81 -25.14 -25.80 -0.45
N LEU A 82 -24.93 -24.51 -0.66
CA LEU A 82 -23.81 -23.78 -0.08
C LEU A 82 -24.35 -22.74 0.89
N ASP A 83 -23.75 -22.67 2.07
CA ASP A 83 -24.04 -21.68 3.12
C ASP A 83 -24.48 -20.32 2.58
N LYS A 84 -23.62 -19.71 1.77
CA LYS A 84 -23.73 -18.30 1.43
C LYS A 84 -24.53 -18.04 0.15
N GLN A 85 -25.31 -19.01 -0.32
CA GLN A 85 -26.20 -18.70 -1.44
C GLN A 85 -27.40 -17.87 -1.02
N SER A 86 -27.52 -17.53 0.27
CA SER A 86 -28.52 -16.59 0.76
C SER A 86 -27.93 -15.26 1.17
N ASP A 87 -26.60 -15.08 1.03
CA ASP A 87 -25.95 -13.85 1.43
C ASP A 87 -26.07 -12.83 0.30
N THR A 88 -26.59 -11.64 0.64
CA THR A 88 -26.84 -10.62 -0.37
C THR A 88 -25.58 -10.14 -1.07
N GLN A 89 -24.41 -10.33 -0.47
CA GLN A 89 -23.17 -9.89 -1.08
C GLN A 89 -22.50 -10.95 -1.94
N TYR A 90 -22.91 -12.21 -1.83
CA TYR A 90 -22.35 -13.26 -2.64
C TYR A 90 -23.16 -13.46 -3.91
N VAL A 91 -22.46 -13.89 -4.97
CA VAL A 91 -23.08 -14.25 -6.24
C VAL A 91 -22.83 -15.73 -6.47
N CYS A 92 -23.89 -16.45 -6.84
CA CYS A 92 -23.83 -17.90 -6.96
C CYS A 92 -24.51 -18.34 -8.25
N LYS A 93 -24.15 -19.55 -8.67
CA LYS A 93 -24.75 -20.20 -9.82
C LYS A 93 -24.92 -21.68 -9.56
N ARG A 94 -26.14 -22.19 -9.79
CA ARG A 94 -26.44 -23.61 -9.72
C ARG A 94 -26.35 -24.20 -11.12
N THR A 95 -26.01 -25.50 -11.18
CA THR A 95 -25.83 -26.16 -12.47
C THR A 95 -25.78 -27.65 -12.26
N LEU A 96 -25.89 -28.38 -13.37
CA LEU A 96 -25.70 -29.82 -13.41
C LEU A 96 -24.37 -30.14 -14.10
N VAL A 97 -23.74 -31.22 -13.69
CA VAL A 97 -22.41 -31.57 -14.19
C VAL A 97 -22.30 -33.08 -14.36
N ASP A 98 -21.51 -33.49 -15.34
CA ASP A 98 -21.30 -34.91 -15.61
C ASP A 98 -20.54 -35.57 -14.46
N ARG A 99 -21.07 -36.70 -13.98
CA ARG A 99 -20.49 -37.44 -12.87
C ARG A 99 -20.49 -38.92 -13.20
N GLY A 100 -19.49 -39.62 -12.68
CA GLY A 100 -19.37 -41.04 -12.90
C GLY A 100 -18.54 -41.69 -11.82
N TRP A 101 -18.13 -42.94 -12.09
CA TRP A 101 -17.27 -43.66 -11.15
C TRP A 101 -15.93 -42.96 -10.98
N GLY A 102 -15.45 -42.26 -12.02
CA GLY A 102 -14.17 -41.60 -11.92
C GLY A 102 -14.12 -40.54 -10.84
N ASN A 103 -15.16 -39.72 -10.76
CA ASN A 103 -15.22 -38.62 -9.79
C ASN A 103 -16.09 -38.95 -8.58
N GLY A 104 -16.03 -40.20 -8.10
CA GLY A 104 -16.58 -40.57 -6.81
C GLY A 104 -18.00 -41.10 -6.82
N CYS A 105 -18.84 -40.67 -7.76
CA CYS A 105 -20.25 -41.00 -7.72
C CYS A 105 -20.50 -42.42 -8.19
N GLY A 106 -21.41 -43.11 -7.51
CA GLY A 106 -21.70 -44.51 -7.80
C GLY A 106 -22.38 -44.73 -9.15
N LEU A 107 -23.04 -43.71 -9.70
CA LEU A 107 -23.71 -43.82 -10.97
C LEU A 107 -23.14 -42.82 -11.96
N PHE A 108 -23.52 -42.98 -13.22
CA PHE A 108 -23.14 -42.05 -14.28
C PHE A 108 -24.35 -41.20 -14.65
N GLY A 109 -24.14 -39.90 -14.75
CA GLY A 109 -25.23 -39.00 -15.12
C GLY A 109 -24.98 -37.61 -14.56
N LYS A 110 -26.04 -36.82 -14.54
CA LYS A 110 -25.96 -35.45 -14.07
C LYS A 110 -26.04 -35.39 -12.55
N GLY A 111 -25.16 -34.57 -11.95
CA GLY A 111 -25.21 -34.30 -10.54
C GLY A 111 -25.27 -32.80 -10.30
N SER A 112 -25.60 -32.44 -9.07
CA SER A 112 -25.83 -31.04 -8.74
C SER A 112 -24.53 -30.36 -8.33
N LEU A 113 -24.41 -29.07 -8.65
CA LEU A 113 -23.22 -28.30 -8.31
C LEU A 113 -23.59 -26.83 -8.20
N VAL A 114 -23.30 -26.22 -7.06
CA VAL A 114 -23.54 -24.81 -6.84
C VAL A 114 -22.21 -24.13 -6.48
N THR A 115 -21.96 -22.97 -7.09
CA THR A 115 -20.71 -22.26 -6.93
C THR A 115 -20.98 -20.82 -6.51
N CYS A 116 -20.33 -20.39 -5.43
CA CYS A 116 -20.51 -19.05 -4.86
C CYS A 116 -19.19 -18.32 -4.76
N ALA A 117 -19.26 -16.99 -4.87
CA ALA A 117 -18.11 -16.12 -4.62
C ALA A 117 -18.63 -14.83 -4.01
N LYS A 118 -17.72 -14.04 -3.43
CA LYS A 118 -18.10 -12.80 -2.77
C LYS A 118 -17.84 -11.63 -3.70
N PHE A 119 -18.91 -10.94 -4.08
CA PHE A 119 -18.81 -9.77 -4.94
C PHE A 119 -18.41 -8.55 -4.12
N ALA A 120 -17.45 -7.79 -4.62
CA ALA A 120 -17.00 -6.57 -3.97
C ALA A 120 -16.66 -5.55 -5.04
N CYS A 121 -17.19 -4.34 -4.89
CA CYS A 121 -17.10 -3.32 -5.93
C CYS A 121 -15.90 -2.42 -5.64
N SER A 122 -14.94 -2.41 -6.56
CA SER A 122 -13.75 -1.58 -6.40
C SER A 122 -14.03 -0.11 -6.71
N LYS A 123 -14.71 0.14 -7.83
CA LYS A 123 -15.01 1.50 -8.28
C LYS A 123 -16.43 1.56 -8.80
N LYS A 124 -17.19 2.54 -8.30
CA LYS A 124 -18.57 2.77 -8.69
C LYS A 124 -18.76 4.23 -9.07
N MET A 125 -19.66 4.47 -10.03
CA MET A 125 -20.08 5.82 -10.40
C MET A 125 -21.44 6.12 -9.80
N THR A 126 -21.68 7.41 -9.53
CA THR A 126 -22.88 7.83 -8.82
C THR A 126 -23.65 8.87 -9.62
N GLY A 127 -24.95 8.67 -9.75
CA GLY A 127 -25.84 9.64 -10.38
C GLY A 127 -26.68 10.34 -9.33
N LYS A 128 -26.80 11.66 -9.46
CA LYS A 128 -27.54 12.46 -8.51
C LYS A 128 -28.58 13.31 -9.24
N SER A 129 -29.60 13.69 -8.50
CA SER A 129 -30.72 14.46 -9.02
C SER A 129 -30.42 15.96 -8.98
N ILE A 130 -31.16 16.71 -9.79
CA ILE A 130 -30.99 18.15 -9.91
C ILE A 130 -32.38 18.78 -9.81
N GLN A 131 -32.75 19.24 -8.62
CA GLN A 131 -33.96 20.03 -8.43
C GLN A 131 -33.61 21.51 -8.47
N PRO A 132 -34.36 22.32 -9.21
CA PRO A 132 -33.95 23.73 -9.39
C PRO A 132 -33.89 24.54 -8.11
N GLU A 133 -34.35 24.00 -6.98
CA GLU A 133 -34.21 24.70 -5.72
C GLU A 133 -32.75 24.90 -5.36
N ASN A 134 -31.92 23.89 -5.61
CA ASN A 134 -30.51 23.89 -5.21
C ASN A 134 -29.59 24.51 -6.25
N LEU A 135 -30.05 25.55 -6.94
CA LEU A 135 -29.29 26.16 -8.02
C LEU A 135 -28.76 27.52 -7.57
N GLU A 136 -27.50 27.80 -7.91
CA GLU A 136 -26.89 29.08 -7.56
C GLU A 136 -26.12 29.63 -8.76
N TYR A 137 -26.38 30.88 -9.10
CA TYR A 137 -25.69 31.57 -10.18
C TYR A 137 -24.90 32.75 -9.62
N ARG A 138 -23.64 32.86 -9.98
CA ARG A 138 -22.80 33.98 -9.58
C ARG A 138 -22.60 34.90 -10.78
N ILE A 139 -23.02 36.15 -10.63
CA ILE A 139 -22.88 37.16 -11.68
C ILE A 139 -22.01 38.29 -11.15
N MET A 140 -20.98 38.65 -11.92
CA MET A 140 -20.02 39.65 -11.53
C MET A 140 -20.20 40.89 -12.39
N LEU A 141 -20.09 42.06 -11.76
CA LEU A 141 -20.28 43.34 -12.41
C LEU A 141 -19.08 44.23 -12.11
N SER A 142 -18.67 45.00 -13.11
CA SER A 142 -17.58 45.95 -12.96
C SER A 142 -17.90 47.21 -13.74
N VAL A 143 -17.29 48.32 -13.33
CA VAL A 143 -17.65 49.64 -13.82
C VAL A 143 -16.45 50.27 -14.51
N HIS A 144 -16.64 50.71 -15.76
CA HIS A 144 -15.61 51.48 -16.44
C HIS A 144 -15.39 52.78 -15.66
N GLY A 145 -14.24 52.91 -15.01
CA GLY A 145 -14.02 54.11 -14.23
C GLY A 145 -12.58 54.55 -14.04
N SER A 146 -11.66 53.60 -13.84
CA SER A 146 -10.27 53.94 -13.54
C SER A 146 -9.43 52.67 -13.55
N GLN A 147 -8.15 52.85 -13.21
CA GLN A 147 -7.21 51.81 -12.85
C GLN A 147 -6.91 50.87 -14.01
N HIS A 148 -6.04 49.88 -13.79
CA HIS A 148 -5.77 48.82 -14.75
C HIS A 148 -5.52 47.52 -14.01
N SER A 149 -4.77 47.62 -12.89
CA SER A 149 -4.51 46.45 -12.07
C SER A 149 -5.81 45.75 -11.68
N GLY A 150 -6.87 46.51 -11.48
CA GLY A 150 -8.18 45.94 -11.25
C GLY A 150 -8.79 45.46 -12.55
N MET A 151 -8.08 44.56 -13.24
CA MET A 151 -8.55 43.95 -14.48
C MET A 151 -9.32 42.69 -14.13
N ILE A 152 -8.88 41.56 -14.70
CA ILE A 152 -9.29 40.28 -14.16
C ILE A 152 -8.50 39.97 -12.89
N VAL A 153 -7.40 40.67 -12.67
CA VAL A 153 -6.60 40.57 -11.45
C VAL A 153 -7.28 41.35 -10.34
N ASN A 154 -6.74 41.22 -9.12
CA ASN A 154 -7.23 41.91 -7.92
C ASN A 154 -8.75 41.87 -7.79
N ASP A 155 -9.28 40.64 -7.77
CA ASP A 155 -10.68 40.40 -7.44
C ASP A 155 -10.84 40.31 -5.93
N THR A 156 -9.94 40.95 -5.19
CA THR A 156 -9.92 40.90 -3.73
C THR A 156 -10.75 42.00 -3.08
N GLY A 157 -10.79 43.18 -3.69
CA GLY A 157 -11.45 44.33 -3.11
C GLY A 157 -12.86 44.48 -3.62
N HIS A 158 -13.38 43.43 -4.26
CA HIS A 158 -14.73 43.49 -4.80
C HIS A 158 -15.77 43.73 -3.71
N GLU A 159 -15.51 43.26 -2.49
CA GLU A 159 -16.45 43.49 -1.39
C GLU A 159 -16.39 44.92 -0.87
N THR A 160 -15.30 45.64 -1.11
CA THR A 160 -15.29 47.07 -0.86
C THR A 160 -16.09 47.80 -1.93
N ASP A 161 -16.51 47.08 -2.97
CA ASP A 161 -17.47 47.50 -4.01
C ASP A 161 -17.05 48.79 -4.70
N GLU A 162 -17.96 49.76 -4.85
CA GLU A 162 -17.78 50.96 -5.67
C GLU A 162 -17.71 50.55 -7.15
N ASN A 163 -16.61 49.93 -7.55
CA ASN A 163 -16.45 49.53 -8.94
C ASN A 163 -16.93 48.10 -9.22
N ARG A 164 -16.47 47.14 -8.42
CA ARG A 164 -16.76 45.73 -8.65
C ARG A 164 -17.78 45.22 -7.65
N ALA A 165 -18.68 44.36 -8.10
CA ALA A 165 -19.73 43.83 -7.24
C ALA A 165 -20.12 42.44 -7.70
N LYS A 166 -20.58 41.62 -6.75
CA LYS A 166 -21.09 40.29 -7.03
C LYS A 166 -22.56 40.20 -6.68
N VAL A 167 -23.29 39.38 -7.41
CA VAL A 167 -24.67 39.03 -7.06
C VAL A 167 -24.85 37.53 -7.22
N GLU A 168 -25.68 36.96 -6.35
CA GLU A 168 -26.00 35.54 -6.38
C GLU A 168 -27.50 35.38 -6.62
N ILE A 169 -27.85 34.50 -7.56
CA ILE A 169 -29.21 34.34 -8.02
C ILE A 169 -29.63 32.89 -7.80
N THR A 170 -30.90 32.70 -7.44
CA THR A 170 -31.51 31.40 -7.23
C THR A 170 -32.84 31.35 -7.97
N PRO A 171 -33.21 30.19 -8.52
CA PRO A 171 -34.56 30.07 -9.08
C PRO A 171 -35.66 30.41 -8.08
N ASN A 172 -35.39 30.26 -6.79
CA ASN A 172 -36.36 30.65 -5.75
C ASN A 172 -36.20 32.11 -5.33
N SER A 173 -35.22 32.83 -5.88
CA SER A 173 -35.04 34.25 -5.61
C SER A 173 -34.35 34.91 -6.80
N PRO A 174 -35.05 35.01 -7.93
CA PRO A 174 -34.41 35.54 -9.14
C PRO A 174 -34.16 37.04 -9.10
N ARG A 175 -34.88 37.79 -8.27
CA ARG A 175 -34.66 39.22 -8.16
C ARG A 175 -33.38 39.49 -7.37
N ALA A 176 -32.61 40.50 -7.80
CA ALA A 176 -31.46 40.91 -7.02
C ALA A 176 -30.97 42.29 -7.46
N GLU A 177 -30.76 43.18 -6.50
CA GLU A 177 -30.23 44.51 -6.77
C GLU A 177 -28.81 44.61 -6.25
N ALA A 178 -27.96 45.33 -6.98
CA ALA A 178 -26.54 45.43 -6.69
C ALA A 178 -26.17 46.90 -6.57
N THR A 179 -25.64 47.28 -5.40
CA THR A 179 -25.20 48.65 -5.17
C THR A 179 -23.79 48.86 -5.70
N LEU A 180 -23.54 50.06 -6.23
CA LEU A 180 -22.23 50.43 -6.76
C LEU A 180 -21.77 51.75 -6.16
N GLY A 181 -22.06 51.97 -4.88
CA GLY A 181 -21.67 53.18 -4.19
C GLY A 181 -22.08 54.47 -4.85
N GLY A 182 -21.09 55.31 -5.19
CA GLY A 182 -21.37 56.59 -5.82
C GLY A 182 -21.85 56.53 -7.24
N PHE A 183 -22.00 55.33 -7.80
CA PHE A 183 -22.54 55.15 -9.14
C PHE A 183 -24.01 54.77 -9.13
N GLY A 184 -24.59 54.51 -7.97
CA GLY A 184 -25.99 54.15 -7.86
C GLY A 184 -26.18 52.67 -7.62
N SER A 185 -27.08 52.05 -8.39
N SER A 185 -27.08 52.05 -8.39
CA SER A 185 -27.36 50.63 -8.22
CA SER A 185 -27.39 50.64 -8.22
C SER A 185 -28.01 50.11 -9.50
C SER A 185 -27.99 50.11 -9.51
N LEU A 186 -27.99 48.79 -9.64
CA LEU A 186 -28.53 48.11 -10.81
C LEU A 186 -29.42 46.96 -10.36
N GLY A 187 -30.64 46.91 -10.86
CA GLY A 187 -31.54 45.81 -10.59
C GLY A 187 -31.41 44.70 -11.62
N LEU A 188 -31.67 43.47 -11.19
CA LEU A 188 -31.54 42.31 -12.06
C LEU A 188 -32.74 41.41 -11.84
N ASP A 189 -33.57 41.28 -12.88
CA ASP A 189 -34.67 40.33 -12.93
C ASP A 189 -34.25 39.26 -13.93
N CYS A 190 -33.85 38.09 -13.43
CA CYS A 190 -33.22 37.07 -14.25
C CYS A 190 -34.12 35.84 -14.32
N GLU A 191 -34.58 35.52 -15.53
CA GLU A 191 -35.43 34.35 -15.73
C GLU A 191 -34.53 33.15 -15.96
N PRO A 192 -34.45 32.20 -15.02
CA PRO A 192 -33.45 31.12 -15.15
C PRO A 192 -33.95 29.95 -15.96
N ARG A 193 -35.27 29.74 -16.00
CA ARG A 193 -35.84 28.57 -16.66
C ARG A 193 -35.38 28.48 -18.12
N THR A 194 -35.22 29.63 -18.78
CA THR A 194 -34.73 29.65 -20.16
C THR A 194 -33.28 29.22 -20.26
N GLY A 195 -32.54 29.24 -19.14
CA GLY A 195 -31.14 28.86 -19.11
C GLY A 195 -30.90 27.50 -19.71
N LEU A 196 -31.33 26.47 -19.01
CA LEU A 196 -31.25 25.11 -19.51
C LEU A 196 -32.21 24.27 -18.69
N ASP A 197 -33.04 23.49 -19.36
CA ASP A 197 -34.00 22.65 -18.65
C ASP A 197 -33.24 21.51 -17.97
N PHE A 198 -33.43 21.36 -16.66
CA PHE A 198 -32.72 20.37 -15.86
C PHE A 198 -33.63 19.27 -15.37
N SER A 199 -34.75 19.06 -16.06
CA SER A 199 -35.74 18.07 -15.66
C SER A 199 -35.51 16.67 -16.24
N ASP A 200 -34.58 16.53 -17.20
CA ASP A 200 -34.21 15.25 -17.80
C ASP A 200 -32.71 15.02 -17.77
N LEU A 201 -32.06 15.41 -16.68
CA LEU A 201 -30.61 15.35 -16.57
C LEU A 201 -30.22 14.92 -15.17
N TYR A 202 -29.17 14.12 -15.09
CA TYR A 202 -28.56 13.68 -13.86
C TYR A 202 -27.14 14.18 -13.82
N TYR A 203 -26.66 14.43 -12.60
CA TYR A 203 -25.27 14.79 -12.37
C TYR A 203 -24.51 13.51 -12.10
N LEU A 204 -23.65 13.12 -13.04
CA LEU A 204 -22.89 11.88 -12.95
C LEU A 204 -21.49 12.18 -12.44
N THR A 205 -21.03 11.39 -11.48
CA THR A 205 -19.67 11.51 -10.97
C THR A 205 -18.99 10.15 -11.03
N MET A 206 -17.73 10.16 -11.44
CA MET A 206 -16.99 8.92 -11.66
C MET A 206 -15.49 9.24 -11.60
N ASN A 207 -14.82 8.75 -10.56
CA ASN A 207 -13.37 8.87 -10.41
C ASN A 207 -12.92 10.33 -10.42
N ASN A 208 -13.59 11.15 -9.60
CA ASN A 208 -13.28 12.58 -9.48
C ASN A 208 -13.40 13.31 -10.81
N LYS A 209 -14.27 12.82 -11.68
CA LYS A 209 -14.61 13.49 -12.93
C LYS A 209 -16.12 13.47 -13.08
N HIS A 210 -16.69 14.57 -13.60
CA HIS A 210 -18.12 14.78 -13.53
C HIS A 210 -18.69 15.17 -14.88
N TRP A 211 -19.96 14.82 -15.06
CA TRP A 211 -20.68 15.09 -16.30
C TRP A 211 -22.13 15.38 -15.97
N LEU A 212 -22.86 15.88 -16.96
CA LEU A 212 -24.31 15.94 -16.92
C LEU A 212 -24.83 15.04 -18.02
N VAL A 213 -25.69 14.10 -17.67
CA VAL A 213 -26.10 13.04 -18.59
C VAL A 213 -27.61 12.99 -18.66
N HIS A 214 -28.12 12.41 -19.75
CA HIS A 214 -29.55 12.27 -19.94
C HIS A 214 -30.07 11.10 -19.11
N LYS A 215 -31.28 11.26 -18.56
CA LYS A 215 -31.82 10.29 -17.61
C LYS A 215 -31.97 8.91 -18.25
N GLU A 216 -32.59 8.85 -19.43
CA GLU A 216 -32.87 7.55 -20.05
C GLU A 216 -31.58 6.77 -20.30
N TRP A 217 -30.51 7.47 -20.70
CA TRP A 217 -29.23 6.80 -20.88
C TRP A 217 -28.69 6.29 -19.55
N PHE A 218 -28.90 7.04 -18.47
CA PHE A 218 -28.44 6.61 -17.16
C PHE A 218 -29.15 5.36 -16.68
N HIS A 219 -30.47 5.29 -16.90
CA HIS A 219 -31.24 4.13 -16.46
C HIS A 219 -30.84 2.87 -17.23
N ASP A 220 -30.34 3.02 -18.46
CA ASP A 220 -30.10 1.91 -19.35
C ASP A 220 -28.73 1.27 -19.16
N ILE A 221 -27.91 1.78 -18.25
CA ILE A 221 -26.53 1.28 -18.12
C ILE A 221 -26.54 -0.17 -17.68
N PRO A 222 -25.83 -1.07 -18.37
CA PRO A 222 -25.84 -2.51 -18.02
C PRO A 222 -24.73 -2.88 -17.04
N LEU A 223 -24.90 -2.47 -15.79
CA LEU A 223 -23.93 -2.71 -14.74
C LEU A 223 -24.66 -3.02 -13.44
N PRO A 224 -23.98 -3.66 -12.48
CA PRO A 224 -24.59 -3.82 -11.16
C PRO A 224 -24.85 -2.45 -10.54
N TRP A 225 -25.89 -2.39 -9.71
CA TRP A 225 -26.38 -1.07 -9.30
C TRP A 225 -27.09 -1.18 -7.96
N HIS A 226 -27.17 -0.03 -7.29
CA HIS A 226 -28.01 0.10 -6.11
C HIS A 226 -28.56 1.52 -6.02
N ALA A 227 -29.79 1.63 -5.54
CA ALA A 227 -30.48 2.91 -5.39
C ALA A 227 -30.28 3.41 -3.97
N GLY A 228 -29.78 4.63 -3.82
CA GLY A 228 -29.62 5.14 -2.46
C GLY A 228 -28.19 5.53 -2.19
N ALA A 229 -27.83 5.65 -0.91
CA ALA A 229 -26.52 6.13 -0.52
C ALA A 229 -26.04 5.29 0.67
N ASP A 230 -25.14 4.35 0.35
CA ASP A 230 -24.29 3.54 1.22
C ASP A 230 -25.02 2.52 2.10
N THR A 231 -25.82 3.01 3.04
CA THR A 231 -26.34 2.19 4.14
C THR A 231 -25.21 1.32 4.71
N GLY A 232 -24.09 1.99 5.01
CA GLY A 232 -22.90 1.29 5.43
C GLY A 232 -22.25 0.56 4.27
N THR A 233 -22.67 -0.68 4.05
CA THR A 233 -22.25 -1.51 2.92
C THR A 233 -23.40 -1.68 1.94
N PRO A 234 -23.13 -1.63 0.64
CA PRO A 234 -24.21 -1.66 -0.35
C PRO A 234 -24.65 -3.09 -0.66
N HIS A 235 -25.82 -3.18 -1.27
CA HIS A 235 -26.33 -4.43 -1.81
C HIS A 235 -26.46 -4.22 -3.30
N TRP A 236 -25.62 -4.91 -4.08
CA TRP A 236 -25.55 -4.69 -5.52
C TRP A 236 -26.53 -5.63 -6.22
N ASN A 237 -27.44 -5.04 -7.00
CA ASN A 237 -28.35 -5.82 -7.83
C ASN A 237 -27.70 -6.04 -9.19
N ASN A 238 -28.00 -7.19 -9.78
CA ASN A 238 -27.49 -7.57 -11.10
C ASN A 238 -25.96 -7.72 -11.07
N LYS A 239 -25.47 -8.50 -10.10
CA LYS A 239 -24.04 -8.77 -10.05
C LYS A 239 -23.56 -9.59 -11.24
N GLU A 240 -24.47 -10.32 -11.90
CA GLU A 240 -24.10 -11.13 -13.06
C GLU A 240 -23.67 -10.29 -14.26
N ALA A 241 -23.86 -8.97 -14.21
CA ALA A 241 -23.42 -8.12 -15.31
C ALA A 241 -21.90 -8.16 -15.46
N LEU A 242 -21.18 -8.14 -14.35
CA LEU A 242 -19.72 -8.13 -14.37
C LEU A 242 -19.10 -9.50 -14.07
N VAL A 243 -19.89 -10.45 -13.59
CA VAL A 243 -19.40 -11.77 -13.19
C VAL A 243 -19.93 -12.81 -14.16
N GLU A 244 -19.14 -13.87 -14.38
CA GLU A 244 -19.62 -15.00 -15.16
C GLU A 244 -18.91 -16.27 -14.69
N PHE A 245 -19.47 -17.40 -15.11
CA PHE A 245 -19.11 -18.72 -14.59
C PHE A 245 -18.68 -19.62 -15.75
N LYS A 246 -17.45 -20.11 -15.69
CA LYS A 246 -16.89 -21.01 -16.69
C LYS A 246 -16.66 -22.39 -16.08
N ASP A 247 -16.14 -23.30 -16.90
CA ASP A 247 -15.74 -24.65 -16.50
C ASP A 247 -16.95 -25.54 -16.22
N ALA A 248 -16.71 -26.83 -16.08
CA ALA A 248 -17.71 -27.80 -15.62
C ALA A 248 -16.98 -28.96 -14.96
N HIS A 249 -16.22 -28.66 -13.91
CA HIS A 249 -15.52 -29.69 -13.16
C HIS A 249 -16.49 -30.50 -12.31
N ALA A 250 -16.01 -31.65 -11.84
CA ALA A 250 -16.84 -32.52 -11.01
C ALA A 250 -17.31 -31.80 -9.74
N LYS A 251 -16.45 -30.97 -9.16
CA LYS A 251 -16.75 -30.38 -7.86
C LYS A 251 -16.76 -28.85 -7.85
N ARG A 252 -16.56 -28.19 -8.99
CA ARG A 252 -16.56 -26.73 -8.98
C ARG A 252 -16.72 -26.19 -10.39
N GLN A 253 -17.10 -24.93 -10.48
CA GLN A 253 -16.93 -24.12 -11.67
C GLN A 253 -15.76 -23.17 -11.45
N THR A 254 -15.62 -22.15 -12.30
CA THR A 254 -14.69 -21.07 -12.06
C THR A 254 -15.41 -19.74 -12.24
N VAL A 255 -15.26 -18.86 -11.27
CA VAL A 255 -15.83 -17.52 -11.32
C VAL A 255 -14.82 -16.59 -11.97
N VAL A 256 -15.30 -15.60 -12.72
CA VAL A 256 -14.42 -14.63 -13.35
C VAL A 256 -15.15 -13.31 -13.52
N VAL A 257 -14.46 -12.21 -13.23
CA VAL A 257 -15.00 -10.87 -13.38
C VAL A 257 -14.54 -10.29 -14.70
N LEU A 258 -15.34 -9.36 -15.22
CA LEU A 258 -14.94 -8.63 -16.42
C LEU A 258 -14.07 -7.44 -16.06
N GLY A 259 -13.30 -6.98 -17.03
CA GLY A 259 -12.41 -5.86 -16.82
C GLY A 259 -13.16 -4.59 -16.45
N SER A 260 -12.40 -3.62 -15.95
CA SER A 260 -12.97 -2.32 -15.62
C SER A 260 -13.64 -1.70 -16.82
N GLN A 261 -14.94 -1.39 -16.70
CA GLN A 261 -15.71 -0.80 -17.78
C GLN A 261 -15.54 0.72 -17.84
N GLU A 262 -14.56 1.26 -17.14
CA GLU A 262 -14.34 2.71 -17.13
C GLU A 262 -14.09 3.24 -18.53
N GLY A 263 -13.29 2.52 -19.33
CA GLY A 263 -13.01 2.98 -20.68
C GLY A 263 -14.23 2.98 -21.57
N ALA A 264 -15.06 1.94 -21.48
CA ALA A 264 -16.27 1.87 -22.28
C ALA A 264 -17.22 3.03 -21.96
N VAL A 265 -17.35 3.34 -20.67
CA VAL A 265 -18.20 4.47 -20.27
C VAL A 265 -17.61 5.79 -20.76
N HIS A 266 -16.33 6.01 -20.47
CA HIS A 266 -15.62 7.18 -20.99
C HIS A 266 -15.89 7.37 -22.49
N THR A 267 -15.80 6.29 -23.26
CA THR A 267 -16.08 6.32 -24.68
C THR A 267 -17.52 6.76 -24.91
N ALA A 268 -18.48 5.94 -24.46
CA ALA A 268 -19.89 6.26 -24.63
C ALA A 268 -20.34 7.28 -23.59
N LEU A 269 -19.54 8.33 -23.39
CA LEU A 269 -19.89 9.44 -22.50
C LEU A 269 -19.51 10.82 -23.03
N ALA A 270 -18.47 10.93 -23.86
CA ALA A 270 -17.99 12.23 -24.32
C ALA A 270 -19.08 13.10 -24.93
N GLY A 271 -20.15 12.50 -25.45
CA GLY A 271 -21.25 13.26 -26.02
C GLY A 271 -22.19 13.88 -25.01
N ALA A 272 -21.65 14.44 -23.93
CA ALA A 272 -22.43 15.11 -22.91
C ALA A 272 -21.61 16.26 -22.35
N LEU A 273 -22.17 16.97 -21.39
CA LEU A 273 -21.51 18.14 -20.84
C LEU A 273 -20.53 17.71 -19.75
N GLU A 274 -19.71 18.66 -19.30
CA GLU A 274 -18.70 18.38 -18.30
C GLU A 274 -18.85 19.36 -17.14
N ALA A 275 -18.26 19.00 -16.00
CA ALA A 275 -18.36 19.81 -14.80
C ALA A 275 -17.19 19.48 -13.89
N GLU A 276 -17.00 20.34 -12.90
CA GLU A 276 -16.01 20.16 -11.84
C GLU A 276 -16.75 20.14 -10.51
N MET A 277 -15.99 20.01 -9.41
CA MET A 277 -16.67 19.88 -8.12
C MET A 277 -15.74 20.46 -7.04
N ASP A 278 -15.78 21.78 -6.89
CA ASP A 278 -15.03 22.49 -5.87
C ASP A 278 -16.00 23.38 -5.09
N GLY A 279 -16.43 22.91 -3.91
CA GLY A 279 -16.01 21.65 -3.35
C GLY A 279 -17.16 21.04 -2.56
N ALA A 280 -17.42 19.75 -2.78
CA ALA A 280 -18.62 19.06 -2.30
C ALA A 280 -19.89 19.69 -2.86
N LYS A 281 -19.75 20.46 -3.94
CA LYS A 281 -20.84 21.13 -4.62
C LYS A 281 -20.47 21.22 -6.09
N GLY A 282 -21.38 20.81 -6.97
CA GLY A 282 -21.06 20.77 -8.38
C GLY A 282 -20.91 22.17 -8.97
N ARG A 283 -20.00 22.29 -9.93
CA ARG A 283 -19.70 23.56 -10.58
C ARG A 283 -19.81 23.35 -12.09
N LEU A 284 -20.84 23.90 -12.71
CA LEU A 284 -21.09 23.70 -14.13
C LEU A 284 -20.44 24.79 -14.96
N SER A 285 -20.06 24.42 -16.19
CA SER A 285 -19.61 25.38 -17.19
C SER A 285 -20.59 25.55 -18.34
N SER A 286 -21.40 24.54 -18.63
CA SER A 286 -22.40 24.62 -19.69
C SER A 286 -23.67 25.25 -19.12
N GLY A 287 -23.77 26.57 -19.25
CA GLY A 287 -24.91 27.29 -18.72
C GLY A 287 -25.48 28.31 -19.68
N HIS A 288 -26.41 29.13 -19.20
CA HIS A 288 -27.14 30.08 -20.02
C HIS A 288 -28.11 30.87 -19.14
N LEU A 289 -28.38 32.12 -19.46
CA LEU A 289 -29.24 32.94 -18.62
C LEU A 289 -29.73 34.14 -19.41
N LYS A 290 -30.99 34.51 -19.19
CA LYS A 290 -31.58 35.73 -19.75
C LYS A 290 -32.00 36.62 -18.60
N CYS A 291 -31.39 37.81 -18.52
CA CYS A 291 -31.62 38.74 -17.44
C CYS A 291 -32.20 40.04 -17.98
N ARG A 292 -32.69 40.86 -17.07
CA ARG A 292 -33.30 42.14 -17.40
C ARG A 292 -32.77 43.15 -16.39
N LEU A 293 -32.05 44.15 -16.89
CA LEU A 293 -31.38 45.12 -16.05
C LEU A 293 -32.26 46.34 -15.85
N LYS A 294 -32.27 46.84 -14.61
CA LYS A 294 -33.00 48.04 -14.21
C LYS A 294 -31.96 49.10 -13.87
N MET A 295 -31.91 50.15 -14.68
CA MET A 295 -30.83 51.13 -14.67
C MET A 295 -31.27 52.52 -14.21
N ASP A 296 -32.51 52.65 -13.74
CA ASP A 296 -33.01 53.96 -13.31
C ASP A 296 -32.12 54.56 -12.22
N LYS A 297 -31.69 53.73 -11.27
CA LYS A 297 -30.88 54.21 -10.15
C LYS A 297 -29.39 54.17 -10.45
N LEU A 298 -29.01 53.95 -11.70
CA LEU A 298 -27.60 54.04 -12.10
C LEU A 298 -27.32 55.44 -12.61
N ARG A 299 -26.10 55.91 -12.34
CA ARG A 299 -25.77 57.29 -12.66
C ARG A 299 -24.26 57.46 -12.63
N LEU A 300 -23.77 58.45 -13.37
CA LEU A 300 -22.38 58.85 -13.23
C LEU A 300 -22.13 59.39 -11.83
N LYS A 301 -20.85 59.52 -11.48
CA LYS A 301 -20.49 60.27 -10.29
C LYS A 301 -20.89 61.73 -10.55
N GLY A 302 -22.00 62.15 -9.96
CA GLY A 302 -22.75 63.31 -10.43
C GLY A 302 -22.16 64.69 -10.24
N VAL A 303 -21.05 64.98 -10.89
CA VAL A 303 -20.50 66.33 -10.95
C VAL A 303 -19.89 66.52 -12.34
N SER A 304 -20.05 67.71 -12.91
CA SER A 304 -19.32 68.09 -14.12
C SER A 304 -17.95 68.60 -13.68
N TYR A 305 -17.02 67.68 -13.49
CA TYR A 305 -15.71 68.03 -12.95
C TYR A 305 -14.94 68.94 -13.90
N SER A 306 -14.18 69.87 -13.32
CA SER A 306 -13.28 70.69 -14.12
C SER A 306 -12.25 69.80 -14.79
N LEU A 307 -12.08 70.00 -16.11
CA LEU A 307 -11.27 69.11 -16.92
C LEU A 307 -9.84 69.01 -16.40
N CYS A 308 -9.24 67.84 -16.59
CA CYS A 308 -7.85 67.61 -16.24
C CYS A 308 -6.96 68.49 -17.11
N THR A 309 -6.36 69.52 -16.50
CA THR A 309 -5.61 70.51 -17.25
C THR A 309 -4.13 70.18 -17.41
N ALA A 310 -3.61 69.24 -16.62
CA ALA A 310 -2.19 68.89 -16.71
C ALA A 310 -1.99 67.88 -17.84
N ALA A 311 -0.79 67.34 -17.94
CA ALA A 311 -0.39 66.49 -19.06
C ALA A 311 -0.53 65.01 -18.71
N PHE A 312 -0.92 64.22 -19.71
CA PHE A 312 -0.93 62.77 -19.62
C PHE A 312 0.24 62.21 -20.42
N THR A 313 0.58 60.95 -20.12
CA THR A 313 1.56 60.21 -20.93
C THR A 313 1.09 58.76 -21.06
N PHE A 314 1.41 58.16 -22.20
CA PHE A 314 1.06 56.76 -22.42
C PHE A 314 2.12 55.86 -21.79
N THR A 315 1.71 55.03 -20.84
CA THR A 315 2.60 53.99 -20.31
C THR A 315 2.61 52.78 -21.23
N LYS A 316 1.44 52.21 -21.49
CA LYS A 316 1.29 51.17 -22.50
C LYS A 316 0.84 51.80 -23.82
N ILE A 317 1.44 51.37 -24.91
CA ILE A 317 0.99 51.83 -26.22
C ILE A 317 -0.39 51.25 -26.50
N PRO A 318 -1.30 51.99 -27.13
CA PRO A 318 -2.66 51.47 -27.35
C PRO A 318 -2.64 50.14 -28.10
N ALA A 319 -3.67 49.34 -27.87
CA ALA A 319 -3.74 47.99 -28.42
C ALA A 319 -5.14 47.71 -28.96
N GLU A 320 -5.18 47.01 -30.08
CA GLU A 320 -6.44 46.64 -30.71
C GLU A 320 -6.97 45.37 -30.06
N THR A 321 -8.23 45.42 -29.60
CA THR A 321 -8.87 44.25 -29.03
C THR A 321 -9.40 43.35 -30.15
N LEU A 322 -10.00 42.22 -29.76
CA LEU A 322 -10.55 41.29 -30.73
C LEU A 322 -11.80 41.81 -31.42
N HIS A 323 -12.35 42.95 -30.97
CA HIS A 323 -13.55 43.52 -31.57
C HIS A 323 -13.31 44.88 -32.22
N GLY A 324 -12.08 45.38 -32.21
CA GLY A 324 -11.75 46.64 -32.84
C GLY A 324 -11.63 47.82 -31.91
N THR A 325 -12.09 47.69 -30.66
CA THR A 325 -11.96 48.78 -29.71
C THR A 325 -10.51 48.99 -29.32
N VAL A 326 -10.22 50.17 -28.78
CA VAL A 326 -8.87 50.57 -28.40
C VAL A 326 -8.80 50.74 -26.90
N THR A 327 -7.82 50.08 -26.27
CA THR A 327 -7.50 50.29 -24.88
C THR A 327 -6.34 51.29 -24.79
N VAL A 328 -6.40 52.16 -23.80
CA VAL A 328 -5.38 53.19 -23.63
C VAL A 328 -5.11 53.39 -22.15
N GLU A 329 -3.87 53.18 -21.74
CA GLU A 329 -3.43 53.42 -20.37
C GLU A 329 -2.66 54.73 -20.30
N VAL A 330 -3.01 55.57 -19.33
CA VAL A 330 -2.42 56.90 -19.20
C VAL A 330 -1.96 57.12 -17.78
N GLN A 331 -0.84 57.81 -17.63
CA GLN A 331 -0.31 58.28 -16.36
C GLN A 331 -0.43 59.81 -16.33
N TYR A 332 -0.95 60.32 -15.22
CA TYR A 332 -1.26 61.74 -15.07
C TYR A 332 -0.43 62.32 -13.93
N ALA A 333 0.29 63.40 -14.23
CA ALA A 333 1.23 64.00 -13.29
C ALA A 333 0.66 65.23 -12.59
N GLY A 334 -0.61 65.56 -12.80
CA GLY A 334 -1.22 66.72 -12.18
C GLY A 334 -1.96 66.39 -10.91
N THR A 335 -2.30 67.45 -10.16
CA THR A 335 -2.99 67.35 -8.88
C THR A 335 -4.20 68.29 -8.84
N ASP A 336 -5.07 68.17 -9.84
CA ASP A 336 -6.30 68.96 -9.91
C ASP A 336 -7.50 68.04 -10.07
N GLY A 337 -7.47 66.90 -9.39
CA GLY A 337 -8.55 65.93 -9.45
C GLY A 337 -9.43 65.99 -8.23
N PRO A 338 -10.54 65.20 -8.23
CA PRO A 338 -10.97 64.33 -9.33
C PRO A 338 -11.51 65.09 -10.54
N CYS A 339 -10.79 65.01 -11.65
CA CYS A 339 -11.06 65.81 -12.83
C CYS A 339 -11.57 64.95 -13.97
N LYS A 340 -12.28 65.61 -14.90
CA LYS A 340 -12.79 64.96 -16.10
C LYS A 340 -11.68 64.83 -17.12
N VAL A 341 -11.48 63.62 -17.64
CA VAL A 341 -10.40 63.36 -18.59
C VAL A 341 -10.85 63.76 -19.99
N PRO A 342 -10.15 64.69 -20.65
CA PRO A 342 -10.49 65.06 -22.03
C PRO A 342 -9.84 64.10 -23.01
N ALA A 343 -10.66 63.34 -23.73
CA ALA A 343 -10.16 62.33 -24.66
C ALA A 343 -11.18 62.14 -25.77
N GLN A 344 -10.67 62.07 -27.01
CA GLN A 344 -11.53 61.83 -28.16
C GLN A 344 -10.69 61.26 -29.29
N MET A 345 -11.33 61.02 -30.42
CA MET A 345 -10.66 60.65 -31.66
C MET A 345 -11.01 61.65 -32.73
N ALA A 346 -9.98 62.18 -33.40
CA ALA A 346 -10.14 63.19 -34.43
C ALA A 346 -9.61 62.64 -35.75
N VAL A 347 -10.42 62.75 -36.81
CA VAL A 347 -9.93 62.47 -38.15
C VAL A 347 -9.22 63.66 -38.74
N ASP A 348 -9.35 64.84 -38.14
CA ASP A 348 -8.71 66.05 -38.60
C ASP A 348 -8.26 66.87 -37.39
N MET A 349 -6.98 67.21 -37.36
CA MET A 349 -6.41 67.91 -36.21
C MET A 349 -6.81 69.37 -36.12
N GLN A 350 -7.36 69.95 -37.19
CA GLN A 350 -7.75 71.36 -37.16
C GLN A 350 -9.03 71.55 -36.36
N THR A 351 -10.11 70.89 -36.78
CA THR A 351 -11.41 71.04 -36.14
C THR A 351 -11.62 70.12 -34.94
N LEU A 352 -10.85 69.04 -34.84
CA LEU A 352 -11.02 68.05 -33.78
C LEU A 352 -12.44 67.52 -33.75
N THR A 353 -13.01 67.26 -34.93
CA THR A 353 -14.35 66.70 -35.06
C THR A 353 -14.43 65.35 -34.37
N PRO A 354 -15.21 65.23 -33.31
CA PRO A 354 -15.27 63.95 -32.57
C PRO A 354 -15.90 62.84 -33.39
N VAL A 355 -15.05 62.00 -34.00
CA VAL A 355 -15.50 60.82 -34.72
C VAL A 355 -15.36 59.62 -33.81
N GLY A 356 -16.28 58.67 -33.96
CA GLY A 356 -16.29 57.49 -33.11
C GLY A 356 -16.76 57.78 -31.70
N ARG A 357 -17.32 56.77 -31.03
CA ARG A 357 -17.83 56.92 -29.68
C ARG A 357 -16.83 56.38 -28.65
N LEU A 358 -17.06 56.75 -27.40
CA LEU A 358 -16.31 56.20 -26.28
C LEU A 358 -17.06 55.03 -25.68
N ILE A 359 -16.32 53.96 -25.35
CA ILE A 359 -16.90 52.85 -24.63
C ILE A 359 -16.88 53.13 -23.12
N THR A 360 -15.76 53.66 -22.63
CA THR A 360 -15.66 54.08 -21.23
C THR A 360 -16.47 55.35 -21.02
N ALA A 361 -17.63 55.21 -20.39
CA ALA A 361 -18.47 56.38 -20.12
C ALA A 361 -17.78 57.31 -19.13
N ASN A 362 -17.75 58.61 -19.50
CA ASN A 362 -17.21 59.75 -18.77
C ASN A 362 -15.94 59.37 -18.04
N PRO A 363 -14.78 59.47 -18.68
CA PRO A 363 -13.52 59.18 -17.97
C PRO A 363 -13.23 60.21 -16.90
N VAL A 364 -12.99 59.73 -15.68
CA VAL A 364 -12.71 60.59 -14.55
C VAL A 364 -11.54 59.99 -13.77
N ILE A 365 -10.54 60.82 -13.48
CA ILE A 365 -9.43 60.38 -12.63
C ILE A 365 -9.93 60.36 -11.18
N THR A 366 -9.98 59.17 -10.59
CA THR A 366 -10.52 59.02 -9.25
C THR A 366 -9.69 59.76 -8.20
N GLU A 367 -8.37 59.78 -8.39
CA GLU A 367 -7.46 60.27 -7.36
C GLU A 367 -7.20 61.77 -7.49
N SER A 368 -6.74 62.37 -6.40
CA SER A 368 -6.34 63.76 -6.37
C SER A 368 -4.83 63.95 -6.46
N THR A 369 -4.04 62.93 -6.09
CA THR A 369 -2.59 63.03 -6.16
C THR A 369 -2.12 63.01 -7.60
N GLU A 370 -0.80 63.01 -7.78
CA GLU A 370 -0.18 63.01 -9.10
C GLU A 370 0.30 61.62 -9.47
N ASN A 371 0.63 61.46 -10.76
CA ASN A 371 1.10 60.18 -11.30
C ASN A 371 0.07 59.07 -11.06
N SER A 372 -1.17 59.35 -11.41
CA SER A 372 -2.25 58.37 -11.31
C SER A 372 -2.39 57.63 -12.63
N LYS A 373 -2.94 56.42 -12.56
CA LYS A 373 -3.06 55.54 -13.71
C LYS A 373 -4.53 55.37 -14.06
N MET A 374 -4.84 55.38 -15.36
CA MET A 374 -6.22 55.19 -15.77
C MET A 374 -6.30 54.54 -17.15
N MET A 375 -7.26 53.65 -17.32
CA MET A 375 -7.51 52.97 -18.58
C MET A 375 -8.82 53.47 -19.21
N LEU A 376 -8.78 53.72 -20.52
CA LEU A 376 -9.97 54.07 -21.28
C LEU A 376 -10.12 53.11 -22.45
N GLU A 377 -11.37 53.01 -22.94
CA GLU A 377 -11.69 52.20 -24.10
C GLU A 377 -12.48 53.04 -25.09
N LEU A 378 -12.08 52.97 -26.36
CA LEU A 378 -12.69 53.74 -27.42
C LEU A 378 -13.18 52.82 -28.53
N ASP A 379 -14.17 53.31 -29.28
CA ASP A 379 -14.72 52.60 -30.44
C ASP A 379 -14.35 53.41 -31.68
N PRO A 380 -13.24 53.11 -32.34
CA PRO A 380 -12.75 53.95 -33.43
C PRO A 380 -13.58 53.76 -34.68
N PRO A 381 -13.69 54.80 -35.50
CA PRO A 381 -14.26 54.63 -36.84
C PRO A 381 -13.24 54.04 -37.79
N PHE A 382 -13.74 53.45 -38.87
CA PHE A 382 -12.89 52.80 -39.85
C PHE A 382 -11.88 53.79 -40.44
N GLY A 383 -10.81 53.24 -41.01
CA GLY A 383 -9.79 54.07 -41.62
C GLY A 383 -8.83 54.65 -40.60
N ASP A 384 -8.25 55.79 -40.95
CA ASP A 384 -7.31 56.48 -40.07
C ASP A 384 -8.06 57.37 -39.08
N SER A 385 -7.38 57.64 -37.96
CA SER A 385 -7.89 58.52 -36.92
C SER A 385 -6.74 58.83 -35.98
N TYR A 386 -6.97 59.77 -35.07
CA TYR A 386 -5.96 60.16 -34.09
C TYR A 386 -6.58 60.18 -32.71
N ILE A 387 -5.94 59.47 -31.77
CA ILE A 387 -6.38 59.41 -30.38
C ILE A 387 -5.79 60.63 -29.69
N VAL A 388 -6.63 61.60 -29.36
CA VAL A 388 -6.21 62.85 -28.73
C VAL A 388 -6.61 62.80 -27.27
N ILE A 389 -5.65 63.03 -26.38
CA ILE A 389 -5.91 63.08 -24.93
C ILE A 389 -5.20 64.29 -24.35
N GLY A 390 -5.94 65.11 -23.63
CA GLY A 390 -5.40 66.31 -22.99
C GLY A 390 -6.00 67.56 -23.59
N VAL A 391 -5.38 68.69 -23.24
CA VAL A 391 -5.80 70.00 -23.71
C VAL A 391 -4.57 70.87 -23.92
N GLY A 392 -4.68 71.81 -24.86
CA GLY A 392 -3.59 72.70 -25.17
C GLY A 392 -2.44 71.99 -25.85
N GLU A 393 -1.22 72.48 -25.58
CA GLU A 393 -0.03 71.85 -26.15
C GLU A 393 0.33 70.56 -25.42
N LYS A 394 0.09 70.49 -24.11
CA LYS A 394 0.41 69.30 -23.32
C LYS A 394 -0.59 68.18 -23.48
N LYS A 395 -1.10 67.97 -24.70
CA LYS A 395 -1.94 66.83 -25.03
C LYS A 395 -1.16 65.90 -25.94
N ILE A 396 -1.33 64.60 -25.75
CA ILE A 396 -0.65 63.60 -26.57
C ILE A 396 -1.66 62.96 -27.52
N THR A 397 -1.20 62.71 -28.74
CA THR A 397 -2.02 62.15 -29.81
C THR A 397 -1.29 60.95 -30.41
N HIS A 398 -2.04 59.87 -30.64
CA HIS A 398 -1.50 58.63 -31.19
C HIS A 398 -2.25 58.27 -32.46
N HIS A 399 -1.51 58.04 -33.54
CA HIS A 399 -2.13 57.68 -34.81
C HIS A 399 -2.69 56.26 -34.76
N TRP A 400 -3.90 56.08 -35.27
CA TRP A 400 -4.55 54.79 -35.27
C TRP A 400 -5.16 54.52 -36.65
N HIS A 401 -5.18 53.25 -37.02
CA HIS A 401 -5.81 52.80 -38.26
C HIS A 401 -6.61 51.54 -37.97
N ARG A 402 -7.93 51.64 -38.10
CA ARG A 402 -8.81 50.49 -37.95
C ARG A 402 -9.20 50.05 -39.37
N SER A 403 -8.51 49.04 -39.88
CA SER A 403 -8.86 48.50 -41.19
C SER A 403 -10.25 47.88 -41.20
N GLY A 404 -10.66 47.27 -40.08
CA GLY A 404 -11.91 46.54 -40.07
C GLY A 404 -11.87 45.26 -40.87
N SER A 405 -10.70 44.65 -40.99
CA SER A 405 -10.56 43.39 -41.74
C SER A 405 -9.69 42.40 -40.97
N ILE B 1 -9.36 -47.25 -14.94
CA ILE B 1 -8.87 -46.84 -16.25
C ILE B 1 -9.62 -45.60 -16.72
N ARG B 2 -8.95 -44.76 -17.52
CA ARG B 2 -9.54 -43.53 -18.02
C ARG B 2 -10.79 -43.79 -18.86
N CYS B 3 -11.41 -42.70 -19.34
CA CYS B 3 -12.41 -42.73 -20.40
C CYS B 3 -13.80 -43.16 -19.97
N ILE B 4 -13.92 -44.14 -19.07
CA ILE B 4 -15.23 -44.66 -18.72
C ILE B 4 -16.13 -43.55 -18.18
N GLY B 5 -15.54 -42.51 -17.59
CA GLY B 5 -16.28 -41.32 -17.23
C GLY B 5 -16.49 -40.37 -18.39
N VAL B 6 -15.48 -40.29 -19.28
CA VAL B 6 -15.48 -39.32 -20.36
C VAL B 6 -16.76 -39.42 -21.19
N SER B 7 -17.30 -38.26 -21.56
CA SER B 7 -18.50 -38.20 -22.39
C SER B 7 -18.17 -38.36 -23.86
N ASN B 8 -17.16 -37.63 -24.35
CA ASN B 8 -16.75 -37.69 -25.75
C ASN B 8 -15.78 -38.86 -25.93
N ARG B 9 -16.35 -40.06 -25.83
CA ARG B 9 -15.58 -41.29 -25.90
C ARG B 9 -15.85 -42.00 -27.24
N ASP B 10 -14.78 -42.38 -27.92
CA ASP B 10 -14.86 -43.04 -29.22
C ASP B 10 -14.44 -44.50 -29.07
N PHE B 11 -15.32 -45.41 -29.45
CA PHE B 11 -15.01 -46.84 -29.46
C PHE B 11 -14.43 -47.22 -30.82
N VAL B 12 -13.32 -47.96 -30.81
CA VAL B 12 -12.63 -48.38 -32.02
C VAL B 12 -12.13 -49.80 -31.83
N GLU B 13 -12.41 -50.66 -32.81
CA GLU B 13 -11.91 -52.03 -32.83
C GLU B 13 -11.07 -52.25 -34.06
N GLY B 14 -9.93 -52.93 -33.90
CA GLY B 14 -9.06 -53.21 -35.02
C GLY B 14 -9.53 -54.42 -35.82
N MET B 15 -8.59 -55.30 -36.18
CA MET B 15 -8.97 -56.50 -36.92
C MET B 15 -8.62 -57.74 -36.11
N SER B 16 -7.88 -58.68 -36.72
CA SER B 16 -7.36 -59.85 -36.05
C SER B 16 -5.85 -59.78 -35.86
N GLY B 17 -5.11 -59.48 -36.93
CA GLY B 17 -3.70 -59.19 -36.82
C GLY B 17 -3.52 -57.73 -36.46
N GLY B 18 -4.05 -56.86 -37.31
CA GLY B 18 -4.14 -55.44 -37.05
C GLY B 18 -2.82 -54.71 -37.16
N THR B 19 -1.92 -54.92 -36.20
CA THR B 19 -0.60 -54.28 -36.18
C THR B 19 -0.70 -52.76 -36.10
N TRP B 20 -1.49 -52.14 -36.98
CA TRP B 20 -1.64 -50.69 -37.07
C TRP B 20 -3.11 -50.30 -36.96
N VAL B 21 -3.38 -49.20 -36.26
CA VAL B 21 -4.74 -48.67 -36.15
C VAL B 21 -4.69 -47.14 -36.15
N ASP B 22 -5.59 -46.51 -36.91
CA ASP B 22 -5.67 -45.06 -36.95
C ASP B 22 -6.61 -44.55 -35.85
N VAL B 23 -6.23 -43.45 -35.20
CA VAL B 23 -7.02 -42.86 -34.13
C VAL B 23 -7.02 -41.34 -34.27
N VAL B 24 -8.01 -40.72 -33.63
CA VAL B 24 -8.16 -39.27 -33.62
C VAL B 24 -8.22 -38.82 -32.17
N LEU B 25 -7.15 -38.16 -31.71
CA LEU B 25 -7.06 -37.67 -30.34
C LEU B 25 -7.44 -36.20 -30.28
N GLU B 26 -8.12 -35.82 -29.21
CA GLU B 26 -8.77 -34.51 -29.14
C GLU B 26 -8.96 -34.13 -27.68
N HIS B 27 -8.74 -32.85 -27.37
CA HIS B 27 -8.97 -32.35 -26.02
C HIS B 27 -10.42 -32.61 -25.59
N GLY B 28 -10.59 -33.01 -24.34
CA GLY B 28 -11.91 -33.33 -23.84
C GLY B 28 -12.50 -34.61 -24.36
N GLY B 29 -11.70 -35.45 -25.00
CA GLY B 29 -12.20 -36.70 -25.57
C GLY B 29 -11.16 -37.79 -25.44
N CYS B 30 -11.64 -39.03 -25.41
CA CYS B 30 -10.80 -40.20 -25.27
C CYS B 30 -11.03 -41.16 -26.44
N VAL B 31 -10.13 -42.13 -26.56
CA VAL B 31 -10.24 -43.21 -27.54
C VAL B 31 -10.00 -44.53 -26.82
N THR B 32 -10.98 -45.42 -26.88
CA THR B 32 -10.84 -46.78 -26.37
C THR B 32 -10.45 -47.70 -27.53
N VAL B 33 -9.38 -48.45 -27.35
CA VAL B 33 -8.80 -49.27 -28.41
C VAL B 33 -9.00 -50.72 -28.02
N MET B 34 -9.81 -51.42 -28.82
CA MET B 34 -10.07 -52.84 -28.68
C MET B 34 -9.48 -53.57 -29.88
N ALA B 35 -9.10 -54.83 -29.66
CA ALA B 35 -8.56 -55.63 -30.75
C ALA B 35 -8.68 -57.10 -30.38
N GLN B 36 -8.90 -57.93 -31.40
CA GLN B 36 -8.95 -59.36 -31.20
C GLN B 36 -7.59 -59.87 -30.72
N ASP B 37 -7.59 -60.60 -29.61
CA ASP B 37 -6.41 -61.18 -28.98
C ASP B 37 -5.44 -60.14 -28.43
N LYS B 38 -5.86 -58.88 -28.34
CA LYS B 38 -5.05 -57.82 -27.77
C LYS B 38 -5.77 -57.15 -26.62
N PRO B 39 -5.05 -56.71 -25.59
CA PRO B 39 -5.72 -56.06 -24.45
C PRO B 39 -6.24 -54.68 -24.82
N THR B 40 -7.45 -54.38 -24.35
CA THR B 40 -8.07 -53.08 -24.59
C THR B 40 -7.37 -52.00 -23.78
N VAL B 41 -6.98 -50.91 -24.45
CA VAL B 41 -6.27 -49.83 -23.80
C VAL B 41 -6.94 -48.50 -24.11
N ASP B 42 -6.83 -47.55 -23.18
CA ASP B 42 -7.46 -46.24 -23.30
C ASP B 42 -6.39 -45.18 -23.51
N ILE B 43 -6.60 -44.33 -24.51
CA ILE B 43 -5.66 -43.29 -24.90
C ILE B 43 -6.37 -41.93 -24.84
N GLU B 44 -5.67 -40.91 -24.36
CA GLU B 44 -6.27 -39.58 -24.37
C GLU B 44 -5.19 -38.51 -24.35
N LEU B 45 -5.38 -37.49 -25.19
CA LEU B 45 -4.51 -36.31 -25.20
C LEU B 45 -4.90 -35.39 -24.06
N VAL B 46 -3.97 -35.13 -23.15
CA VAL B 46 -4.27 -34.37 -21.94
C VAL B 46 -3.92 -32.89 -22.10
N THR B 47 -2.76 -32.56 -22.66
CA THR B 47 -2.33 -31.17 -22.75
C THR B 47 -1.61 -30.93 -24.08
N THR B 48 -1.72 -29.69 -24.56
CA THR B 48 -1.01 -29.21 -25.75
C THR B 48 -0.29 -27.94 -25.34
N THR B 49 1.02 -28.01 -25.16
CA THR B 49 1.77 -26.91 -24.56
C THR B 49 2.69 -26.24 -25.56
N VAL B 50 2.88 -24.93 -25.36
CA VAL B 50 3.81 -24.12 -26.12
C VAL B 50 4.89 -23.63 -25.15
N SER B 51 6.14 -23.70 -25.59
CA SER B 51 7.28 -23.24 -24.82
C SER B 51 8.04 -22.18 -25.61
N ASN B 52 9.09 -21.64 -24.99
CA ASN B 52 10.01 -20.69 -25.62
C ASN B 52 9.27 -19.64 -26.44
N MET B 53 8.20 -19.10 -25.87
CA MET B 53 7.39 -18.12 -26.58
C MET B 53 8.01 -16.74 -26.44
N ALA B 54 8.44 -16.18 -27.56
CA ALA B 54 9.08 -14.87 -27.58
C ALA B 54 8.04 -13.77 -27.68
N GLU B 55 8.23 -12.71 -26.90
CA GLU B 55 7.35 -11.55 -26.97
C GLU B 55 7.48 -10.87 -28.33
N VAL B 56 6.50 -10.03 -28.64
CA VAL B 56 6.52 -9.28 -29.90
C VAL B 56 6.26 -7.81 -29.61
N ARG B 57 5.13 -7.52 -28.98
CA ARG B 57 4.72 -6.14 -28.72
C ARG B 57 3.80 -6.13 -27.51
N SER B 58 3.90 -5.07 -26.71
CA SER B 58 3.04 -4.89 -25.54
C SER B 58 2.28 -3.57 -25.67
N TYR B 59 0.98 -3.62 -25.37
CA TYR B 59 0.09 -2.48 -25.37
C TYR B 59 -0.28 -2.11 -23.95
N CYS B 60 -0.44 -0.81 -23.72
CA CYS B 60 -0.82 -0.28 -22.41
C CYS B 60 -2.32 -0.03 -22.37
N TYR B 61 -3.02 -0.73 -21.48
CA TYR B 61 -4.47 -0.60 -21.38
C TYR B 61 -4.92 0.14 -20.13
N GLU B 62 -4.01 0.56 -19.26
CA GLU B 62 -4.36 1.49 -18.19
C GLU B 62 -3.13 2.28 -17.78
N ALA B 63 -3.25 3.60 -17.74
CA ALA B 63 -2.10 4.46 -17.51
C ALA B 63 -2.51 5.66 -16.65
N SER B 64 -1.51 6.39 -16.17
CA SER B 64 -1.71 7.59 -15.39
C SER B 64 -0.58 8.56 -15.67
N ILE B 65 -0.83 9.84 -15.39
CA ILE B 65 0.14 10.90 -15.67
C ILE B 65 0.57 11.54 -14.35
N SER B 66 1.60 12.39 -14.46
CA SER B 66 2.17 13.08 -13.31
C SER B 66 3.06 14.21 -13.83
N ASP B 67 3.37 15.14 -12.93
CA ASP B 67 4.23 16.29 -13.22
C ASP B 67 3.73 17.04 -14.45
N MET B 68 2.58 17.69 -14.27
CA MET B 68 2.05 18.57 -15.31
C MET B 68 2.78 19.90 -15.28
N ALA B 69 3.02 20.46 -16.46
CA ALA B 69 3.75 21.71 -16.57
C ALA B 69 3.36 22.39 -17.88
N SER B 70 3.46 23.71 -17.90
CA SER B 70 3.11 24.48 -19.08
C SER B 70 4.02 25.69 -19.19
N ASP B 71 4.21 26.16 -20.41
CA ASP B 71 5.00 27.35 -20.68
C ASP B 71 4.29 28.16 -21.75
N SER B 72 4.24 29.48 -21.54
CA SER B 72 3.45 30.36 -22.39
C SER B 72 4.28 31.56 -22.83
N ARG B 73 3.96 32.06 -24.02
CA ARG B 73 4.60 33.23 -24.60
C ARG B 73 3.54 34.18 -25.14
N CYS B 74 3.78 35.47 -24.95
CA CYS B 74 2.85 36.51 -25.39
C CYS B 74 2.79 36.54 -26.92
N PRO B 75 1.78 37.21 -27.48
CA PRO B 75 1.73 37.37 -28.94
C PRO B 75 3.01 38.03 -29.47
N THR B 76 3.54 37.45 -30.54
CA THR B 76 4.75 37.90 -31.24
C THR B 76 6.02 37.75 -30.40
N GLN B 77 5.97 37.03 -29.28
CA GLN B 77 7.14 36.79 -28.44
C GLN B 77 7.70 35.38 -28.63
N GLY B 78 7.75 34.90 -29.86
CA GLY B 78 8.37 33.61 -30.15
C GLY B 78 7.57 32.43 -29.67
N GLU B 79 7.97 31.23 -30.10
CA GLU B 79 7.32 30.02 -29.66
C GLU B 79 7.71 29.70 -28.21
N ALA B 80 6.82 29.00 -27.51
CA ALA B 80 7.11 28.55 -26.16
C ALA B 80 7.93 27.27 -26.20
N TYR B 81 8.70 27.05 -25.13
CA TYR B 81 9.55 25.87 -25.03
C TYR B 81 9.56 25.39 -23.58
N LEU B 82 9.29 24.10 -23.40
CA LEU B 82 9.41 23.45 -22.11
C LEU B 82 10.50 22.39 -22.19
N ASP B 83 11.37 22.38 -21.18
CA ASP B 83 12.43 21.40 -20.99
C ASP B 83 12.10 20.01 -21.54
N LYS B 84 10.97 19.45 -21.09
CA LYS B 84 10.70 18.03 -21.25
C LYS B 84 9.96 17.69 -22.54
N GLN B 85 9.89 18.60 -23.52
CA GLN B 85 9.33 18.23 -24.80
C GLN B 85 10.29 17.43 -25.66
N SER B 86 11.50 17.17 -25.16
CA SER B 86 12.44 16.24 -25.79
C SER B 86 12.57 14.95 -25.02
N ASP B 87 11.86 14.80 -23.91
CA ASP B 87 11.95 13.61 -23.08
C ASP B 87 11.04 12.52 -23.65
N THR B 88 11.62 11.35 -23.90
CA THR B 88 10.87 10.26 -24.53
C THR B 88 9.71 9.78 -23.67
N GLN B 89 9.75 10.03 -22.36
CA GLN B 89 8.69 9.58 -21.46
C GLN B 89 7.59 10.62 -21.26
N TYR B 90 7.83 11.87 -21.64
CA TYR B 90 6.83 12.91 -21.49
C TYR B 90 5.99 13.05 -22.76
N VAL B 91 4.73 13.43 -22.57
CA VAL B 91 3.81 13.72 -23.65
C VAL B 91 3.44 15.20 -23.58
N CYS B 92 3.50 15.88 -24.72
CA CYS B 92 3.28 17.32 -24.77
C CYS B 92 2.37 17.68 -25.94
N LYS B 93 1.78 18.85 -25.83
CA LYS B 93 0.95 19.43 -26.89
C LYS B 93 1.19 20.93 -26.95
N ARG B 94 1.48 21.42 -28.14
CA ARG B 94 1.61 22.85 -28.41
C ARG B 94 0.27 23.38 -28.94
N THR B 95 0.01 24.66 -28.66
CA THR B 95 -1.26 25.25 -29.04
C THR B 95 -1.17 26.77 -28.91
N LEU B 96 -2.18 27.44 -29.46
CA LEU B 96 -2.36 28.88 -29.33
C LEU B 96 -3.52 29.17 -28.39
N VAL B 97 -3.43 30.29 -27.68
CA VAL B 97 -4.41 30.64 -26.67
C VAL B 97 -4.65 32.15 -26.69
N ASP B 98 -5.89 32.54 -26.38
CA ASP B 98 -6.25 33.95 -26.35
C ASP B 98 -5.54 34.68 -25.22
N ARG B 99 -4.92 35.82 -25.54
CA ARG B 99 -4.17 36.61 -24.57
C ARG B 99 -4.52 38.08 -24.75
N GLY B 100 -4.47 38.82 -23.65
CA GLY B 100 -4.75 40.23 -23.68
C GLY B 100 -4.12 40.94 -22.50
N TRP B 101 -4.57 42.18 -22.29
CA TRP B 101 -4.09 42.96 -21.15
C TRP B 101 -4.46 42.31 -19.82
N GLY B 102 -5.58 41.58 -19.79
CA GLY B 102 -6.00 40.95 -18.54
C GLY B 102 -5.00 39.97 -18.01
N ASN B 103 -4.47 39.11 -18.89
CA ASN B 103 -3.54 38.06 -18.50
C ASN B 103 -2.08 38.43 -18.82
N GLY B 104 -1.71 39.69 -18.62
CA GLY B 104 -0.33 40.10 -18.61
C GLY B 104 0.24 40.62 -19.93
N CYS B 105 -0.27 40.14 -21.06
CA CYS B 105 0.34 40.47 -22.35
C CYS B 105 -0.03 41.88 -22.79
N GLY B 106 0.95 42.59 -23.35
CA GLY B 106 0.75 43.96 -23.78
C GLY B 106 -0.20 44.12 -24.94
N LEU B 107 -0.40 43.08 -25.73
CA LEU B 107 -1.31 43.11 -26.88
C LEU B 107 -2.40 42.07 -26.72
N PHE B 108 -3.41 42.16 -27.58
CA PHE B 108 -4.48 41.19 -27.65
C PHE B 108 -4.30 40.32 -28.89
N GLY B 109 -4.44 39.02 -28.72
CA GLY B 109 -4.31 38.10 -29.83
C GLY B 109 -3.89 36.73 -29.36
N LYS B 110 -3.42 35.92 -30.30
CA LYS B 110 -3.00 34.56 -29.98
C LYS B 110 -1.58 34.54 -29.44
N GLY B 111 -1.38 33.75 -28.38
CA GLY B 111 -0.06 33.52 -27.83
C GLY B 111 0.23 32.03 -27.77
N SER B 112 1.51 31.72 -27.56
CA SER B 112 1.98 30.34 -27.60
C SER B 112 1.82 29.67 -26.24
N LEU B 113 1.56 28.36 -26.26
CA LEU B 113 1.39 27.60 -25.03
C LEU B 113 1.74 26.15 -25.29
N VAL B 114 2.66 25.60 -24.51
CA VAL B 114 3.06 24.21 -24.60
C VAL B 114 2.81 23.55 -23.25
N THR B 115 2.21 22.36 -23.27
CA THR B 115 1.83 21.65 -22.04
C THR B 115 2.40 20.24 -22.08
N CYS B 116 3.11 19.86 -21.02
CA CYS B 116 3.75 18.55 -20.91
C CYS B 116 3.32 17.84 -19.64
N ALA B 117 3.31 16.52 -19.70
CA ALA B 117 3.09 15.67 -18.54
C ALA B 117 3.89 14.40 -18.70
N LYS B 118 4.05 13.65 -17.61
CA LYS B 118 4.85 12.43 -17.60
C LYS B 118 3.94 11.22 -17.71
N PHE B 119 4.08 10.48 -18.81
CA PHE B 119 3.28 9.29 -19.05
C PHE B 119 3.86 8.10 -18.30
N ALA B 120 2.98 7.34 -17.62
CA ALA B 120 3.38 6.16 -16.88
C ALA B 120 2.27 5.12 -16.98
N CYS B 121 2.62 3.90 -17.37
CA CYS B 121 1.65 2.84 -17.66
C CYS B 121 1.45 1.98 -16.43
N SER B 122 0.21 1.95 -15.92
CA SER B 122 -0.11 1.14 -14.75
C SER B 122 -0.27 -0.34 -15.12
N LYS B 123 -1.02 -0.63 -16.18
CA LYS B 123 -1.31 -2.00 -16.59
C LYS B 123 -1.17 -2.11 -18.10
N LYS B 124 -0.41 -3.12 -18.52
CA LYS B 124 -0.15 -3.39 -19.94
C LYS B 124 -0.42 -4.86 -20.23
N MET B 125 -0.87 -5.12 -21.46
CA MET B 125 -1.06 -6.48 -21.97
C MET B 125 0.09 -6.83 -22.90
N THR B 126 0.40 -8.12 -23.00
CA THR B 126 1.58 -8.59 -23.72
C THR B 126 1.20 -9.61 -24.79
N GLY B 127 1.73 -9.41 -25.99
CA GLY B 127 1.55 -10.35 -27.09
C GLY B 127 2.84 -11.11 -27.36
N LYS B 128 2.72 -12.42 -27.54
CA LYS B 128 3.87 -13.29 -27.77
C LYS B 128 3.64 -14.11 -29.04
N SER B 129 4.75 -14.55 -29.63
CA SER B 129 4.71 -15.30 -30.88
C SER B 129 4.58 -16.79 -30.61
N ILE B 130 4.12 -17.51 -31.63
CA ILE B 130 3.92 -18.95 -31.54
C ILE B 130 4.48 -19.63 -32.78
N GLN B 131 5.70 -20.17 -32.67
CA GLN B 131 6.24 -20.99 -33.74
C GLN B 131 5.97 -22.47 -33.44
N PRO B 132 5.44 -23.24 -34.40
CA PRO B 132 5.03 -24.62 -34.10
C PRO B 132 6.17 -25.54 -33.68
N GLU B 133 7.43 -25.11 -33.80
CA GLU B 133 8.55 -25.93 -33.32
C GLU B 133 8.47 -26.15 -31.82
N ASN B 134 8.04 -25.14 -31.07
CA ASN B 134 8.02 -25.18 -29.61
C ASN B 134 6.77 -25.84 -29.06
N LEU B 135 6.27 -26.87 -29.72
CA LEU B 135 5.02 -27.54 -29.38
C LEU B 135 5.30 -28.88 -28.71
N GLU B 136 4.55 -29.18 -27.66
CA GLU B 136 4.68 -30.44 -26.95
C GLU B 136 3.28 -30.98 -26.65
N TYR B 137 3.06 -32.25 -26.98
CA TYR B 137 1.79 -32.92 -26.74
C TYR B 137 2.00 -34.04 -25.73
N ARG B 138 1.14 -34.07 -24.71
CA ARG B 138 1.15 -35.13 -23.70
C ARG B 138 -0.02 -36.07 -23.97
N ILE B 139 0.30 -37.34 -24.21
CA ILE B 139 -0.71 -38.37 -24.46
C ILE B 139 -0.58 -39.43 -23.38
N MET B 140 -1.70 -39.74 -22.73
CA MET B 140 -1.73 -40.66 -21.60
C MET B 140 -2.44 -41.95 -21.99
N LEU B 141 -1.90 -43.08 -21.51
CA LEU B 141 -2.39 -44.41 -21.82
C LEU B 141 -2.66 -45.17 -20.52
N SER B 142 -3.72 -45.97 -20.53
CA SER B 142 -4.07 -46.81 -19.39
C SER B 142 -4.60 -48.15 -19.89
N VAL B 143 -4.52 -49.17 -19.03
CA VAL B 143 -4.74 -50.57 -19.44
C VAL B 143 -5.94 -51.15 -18.68
N HIS B 144 -6.90 -51.68 -19.43
CA HIS B 144 -8.06 -52.40 -18.88
C HIS B 144 -7.62 -53.69 -18.20
N GLY B 145 -7.81 -53.78 -16.89
CA GLY B 145 -7.51 -55.01 -16.19
C GLY B 145 -6.89 -54.88 -14.81
N SER B 146 -7.41 -53.98 -13.97
CA SER B 146 -6.78 -53.76 -12.67
C SER B 146 -7.57 -52.83 -11.75
N GLN B 147 -8.16 -53.40 -10.69
CA GLN B 147 -8.58 -52.61 -9.53
C GLN B 147 -9.62 -51.56 -9.88
N HIS B 148 -9.83 -50.59 -8.98
CA HIS B 148 -10.72 -49.47 -9.25
C HIS B 148 -10.15 -48.13 -8.79
N SER B 149 -9.48 -48.11 -7.64
CA SER B 149 -8.89 -46.86 -7.16
C SER B 149 -8.05 -46.18 -8.22
N GLY B 150 -7.36 -46.96 -9.05
CA GLY B 150 -6.61 -46.42 -10.16
C GLY B 150 -7.51 -46.03 -11.32
N MET B 151 -8.45 -45.13 -11.07
CA MET B 151 -9.35 -44.64 -12.11
C MET B 151 -8.72 -43.45 -12.81
N ILE B 152 -9.45 -42.33 -12.88
CA ILE B 152 -8.80 -41.07 -13.19
C ILE B 152 -8.08 -40.52 -11.96
N VAL B 153 -8.44 -41.02 -10.78
CA VAL B 153 -7.75 -40.71 -9.53
C VAL B 153 -6.48 -41.55 -9.54
N ASN B 154 -5.60 -41.34 -8.56
CA ASN B 154 -4.32 -42.04 -8.50
C ASN B 154 -3.61 -42.00 -9.86
N ASP B 155 -3.36 -40.78 -10.33
CA ASP B 155 -2.59 -40.59 -11.55
C ASP B 155 -1.09 -40.76 -11.33
N THR B 156 -0.71 -41.38 -10.22
CA THR B 156 0.69 -41.64 -9.88
C THR B 156 1.10 -43.07 -10.24
N GLY B 157 0.59 -43.63 -11.33
CA GLY B 157 0.93 -44.99 -11.67
C GLY B 157 1.97 -45.17 -12.74
N HIS B 158 2.55 -44.08 -13.25
CA HIS B 158 3.64 -44.20 -14.22
C HIS B 158 4.90 -44.78 -13.58
N GLU B 159 5.05 -44.60 -12.26
CA GLU B 159 6.29 -45.02 -11.61
C GLU B 159 6.43 -46.53 -11.60
N THR B 160 5.32 -47.25 -11.49
CA THR B 160 5.29 -48.69 -11.76
C THR B 160 4.95 -49.01 -13.20
N ASP B 161 4.46 -48.04 -13.98
CA ASP B 161 4.11 -48.23 -15.40
C ASP B 161 3.15 -49.42 -15.46
N GLU B 162 3.39 -50.42 -16.32
CA GLU B 162 2.49 -51.55 -16.51
C GLU B 162 1.15 -51.11 -17.09
N ASN B 163 0.34 -50.43 -16.28
CA ASN B 163 -1.00 -50.02 -16.69
C ASN B 163 -1.01 -48.62 -17.30
N ARG B 164 -0.43 -47.64 -16.61
CA ARG B 164 -0.48 -46.25 -17.06
C ARG B 164 0.88 -45.82 -17.58
N ALA B 165 0.87 -45.03 -18.65
CA ALA B 165 2.10 -44.57 -19.28
C ALA B 165 1.85 -43.22 -19.92
N LYS B 166 2.90 -42.40 -19.99
CA LYS B 166 2.85 -41.11 -20.65
C LYS B 166 3.78 -41.10 -21.85
N VAL B 167 3.40 -40.35 -22.88
CA VAL B 167 4.28 -40.09 -24.01
C VAL B 167 4.23 -38.62 -24.35
N GLU B 168 5.37 -38.09 -24.80
CA GLU B 168 5.52 -36.70 -25.20
C GLU B 168 5.87 -36.64 -26.67
N ILE B 169 5.17 -35.78 -27.40
CA ILE B 169 5.30 -35.70 -28.86
C ILE B 169 5.69 -34.28 -29.24
N THR B 170 6.53 -34.16 -30.26
CA THR B 170 7.02 -32.91 -30.82
C THR B 170 6.84 -32.96 -32.33
N PRO B 171 6.53 -31.83 -32.96
CA PRO B 171 6.48 -31.81 -34.44
C PRO B 171 7.76 -32.28 -35.10
N ASN B 172 8.92 -32.12 -34.45
CA ASN B 172 10.18 -32.61 -34.97
C ASN B 172 10.49 -34.05 -34.55
N SER B 173 9.63 -34.67 -33.75
CA SER B 173 9.82 -36.06 -33.32
C SER B 173 8.45 -36.68 -33.04
N PRO B 174 7.64 -36.89 -34.08
CA PRO B 174 6.29 -37.43 -33.85
C PRO B 174 6.27 -38.90 -33.45
N ARG B 175 7.33 -39.65 -33.73
CA ARG B 175 7.39 -41.04 -33.31
C ARG B 175 7.63 -41.14 -31.81
N ALA B 176 6.98 -42.11 -31.18
CA ALA B 176 7.25 -42.40 -29.77
C ALA B 176 6.70 -43.78 -29.42
N GLU B 177 7.53 -44.59 -28.78
CA GLU B 177 7.12 -45.92 -28.33
C GLU B 177 6.99 -45.93 -26.82
N ALA B 178 5.98 -46.63 -26.32
CA ALA B 178 5.66 -46.64 -24.89
C ALA B 178 5.59 -48.08 -24.42
N THR B 179 6.42 -48.43 -23.44
CA THR B 179 6.44 -49.76 -22.87
C THR B 179 5.37 -49.88 -21.78
N LEU B 180 4.77 -51.07 -21.68
CA LEU B 180 3.75 -51.36 -20.69
C LEU B 180 4.09 -52.62 -19.91
N GLY B 181 5.37 -52.80 -19.60
CA GLY B 181 5.83 -53.96 -18.84
C GLY B 181 5.40 -55.29 -19.42
N GLY B 182 4.65 -56.07 -18.64
CA GLY B 182 4.20 -57.38 -19.07
C GLY B 182 3.13 -57.38 -20.13
N PHE B 183 2.68 -56.21 -20.60
CA PHE B 183 1.71 -56.12 -21.67
C PHE B 183 2.34 -55.82 -23.03
N GLY B 184 3.63 -55.56 -23.07
CA GLY B 184 4.31 -55.28 -24.33
C GLY B 184 4.60 -53.80 -24.49
N SER B 185 4.22 -53.25 -25.64
N SER B 185 4.23 -53.25 -25.64
CA SER B 185 4.46 -51.83 -25.92
CA SER B 185 4.49 -51.84 -25.93
C SER B 185 3.52 -51.38 -27.03
C SER B 185 3.54 -51.38 -27.04
N LEU B 186 3.54 -50.07 -27.28
CA LEU B 186 2.71 -49.46 -28.31
C LEU B 186 3.47 -48.31 -28.96
N GLY B 187 3.54 -48.32 -30.29
CA GLY B 187 4.13 -47.21 -31.02
C GLY B 187 3.10 -46.18 -31.43
N LEU B 188 3.53 -44.93 -31.54
CA LEU B 188 2.65 -43.82 -31.87
C LEU B 188 3.35 -42.92 -32.89
N ASP B 189 2.78 -42.85 -34.10
CA ASP B 189 3.17 -41.90 -35.14
C ASP B 189 2.03 -40.90 -35.28
N CYS B 190 2.24 -39.68 -34.78
CA CYS B 190 1.16 -38.69 -34.67
C CYS B 190 1.46 -37.51 -35.59
N GLU B 191 0.56 -37.27 -36.56
CA GLU B 191 0.73 -36.16 -37.49
C GLU B 191 0.10 -34.91 -36.90
N PRO B 192 0.88 -33.92 -36.48
CA PRO B 192 0.32 -32.78 -35.73
C PRO B 192 -0.21 -31.63 -36.58
N ARG B 193 0.30 -31.50 -37.81
CA ARG B 193 -0.02 -30.34 -38.64
C ARG B 193 -1.52 -30.12 -38.81
N THR B 194 -2.31 -31.19 -38.75
CA THR B 194 -3.76 -31.08 -38.90
C THR B 194 -4.41 -30.24 -37.82
N GLY B 195 -3.71 -30.00 -36.69
CA GLY B 195 -4.27 -29.22 -35.61
C GLY B 195 -4.78 -27.84 -35.97
N LEU B 196 -3.88 -26.86 -36.11
CA LEU B 196 -4.25 -25.51 -36.50
C LEU B 196 -3.00 -24.72 -36.85
N ASP B 197 -3.10 -23.89 -37.89
CA ASP B 197 -1.97 -23.05 -38.31
C ASP B 197 -1.64 -22.00 -37.25
N PHE B 198 -0.36 -21.87 -36.93
CA PHE B 198 0.09 -20.86 -35.98
C PHE B 198 0.92 -19.79 -36.65
N SER B 199 0.79 -19.61 -37.96
CA SER B 199 1.67 -18.66 -38.61
C SER B 199 1.08 -17.27 -38.64
N ASP B 200 -0.19 -17.13 -38.28
CA ASP B 200 -0.86 -15.86 -38.21
C ASP B 200 -1.62 -15.71 -36.88
N LEU B 201 -1.02 -16.18 -35.78
CA LEU B 201 -1.70 -16.12 -34.48
C LEU B 201 -0.72 -15.72 -33.39
N TYR B 202 -1.21 -14.92 -32.43
CA TYR B 202 -0.43 -14.50 -31.28
C TYR B 202 -1.08 -14.97 -29.98
N TYR B 203 -0.22 -15.24 -28.99
CA TYR B 203 -0.64 -15.57 -27.63
C TYR B 203 -0.70 -14.29 -26.81
N LEU B 204 -1.91 -13.86 -26.44
CA LEU B 204 -2.11 -12.62 -25.70
C LEU B 204 -2.32 -12.93 -24.23
N THR B 205 -1.65 -12.17 -23.36
CA THR B 205 -1.81 -12.28 -21.92
C THR B 205 -2.12 -10.92 -21.32
N MET B 206 -3.04 -10.92 -20.34
CA MET B 206 -3.51 -9.68 -19.73
C MET B 206 -4.08 -10.01 -18.37
N ASN B 207 -3.38 -9.58 -17.30
CA ASN B 207 -3.85 -9.74 -15.93
C ASN B 207 -4.12 -11.21 -15.61
N ASN B 208 -3.16 -12.06 -15.94
CA ASN B 208 -3.24 -13.50 -15.71
C ASN B 208 -4.46 -14.12 -16.40
N LYS B 209 -4.82 -13.56 -17.56
CA LYS B 209 -5.86 -14.12 -18.41
C LYS B 209 -5.31 -14.15 -19.83
N HIS B 210 -5.61 -15.22 -20.57
CA HIS B 210 -4.92 -15.48 -21.82
C HIS B 210 -5.88 -15.79 -22.96
N TRP B 211 -5.44 -15.46 -24.17
CA TRP B 211 -6.22 -15.67 -25.39
C TRP B 211 -5.27 -15.98 -26.54
N LEU B 212 -5.85 -16.45 -27.65
CA LEU B 212 -5.16 -16.56 -28.92
C LEU B 212 -5.87 -15.69 -29.94
N VAL B 213 -5.13 -14.79 -30.59
CA VAL B 213 -5.73 -13.76 -31.43
C VAL B 213 -5.07 -13.73 -32.80
N HIS B 214 -5.79 -13.17 -33.77
CA HIS B 214 -5.26 -12.98 -35.12
C HIS B 214 -4.32 -11.78 -35.17
N LYS B 215 -3.27 -11.90 -35.99
CA LYS B 215 -2.21 -10.90 -36.01
C LYS B 215 -2.72 -9.52 -36.40
N GLU B 216 -3.46 -9.44 -37.50
CA GLU B 216 -3.87 -8.13 -38.04
C GLU B 216 -4.69 -7.34 -37.03
N TRP B 217 -5.58 -8.02 -36.29
CA TRP B 217 -6.34 -7.33 -35.26
C TRP B 217 -5.43 -6.81 -34.15
N PHE B 218 -4.38 -7.57 -33.82
CA PHE B 218 -3.44 -7.14 -32.79
C PHE B 218 -2.66 -5.91 -33.22
N HIS B 219 -2.23 -5.88 -34.48
CA HIS B 219 -1.41 -4.76 -34.96
C HIS B 219 -2.19 -3.45 -34.99
N ASP B 220 -3.51 -3.51 -35.18
CA ASP B 220 -4.33 -2.32 -35.39
C ASP B 220 -4.83 -1.68 -34.09
N ILE B 221 -4.50 -2.26 -32.94
CA ILE B 221 -5.05 -1.78 -31.66
C ILE B 221 -4.59 -0.36 -31.39
N PRO B 222 -5.50 0.57 -31.04
CA PRO B 222 -5.12 1.99 -30.82
C PRO B 222 -4.76 2.28 -29.37
N LEU B 223 -3.59 1.81 -28.96
CA LEU B 223 -3.10 2.00 -27.60
C LEU B 223 -1.60 2.26 -27.66
N PRO B 224 -1.02 2.86 -26.62
CA PRO B 224 0.44 2.97 -26.56
C PRO B 224 1.08 1.60 -26.53
N TRP B 225 2.30 1.50 -27.05
CA TRP B 225 2.91 0.21 -27.30
C TRP B 225 4.43 0.31 -27.23
N HIS B 226 5.06 -0.84 -27.00
CA HIS B 226 6.50 -0.96 -27.04
C HIS B 226 6.85 -2.37 -27.52
N ALA B 227 8.10 -2.53 -27.95
CA ALA B 227 8.52 -3.83 -28.49
C ALA B 227 8.90 -4.76 -27.35
N GLY B 228 9.82 -4.34 -26.49
CA GLY B 228 10.06 -5.02 -25.24
C GLY B 228 11.45 -5.57 -25.11
N ALA B 229 11.69 -6.22 -23.96
CA ALA B 229 10.79 -6.18 -22.76
C ALA B 229 11.56 -6.20 -21.43
N ASP B 230 11.67 -5.08 -20.71
CA ASP B 230 11.20 -3.76 -21.11
C ASP B 230 12.44 -2.89 -21.25
N THR B 231 13.59 -3.57 -21.39
CA THR B 231 14.91 -2.95 -21.38
C THR B 231 15.03 -1.91 -20.27
N GLY B 232 14.72 -2.36 -19.04
CA GLY B 232 14.66 -1.47 -17.90
C GLY B 232 13.43 -0.59 -17.91
N THR B 233 13.51 0.56 -18.57
CA THR B 233 12.34 1.39 -18.75
C THR B 233 11.92 1.39 -20.21
N PRO B 234 10.63 1.24 -20.49
CA PRO B 234 10.16 1.21 -21.88
C PRO B 234 9.89 2.61 -22.40
N HIS B 235 9.84 2.71 -23.72
CA HIS B 235 9.46 3.92 -24.41
C HIS B 235 8.17 3.62 -25.16
N TRP B 236 7.08 4.24 -24.72
CA TRP B 236 5.77 3.96 -25.26
C TRP B 236 5.53 4.89 -26.44
N ASN B 237 5.25 4.31 -27.60
CA ASN B 237 4.89 5.11 -28.76
C ASN B 237 3.38 5.32 -28.76
N ASN B 238 2.97 6.46 -29.31
CA ASN B 238 1.56 6.82 -29.43
C ASN B 238 0.92 6.99 -28.04
N LYS B 239 1.55 7.84 -27.22
CA LYS B 239 0.99 8.14 -25.91
C LYS B 239 -0.33 8.90 -26.01
N GLU B 240 -0.60 9.55 -27.14
CA GLU B 240 -1.84 10.29 -27.31
C GLU B 240 -3.07 9.38 -27.36
N ALA B 241 -2.88 8.07 -27.46
CA ALA B 241 -4.02 7.15 -27.48
C ALA B 241 -4.82 7.22 -26.18
N LEU B 242 -4.13 7.28 -25.04
CA LEU B 242 -4.79 7.31 -23.74
C LEU B 242 -4.83 8.70 -23.12
N VAL B 243 -4.07 9.65 -23.66
CA VAL B 243 -3.95 10.99 -23.09
C VAL B 243 -4.61 11.98 -24.04
N GLU B 244 -5.17 13.04 -23.47
CA GLU B 244 -5.67 14.15 -24.28
C GLU B 244 -5.58 15.44 -23.47
N PHE B 245 -5.71 16.55 -24.17
CA PHE B 245 -5.44 17.88 -23.63
C PHE B 245 -6.69 18.74 -23.79
N LYS B 246 -7.24 19.18 -22.68
CA LYS B 246 -8.41 20.04 -22.65
C LYS B 246 -8.03 21.41 -22.11
N ASP B 247 -9.05 22.29 -22.01
CA ASP B 247 -8.92 23.62 -21.43
C ASP B 247 -8.17 24.56 -22.37
N ALA B 248 -8.19 25.85 -22.05
CA ALA B 248 -7.40 26.88 -22.72
C ALA B 248 -7.14 28.02 -21.73
N HIS B 249 -6.46 27.70 -20.62
CA HIS B 249 -6.12 28.72 -19.64
C HIS B 249 -5.05 29.66 -20.21
N ALA B 250 -4.88 30.79 -19.54
CA ALA B 250 -3.88 31.77 -19.97
C ALA B 250 -2.48 31.17 -19.98
N LYS B 251 -2.16 30.34 -18.99
CA LYS B 251 -0.80 29.84 -18.81
C LYS B 251 -0.70 28.31 -18.83
N ARG B 252 -1.78 27.59 -19.07
CA ARG B 252 -1.72 26.13 -19.06
C ARG B 252 -2.92 25.55 -19.79
N GLN B 253 -2.79 24.27 -20.14
CA GLN B 253 -3.93 23.44 -20.49
C GLN B 253 -4.19 22.50 -19.32
N THR B 254 -5.00 21.47 -19.55
CA THR B 254 -5.13 20.39 -18.58
C THR B 254 -4.93 19.07 -19.30
N VAL B 255 -4.08 18.24 -18.77
CA VAL B 255 -3.83 16.90 -19.30
C VAL B 255 -4.79 15.96 -18.62
N VAL B 256 -5.26 14.94 -19.35
CA VAL B 256 -6.18 13.99 -18.76
C VAL B 256 -6.01 12.64 -19.45
N VAL B 257 -6.09 11.58 -18.65
CA VAL B 257 -5.98 10.21 -19.14
C VAL B 257 -7.38 9.67 -19.33
N LEU B 258 -7.50 8.72 -20.26
CA LEU B 258 -8.77 8.03 -20.47
C LEU B 258 -8.89 6.86 -19.50
N GLY B 259 -10.12 6.42 -19.27
CA GLY B 259 -10.36 5.34 -18.34
C GLY B 259 -9.68 4.05 -18.78
N SER B 260 -9.59 3.12 -17.83
CA SER B 260 -9.00 1.82 -18.10
C SER B 260 -9.76 1.14 -19.23
N GLN B 261 -9.04 0.80 -20.29
CA GLN B 261 -9.64 0.14 -21.44
C GLN B 261 -9.71 -1.38 -21.28
N GLU B 262 -9.51 -1.87 -20.05
CA GLU B 262 -9.56 -3.31 -19.81
C GLU B 262 -10.90 -3.91 -20.20
N GLY B 263 -11.99 -3.22 -19.84
CA GLY B 263 -13.31 -3.73 -20.18
C GLY B 263 -13.56 -3.72 -21.68
N ALA B 264 -13.13 -2.66 -22.36
CA ALA B 264 -13.29 -2.59 -23.81
C ALA B 264 -12.55 -3.72 -24.51
N VAL B 265 -11.34 -4.03 -24.05
CA VAL B 265 -10.58 -5.14 -24.64
C VAL B 265 -11.26 -6.46 -24.33
N HIS B 266 -11.57 -6.71 -23.06
CA HIS B 266 -12.32 -7.91 -22.66
C HIS B 266 -13.53 -8.13 -23.54
N THR B 267 -14.29 -7.07 -23.83
CA THR B 267 -15.48 -7.13 -24.67
C THR B 267 -15.16 -7.62 -26.08
N ALA B 268 -14.39 -6.86 -26.84
CA ALA B 268 -14.05 -7.23 -28.21
C ALA B 268 -12.96 -8.30 -28.24
N LEU B 269 -13.12 -9.32 -27.41
CA LEU B 269 -12.19 -10.45 -27.37
C LEU B 269 -12.85 -11.80 -27.18
N ALA B 270 -14.02 -11.88 -26.53
CA ALA B 270 -14.66 -13.16 -26.24
C ALA B 270 -14.80 -14.05 -27.47
N GLY B 271 -14.86 -13.46 -28.66
CA GLY B 271 -14.93 -14.23 -29.88
C GLY B 271 -13.57 -14.76 -30.31
N ALA B 272 -12.79 -15.24 -29.34
CA ALA B 272 -11.46 -15.79 -29.60
C ALA B 272 -11.22 -16.94 -28.63
N LEU B 273 -10.02 -17.52 -28.71
CA LEU B 273 -9.68 -18.72 -27.96
C LEU B 273 -9.18 -18.35 -26.56
N GLU B 274 -9.04 -19.38 -25.73
CA GLU B 274 -8.57 -19.22 -24.37
C GLU B 274 -7.38 -20.14 -24.13
N ALA B 275 -6.61 -19.82 -23.09
CA ALA B 275 -5.43 -20.59 -22.76
C ALA B 275 -5.06 -20.36 -21.30
N GLU B 276 -4.18 -21.21 -20.78
CA GLU B 276 -3.59 -21.08 -19.46
C GLU B 276 -2.08 -21.01 -19.59
N MET B 277 -1.38 -20.88 -18.44
CA MET B 277 0.07 -20.72 -18.48
C MET B 277 0.65 -21.23 -17.15
N ASP B 278 0.80 -22.55 -17.05
CA ASP B 278 1.42 -23.19 -15.89
C ASP B 278 2.46 -24.18 -16.40
N GLY B 279 3.73 -23.78 -16.36
CA GLY B 279 4.12 -22.47 -15.85
C GLY B 279 5.29 -21.91 -16.63
N ALA B 280 5.19 -20.64 -17.02
CA ALA B 280 6.09 -20.00 -17.99
C ALA B 280 6.04 -20.69 -19.35
N LYS B 281 4.99 -21.48 -19.59
CA LYS B 281 4.76 -22.17 -20.85
C LYS B 281 3.25 -22.24 -21.04
N GLY B 282 2.78 -21.82 -22.21
CA GLY B 282 1.35 -21.78 -22.45
C GLY B 282 0.75 -23.16 -22.58
N ARG B 283 -0.49 -23.29 -22.13
CA ARG B 283 -1.22 -24.56 -22.17
C ARG B 283 -2.56 -24.33 -22.88
N LEU B 284 -2.69 -24.88 -24.08
CA LEU B 284 -3.89 -24.69 -24.88
C LEU B 284 -4.91 -25.79 -24.58
N SER B 285 -6.18 -25.43 -24.73
CA SER B 285 -7.27 -26.41 -24.68
C SER B 285 -7.93 -26.63 -26.03
N SER B 286 -7.85 -25.67 -26.94
CA SER B 286 -8.40 -25.81 -28.30
C SER B 286 -7.36 -26.52 -29.16
N GLY B 287 -7.47 -27.84 -29.24
CA GLY B 287 -6.52 -28.63 -29.99
C GLY B 287 -7.14 -29.70 -30.88
N HIS B 288 -6.29 -30.57 -31.44
CA HIS B 288 -6.70 -31.58 -32.40
C HIS B 288 -5.49 -32.42 -32.81
N LEU B 289 -5.69 -33.71 -33.10
CA LEU B 289 -4.56 -34.58 -33.43
C LEU B 289 -5.04 -35.85 -34.11
N LYS B 290 -4.27 -36.30 -35.10
CA LYS B 290 -4.50 -37.55 -35.82
C LYS B 290 -3.28 -38.46 -35.64
N CYS B 291 -3.48 -39.62 -35.01
CA CYS B 291 -2.38 -40.51 -34.67
C CYS B 291 -2.55 -41.88 -35.32
N ARG B 292 -1.46 -42.65 -35.28
CA ARG B 292 -1.38 -44.00 -35.84
C ARG B 292 -0.65 -44.88 -34.84
N LEU B 293 -1.33 -45.90 -34.33
CA LEU B 293 -0.78 -46.80 -33.33
C LEU B 293 -0.24 -48.07 -33.96
N LYS B 294 0.91 -48.51 -33.46
CA LYS B 294 1.58 -49.73 -33.88
C LYS B 294 1.49 -50.72 -32.72
N MET B 295 0.75 -51.81 -32.92
CA MET B 295 0.35 -52.71 -31.85
C MET B 295 0.98 -54.09 -31.95
N ASP B 296 1.93 -54.29 -32.87
CA ASP B 296 2.54 -55.60 -33.03
C ASP B 296 3.15 -56.09 -31.72
N LYS B 297 3.79 -55.19 -30.97
CA LYS B 297 4.47 -55.54 -29.73
C LYS B 297 3.55 -55.47 -28.52
N LEU B 298 2.25 -55.32 -28.71
CA LEU B 298 1.30 -55.37 -27.61
C LEU B 298 0.76 -56.79 -27.47
N ARG B 299 0.49 -57.19 -26.23
CA ARG B 299 0.12 -58.57 -25.94
C ARG B 299 -0.52 -58.64 -24.57
N LEU B 300 -1.31 -59.70 -24.37
CA LEU B 300 -1.79 -60.03 -23.04
C LEU B 300 -0.62 -60.35 -22.12
N LYS B 301 -0.90 -60.36 -20.82
CA LYS B 301 0.04 -60.92 -19.86
C LYS B 301 0.17 -62.42 -20.15
N GLY B 302 1.31 -62.81 -20.72
CA GLY B 302 1.44 -64.08 -21.44
C GLY B 302 1.39 -65.37 -20.64
N VAL B 303 0.21 -65.70 -20.09
CA VAL B 303 -0.03 -67.00 -19.47
C VAL B 303 -1.46 -67.43 -19.80
N SER B 304 -1.64 -68.73 -20.06
CA SER B 304 -2.98 -69.31 -20.17
C SER B 304 -3.44 -69.65 -18.76
N TYR B 305 -4.04 -68.67 -18.10
CA TYR B 305 -4.35 -68.80 -16.68
C TYR B 305 -5.43 -69.85 -16.44
N SER B 306 -5.26 -70.61 -15.37
CA SER B 306 -6.33 -71.47 -14.88
C SER B 306 -7.48 -70.60 -14.41
N LEU B 307 -8.69 -70.92 -14.86
CA LEU B 307 -9.85 -70.07 -14.60
C LEU B 307 -10.06 -69.87 -13.10
N CYS B 308 -10.53 -68.68 -12.74
CA CYS B 308 -10.86 -68.38 -11.35
C CYS B 308 -12.02 -69.26 -10.89
N THR B 309 -11.72 -70.25 -10.04
CA THR B 309 -12.74 -71.22 -9.63
C THR B 309 -13.46 -70.84 -8.35
N ALA B 310 -12.93 -69.88 -7.58
CA ALA B 310 -13.56 -69.48 -6.34
C ALA B 310 -14.68 -68.47 -6.63
N ALA B 311 -15.23 -67.88 -5.58
CA ALA B 311 -16.43 -67.06 -5.68
C ALA B 311 -16.08 -65.58 -5.80
N PHE B 312 -16.86 -64.87 -6.61
CA PHE B 312 -16.83 -63.42 -6.73
C PHE B 312 -18.03 -62.82 -6.00
N THR B 313 -17.93 -61.53 -5.69
CA THR B 313 -19.06 -60.76 -5.16
C THR B 313 -19.01 -59.35 -5.74
N PHE B 314 -20.19 -58.76 -5.92
CA PHE B 314 -20.27 -57.38 -6.39
C PHE B 314 -20.08 -56.43 -5.22
N THR B 315 -19.06 -55.57 -5.30
CA THR B 315 -18.92 -54.50 -4.32
C THR B 315 -19.81 -53.32 -4.68
N LYS B 316 -19.62 -52.76 -5.87
CA LYS B 316 -20.52 -51.76 -6.41
C LYS B 316 -21.50 -52.42 -7.37
N ILE B 317 -22.77 -52.03 -7.27
CA ILE B 317 -23.76 -52.54 -8.21
C ILE B 317 -23.47 -51.95 -9.59
N PRO B 318 -23.65 -52.71 -10.68
CA PRO B 318 -23.33 -52.19 -12.01
C PRO B 318 -24.09 -50.91 -12.33
N ALA B 319 -23.50 -50.11 -13.20
CA ALA B 319 -24.05 -48.81 -13.57
C ALA B 319 -23.91 -48.61 -15.07
N GLU B 320 -24.95 -48.03 -15.69
CA GLU B 320 -24.93 -47.75 -17.11
C GLU B 320 -24.24 -46.43 -17.39
N THR B 321 -23.25 -46.46 -18.30
CA THR B 321 -22.59 -45.25 -18.72
C THR B 321 -23.43 -44.53 -19.78
N LEU B 322 -22.94 -43.39 -20.25
CA LEU B 322 -23.64 -42.62 -21.27
C LEU B 322 -23.62 -43.29 -22.63
N HIS B 323 -22.90 -44.39 -22.80
CA HIS B 323 -22.80 -45.10 -24.07
C HIS B 323 -23.42 -46.48 -24.03
N GLY B 324 -23.98 -46.91 -22.90
CA GLY B 324 -24.65 -48.18 -22.80
C GLY B 324 -23.84 -49.29 -22.16
N THR B 325 -22.53 -49.10 -22.02
CA THR B 325 -21.69 -50.12 -21.41
C THR B 325 -21.99 -50.26 -19.91
N VAL B 326 -21.59 -51.40 -19.36
CA VAL B 326 -21.82 -51.72 -17.96
C VAL B 326 -20.46 -51.85 -17.26
N THR B 327 -20.29 -51.11 -16.17
CA THR B 327 -19.12 -51.23 -15.31
C THR B 327 -19.46 -52.14 -14.13
N VAL B 328 -18.51 -52.99 -13.74
CA VAL B 328 -18.73 -53.92 -12.64
C VAL B 328 -17.45 -54.07 -11.84
N GLU B 329 -17.49 -53.75 -10.55
CA GLU B 329 -16.38 -53.96 -9.63
C GLU B 329 -16.67 -55.17 -8.78
N VAL B 330 -15.69 -56.07 -8.68
CA VAL B 330 -15.88 -57.36 -8.01
C VAL B 330 -14.77 -57.58 -6.99
N GLN B 331 -15.14 -58.23 -5.88
CA GLN B 331 -14.22 -58.69 -4.85
C GLN B 331 -14.15 -60.21 -4.90
N TYR B 332 -12.93 -60.74 -4.89
CA TYR B 332 -12.66 -62.16 -5.05
C TYR B 332 -11.99 -62.69 -3.80
N ALA B 333 -12.54 -63.75 -3.23
CA ALA B 333 -12.10 -64.31 -1.96
C ALA B 333 -11.22 -65.55 -2.13
N GLY B 334 -10.83 -65.88 -3.36
CA GLY B 334 -10.00 -67.04 -3.61
C GLY B 334 -8.52 -66.69 -3.71
N THR B 335 -7.70 -67.74 -3.67
CA THR B 335 -6.24 -67.61 -3.72
C THR B 335 -5.67 -68.53 -4.79
N ASP B 336 -6.20 -68.41 -6.01
CA ASP B 336 -5.72 -69.18 -7.15
C ASP B 336 -5.38 -68.27 -8.31
N GLY B 337 -4.78 -67.11 -8.01
CA GLY B 337 -4.42 -66.16 -9.03
C GLY B 337 -2.94 -66.19 -9.35
N PRO B 338 -2.52 -65.45 -10.40
CA PRO B 338 -3.38 -64.65 -11.28
C PRO B 338 -4.22 -65.51 -12.22
N CYS B 339 -5.54 -65.48 -12.05
CA CYS B 339 -6.44 -66.37 -12.77
C CYS B 339 -7.30 -65.59 -13.76
N LYS B 340 -7.80 -66.31 -14.76
CA LYS B 340 -8.69 -65.73 -15.76
C LYS B 340 -10.11 -65.66 -15.20
N VAL B 341 -10.71 -64.47 -15.27
CA VAL B 341 -12.04 -64.24 -14.70
C VAL B 341 -13.10 -64.72 -15.68
N PRO B 342 -13.97 -65.66 -15.28
CA PRO B 342 -15.07 -66.09 -16.16
C PRO B 342 -16.26 -65.15 -16.02
N ALA B 343 -16.58 -64.44 -17.09
CA ALA B 343 -17.65 -63.46 -17.07
C ALA B 343 -18.22 -63.30 -18.47
N GLN B 344 -19.55 -63.25 -18.55
CA GLN B 344 -20.22 -63.03 -19.83
C GLN B 344 -21.61 -62.48 -19.57
N MET B 345 -22.37 -62.30 -20.64
CA MET B 345 -23.77 -61.91 -20.58
C MET B 345 -24.60 -62.98 -21.28
N ALA B 346 -25.64 -63.44 -20.60
CA ALA B 346 -26.51 -64.51 -21.11
C ALA B 346 -27.91 -63.98 -21.32
N VAL B 347 -28.46 -64.23 -22.52
CA VAL B 347 -29.87 -63.99 -22.74
C VAL B 347 -30.72 -65.17 -22.26
N ASP B 348 -30.08 -66.32 -22.01
CA ASP B 348 -30.76 -67.51 -21.51
C ASP B 348 -29.83 -68.21 -20.54
N MET B 349 -30.31 -68.46 -19.33
CA MET B 349 -29.46 -69.03 -18.28
C MET B 349 -29.20 -70.51 -18.47
N GLN B 350 -29.96 -71.19 -19.33
CA GLN B 350 -29.75 -72.62 -19.55
C GLN B 350 -28.52 -72.86 -20.44
N THR B 351 -28.52 -72.29 -21.64
CA THR B 351 -27.44 -72.50 -22.59
C THR B 351 -26.27 -71.54 -22.40
N LEU B 352 -26.48 -70.41 -21.73
CA LEU B 352 -25.46 -69.38 -21.55
C LEU B 352 -24.87 -68.93 -22.89
N THR B 353 -25.75 -68.75 -23.88
CA THR B 353 -25.34 -68.27 -25.19
C THR B 353 -24.68 -66.90 -25.07
N PRO B 354 -23.38 -66.79 -25.38
CA PRO B 354 -22.69 -65.51 -25.20
C PRO B 354 -23.18 -64.41 -26.13
N VAL B 355 -24.07 -63.56 -25.64
CA VAL B 355 -24.52 -62.39 -26.38
C VAL B 355 -23.75 -61.17 -25.89
N GLY B 356 -23.49 -60.25 -26.81
CA GLY B 356 -22.72 -59.07 -26.48
C GLY B 356 -21.24 -59.33 -26.29
N ARG B 357 -20.42 -58.32 -26.52
CA ARG B 357 -18.97 -58.44 -26.37
C ARG B 357 -18.52 -57.85 -25.04
N LEU B 358 -17.28 -58.20 -24.67
CA LEU B 358 -16.62 -57.59 -23.52
C LEU B 358 -15.75 -56.44 -23.99
N ILE B 359 -15.77 -55.34 -23.23
CA ILE B 359 -14.88 -54.23 -23.52
C ILE B 359 -13.51 -54.47 -22.89
N THR B 360 -13.49 -54.88 -21.63
CA THR B 360 -12.24 -55.31 -21.00
C THR B 360 -11.92 -56.70 -21.53
N ALA B 361 -11.04 -56.76 -22.53
CA ALA B 361 -10.66 -58.04 -23.11
C ALA B 361 -9.91 -58.88 -22.09
N ASN B 362 -10.32 -60.15 -21.97
CA ASN B 362 -9.76 -61.14 -21.05
C ASN B 362 -9.53 -60.56 -19.65
N PRO B 363 -10.54 -60.59 -18.78
CA PRO B 363 -10.35 -60.13 -17.40
C PRO B 363 -9.44 -61.06 -16.62
N VAL B 364 -8.42 -60.49 -15.98
CA VAL B 364 -7.45 -61.23 -15.18
C VAL B 364 -7.25 -60.49 -13.85
N ILE B 365 -7.37 -61.23 -12.75
CA ILE B 365 -7.08 -60.68 -11.42
C ILE B 365 -5.57 -60.56 -11.27
N THR B 366 -5.10 -59.32 -11.09
CA THR B 366 -3.65 -59.08 -11.03
C THR B 366 -3.01 -59.81 -9.86
N GLU B 367 -3.69 -59.86 -8.72
CA GLU B 367 -3.11 -60.43 -7.51
C GLU B 367 -3.43 -61.91 -7.38
N SER B 368 -2.63 -62.59 -6.56
CA SER B 368 -2.87 -63.99 -6.22
C SER B 368 -3.58 -64.16 -4.89
N THR B 369 -3.52 -63.15 -4.02
CA THR B 369 -4.16 -63.22 -2.72
C THR B 369 -5.68 -63.17 -2.87
N GLU B 370 -6.37 -63.17 -1.73
CA GLU B 370 -7.83 -63.17 -1.71
C GLU B 370 -8.39 -61.79 -1.39
N ASN B 371 -9.70 -61.65 -1.62
CA ASN B 371 -10.44 -60.40 -1.41
C ASN B 371 -9.83 -59.26 -2.23
N SER B 372 -9.57 -59.54 -3.49
CA SER B 372 -9.07 -58.53 -4.42
C SER B 372 -10.20 -57.91 -5.22
N LYS B 373 -9.99 -56.68 -5.68
CA LYS B 373 -11.01 -55.95 -6.43
C LYS B 373 -10.57 -55.74 -7.86
N MET B 374 -11.53 -55.85 -8.79
CA MET B 374 -11.26 -55.65 -10.21
C MET B 374 -12.49 -55.12 -10.90
N MET B 375 -12.28 -54.22 -11.87
CA MET B 375 -13.35 -53.64 -12.66
C MET B 375 -13.34 -54.21 -14.08
N LEU B 376 -14.54 -54.52 -14.58
CA LEU B 376 -14.76 -54.98 -15.94
C LEU B 376 -15.79 -54.08 -16.61
N GLU B 377 -15.75 -54.06 -17.94
CA GLU B 377 -16.68 -53.28 -18.76
C GLU B 377 -17.27 -54.17 -19.83
N LEU B 378 -18.59 -54.11 -19.99
CA LEU B 378 -19.32 -54.94 -20.95
C LEU B 378 -20.13 -54.08 -21.89
N ASP B 379 -20.39 -54.61 -23.09
CA ASP B 379 -21.25 -53.97 -24.09
C ASP B 379 -22.50 -54.81 -24.27
N PRO B 380 -23.58 -54.50 -23.55
CA PRO B 380 -24.76 -55.38 -23.57
C PRO B 380 -25.53 -55.24 -24.86
N PRO B 381 -26.21 -56.30 -25.30
CA PRO B 381 -27.16 -56.16 -26.40
C PRO B 381 -28.48 -55.57 -25.93
N PHE B 382 -29.24 -55.04 -26.88
CA PHE B 382 -30.51 -54.41 -26.57
C PHE B 382 -31.45 -55.39 -25.86
N GLY B 383 -32.43 -54.84 -25.16
CA GLY B 383 -33.40 -55.67 -24.47
C GLY B 383 -32.87 -56.18 -23.13
N ASP B 384 -33.41 -57.31 -22.71
CA ASP B 384 -33.04 -57.93 -21.45
C ASP B 384 -31.76 -58.76 -21.59
N SER B 385 -31.07 -58.95 -20.47
CA SER B 385 -29.86 -59.77 -20.43
C SER B 385 -29.53 -60.04 -18.96
N TYR B 386 -28.58 -60.94 -18.75
CA TYR B 386 -28.14 -61.29 -17.41
C TYR B 386 -26.61 -61.24 -17.37
N ILE B 387 -26.07 -60.48 -16.42
CA ILE B 387 -24.62 -60.35 -16.24
C ILE B 387 -24.18 -61.49 -15.34
N VAL B 388 -23.49 -62.47 -15.91
CA VAL B 388 -23.04 -63.66 -15.20
C VAL B 388 -21.54 -63.57 -14.97
N ILE B 389 -21.10 -63.75 -13.72
CA ILE B 389 -19.69 -63.78 -13.38
C ILE B 389 -19.43 -64.96 -12.46
N GLY B 390 -18.45 -65.79 -12.82
CA GLY B 390 -18.08 -66.96 -12.04
C GLY B 390 -18.36 -68.24 -12.81
N VAL B 391 -18.28 -69.35 -12.06
CA VAL B 391 -18.51 -70.68 -12.61
C VAL B 391 -19.19 -71.53 -11.56
N GLY B 392 -20.00 -72.49 -12.02
CA GLY B 392 -20.69 -73.36 -11.09
C GLY B 392 -21.76 -72.62 -10.30
N GLU B 393 -21.95 -73.07 -9.05
CA GLU B 393 -22.91 -72.40 -8.17
C GLU B 393 -22.36 -71.06 -7.67
N LYS B 394 -21.04 -70.97 -7.48
CA LYS B 394 -20.42 -69.74 -6.98
C LYS B 394 -20.30 -68.65 -8.04
N LYS B 395 -21.31 -68.52 -8.90
CA LYS B 395 -21.40 -67.43 -9.86
C LYS B 395 -22.55 -66.51 -9.46
N ILE B 396 -22.34 -65.21 -9.61
CA ILE B 396 -23.37 -64.22 -9.32
C ILE B 396 -23.88 -63.64 -10.63
N THR B 397 -25.18 -63.41 -10.70
CA THR B 397 -25.84 -62.90 -11.88
C THR B 397 -26.70 -61.69 -11.51
N HIS B 398 -26.62 -60.66 -12.34
CA HIS B 398 -27.37 -59.43 -12.12
C HIS B 398 -28.23 -59.15 -13.35
N HIS B 399 -29.52 -58.95 -13.12
CA HIS B 399 -30.44 -58.71 -14.23
C HIS B 399 -30.20 -57.31 -14.81
N TRP B 400 -30.18 -57.23 -16.14
CA TRP B 400 -29.93 -55.98 -16.84
C TRP B 400 -30.92 -55.79 -17.97
N HIS B 401 -31.26 -54.52 -18.22
CA HIS B 401 -32.13 -54.14 -19.32
C HIS B 401 -31.50 -52.94 -20.01
N ARG B 402 -31.06 -53.12 -21.26
CA ARG B 402 -30.49 -52.05 -22.06
C ARG B 402 -31.54 -51.56 -23.04
N SER B 403 -32.16 -50.43 -22.71
CA SER B 403 -33.11 -49.80 -23.62
C SER B 403 -32.44 -49.39 -24.92
N GLY B 404 -31.14 -49.08 -24.88
CA GLY B 404 -30.46 -48.50 -26.02
C GLY B 404 -30.81 -47.06 -26.26
N SER B 405 -31.11 -46.31 -25.20
CA SER B 405 -31.42 -44.89 -25.33
C SER B 405 -30.70 -44.10 -24.24
N ARG C 1 6.59 39.76 4.81
CA ARG C 1 5.91 40.12 3.56
C ARG C 1 4.85 39.07 3.21
N VAL C 2 5.12 37.83 3.60
CA VAL C 2 4.22 36.70 3.35
C VAL C 2 3.74 36.19 4.70
N HIS C 3 2.46 36.40 4.99
CA HIS C 3 1.88 35.97 6.26
C HIS C 3 0.77 34.96 6.02
N LEU C 4 0.84 33.85 6.76
CA LEU C 4 -0.22 32.84 6.80
C LEU C 4 -0.61 32.62 8.26
N VAL C 5 -1.90 32.73 8.54
CA VAL C 5 -2.42 32.58 9.90
C VAL C 5 -3.44 31.44 9.90
N GLU C 6 -3.22 30.46 10.77
CA GLU C 6 -4.14 29.35 10.91
C GLU C 6 -5.15 29.62 12.01
N SER C 7 -6.24 28.84 11.98
CA SER C 7 -7.31 28.99 12.96
C SER C 7 -8.19 27.76 12.92
N GLY C 8 -8.94 27.56 14.00
CA GLY C 8 -9.89 26.48 14.12
C GLY C 8 -9.47 25.38 15.08
N GLY C 9 -8.18 25.30 15.41
CA GLY C 9 -7.70 24.23 16.25
C GLY C 9 -8.33 24.23 17.62
N GLY C 10 -8.25 23.07 18.28
CA GLY C 10 -8.83 22.89 19.60
C GLY C 10 -9.00 21.41 19.91
N VAL C 11 -9.97 21.13 20.78
CA VAL C 11 -10.32 19.76 21.16
C VAL C 11 -11.49 19.31 20.30
N VAL C 12 -11.54 18.02 20.01
CA VAL C 12 -12.64 17.44 19.24
C VAL C 12 -12.88 16.02 19.74
N GLN C 13 -14.16 15.67 19.89
CA GLN C 13 -14.53 14.32 20.27
C GLN C 13 -14.09 13.33 19.20
N PRO C 14 -13.60 12.15 19.59
CA PRO C 14 -13.28 11.12 18.60
C PRO C 14 -14.49 10.78 17.73
N GLY C 15 -14.22 10.54 16.45
CA GLY C 15 -15.28 10.26 15.49
C GLY C 15 -16.23 11.41 15.23
N ARG C 16 -15.71 12.63 15.15
CA ARG C 16 -16.54 13.80 14.86
C ARG C 16 -15.98 14.59 13.69
N SER C 17 -16.06 15.92 13.75
CA SER C 17 -15.71 16.76 12.61
C SER C 17 -15.18 18.10 13.10
N LEU C 18 -14.32 18.71 12.29
CA LEU C 18 -13.72 19.99 12.59
C LEU C 18 -13.28 20.66 11.29
N ARG C 19 -13.43 21.98 11.23
CA ARG C 19 -13.11 22.78 10.06
C ARG C 19 -11.94 23.69 10.38
N LEU C 20 -10.81 23.49 9.71
CA LEU C 20 -9.61 24.30 9.90
C LEU C 20 -9.51 25.36 8.81
N SER C 21 -9.08 26.56 9.21
CA SER C 21 -9.03 27.71 8.31
C SER C 21 -7.61 28.27 8.26
N CYS C 22 -7.27 28.86 7.12
CA CYS C 22 -5.97 29.49 6.91
C CYS C 22 -6.16 30.75 6.08
N VAL C 23 -5.86 31.90 6.68
CA VAL C 23 -5.94 33.18 5.99
C VAL C 23 -4.55 33.57 5.52
N ALA C 24 -4.48 34.14 4.32
CA ALA C 24 -3.24 34.56 3.69
C ALA C 24 -3.21 36.07 3.53
N SER C 25 -2.01 36.64 3.53
CA SER C 25 -1.87 38.08 3.38
C SER C 25 -0.47 38.40 2.89
N GLY C 26 -0.38 39.34 1.96
CA GLY C 26 0.89 39.85 1.48
C GLY C 26 1.43 39.22 0.22
N PHE C 27 0.63 38.40 -0.48
CA PHE C 27 1.08 37.78 -1.72
C PHE C 27 -0.13 37.35 -2.53
N ALA C 28 0.11 37.13 -3.83
CA ALA C 28 -0.93 36.74 -4.77
C ALA C 28 -1.39 35.32 -4.45
N PHE C 29 -2.50 35.20 -3.71
CA PHE C 29 -3.01 33.89 -3.32
C PHE C 29 -3.39 33.04 -4.51
N SER C 30 -3.84 33.65 -5.61
CA SER C 30 -4.35 32.93 -6.76
C SER C 30 -3.25 32.19 -7.53
N ASN C 31 -1.98 32.34 -7.17
CA ASN C 31 -0.89 31.70 -7.88
C ASN C 31 -0.19 30.62 -7.06
N TYR C 32 -0.62 30.38 -5.82
CA TYR C 32 0.05 29.45 -4.93
C TYR C 32 -0.76 28.18 -4.76
N HIS C 33 -0.12 27.04 -4.99
CA HIS C 33 -0.67 25.78 -4.51
C HIS C 33 -0.59 25.76 -2.98
N MET C 34 -1.64 25.25 -2.34
CA MET C 34 -1.74 25.29 -0.90
C MET C 34 -1.81 23.87 -0.35
N HIS C 35 -0.97 23.60 0.65
CA HIS C 35 -0.85 22.29 1.25
C HIS C 35 -1.23 22.36 2.71
N TRP C 36 -1.78 21.26 3.21
CA TRP C 36 -1.88 20.99 4.64
C TRP C 36 -0.88 19.89 4.97
N VAL C 37 -0.02 20.15 5.96
CA VAL C 37 0.97 19.19 6.44
C VAL C 37 0.89 19.15 7.95
N ARG C 38 0.80 17.95 8.53
CA ARG C 38 0.65 17.84 9.98
C ARG C 38 1.86 17.14 10.59
N GLN C 39 2.02 17.38 11.90
CA GLN C 39 3.13 16.82 12.68
C GLN C 39 2.62 16.50 14.07
N ALA C 40 2.68 15.23 14.45
CA ALA C 40 2.35 14.85 15.80
C ALA C 40 3.42 15.37 16.77
N PRO C 41 3.04 15.66 18.02
CA PRO C 41 4.04 16.17 18.98
C PRO C 41 5.20 15.21 19.15
N GLY C 42 6.40 15.70 18.84
CA GLY C 42 7.59 14.87 18.90
C GLY C 42 7.67 13.80 17.86
N LYS C 43 7.04 14.00 16.70
CA LYS C 43 7.08 13.06 15.60
C LYS C 43 7.50 13.76 14.32
N GLY C 44 7.70 12.98 13.27
CA GLY C 44 8.07 13.52 11.98
C GLY C 44 6.91 14.22 11.30
N LEU C 45 7.25 14.96 10.25
CA LEU C 45 6.23 15.65 9.46
C LEU C 45 5.48 14.65 8.59
N GLU C 46 4.20 14.94 8.35
CA GLU C 46 3.35 14.11 7.50
C GLU C 46 2.56 15.00 6.57
N TRP C 47 2.79 14.85 5.26
CA TRP C 47 2.04 15.59 4.26
C TRP C 47 0.60 15.11 4.23
N VAL C 48 -0.35 16.05 4.28
CA VAL C 48 -1.76 15.69 4.29
C VAL C 48 -2.37 15.86 2.91
N ALA C 49 -2.36 17.08 2.37
CA ALA C 49 -3.10 17.30 1.13
C ALA C 49 -2.63 18.55 0.40
N ILE C 50 -2.98 18.62 -0.89
CA ILE C 50 -2.73 19.78 -1.74
C ILE C 50 -4.01 20.14 -2.48
N ILE C 51 -4.18 21.45 -2.69
CA ILE C 51 -5.12 21.99 -3.66
C ILE C 51 -4.40 23.02 -4.49
N TRP C 52 -4.60 22.96 -5.81
CA TRP C 52 -3.87 23.84 -6.72
C TRP C 52 -4.34 25.28 -6.58
N ASP C 53 -3.68 26.17 -7.30
CA ASP C 53 -3.97 27.60 -7.22
C ASP C 53 -5.43 27.89 -7.58
N ASP C 54 -5.95 27.24 -8.61
CA ASP C 54 -7.28 27.49 -9.10
C ASP C 54 -8.31 26.48 -8.60
N GLY C 55 -7.89 25.50 -7.81
CA GLY C 55 -8.81 24.50 -7.33
C GLY C 55 -9.21 23.46 -8.35
N SER C 56 -8.56 23.43 -9.52
CA SER C 56 -8.84 22.43 -10.54
C SER C 56 -8.78 21.01 -9.97
N ASP C 57 -7.70 20.71 -9.25
CA ASP C 57 -7.49 19.37 -8.70
C ASP C 57 -7.10 19.47 -7.24
N GLN C 58 -7.36 18.39 -6.51
CA GLN C 58 -6.90 18.22 -5.14
C GLN C 58 -6.37 16.81 -4.98
N TYR C 59 -5.37 16.66 -4.12
CA TYR C 59 -4.78 15.34 -3.89
C TYR C 59 -4.45 15.15 -2.43
N TYR C 60 -4.82 13.99 -1.90
CA TYR C 60 -4.75 13.69 -0.48
C TYR C 60 -3.83 12.49 -0.24
N ALA C 61 -3.28 12.43 0.96
CA ALA C 61 -2.49 11.26 1.36
C ALA C 61 -3.42 10.09 1.65
N ASP C 62 -2.86 8.88 1.55
CA ASP C 62 -3.64 7.66 1.73
C ASP C 62 -4.29 7.59 3.11
N SER C 63 -3.63 8.16 4.13
CA SER C 63 -4.13 8.06 5.50
C SER C 63 -5.44 8.82 5.71
N VAL C 64 -5.77 9.77 4.84
CA VAL C 64 -6.94 10.61 5.05
C VAL C 64 -7.87 10.58 3.84
N LYS C 65 -7.63 9.64 2.93
CA LYS C 65 -8.50 9.49 1.76
C LYS C 65 -9.92 9.18 2.20
N GLY C 66 -10.88 9.92 1.66
CA GLY C 66 -12.28 9.73 1.99
C GLY C 66 -12.69 10.25 3.35
N ARG C 67 -11.78 10.85 4.11
CA ARG C 67 -12.08 11.40 5.41
C ARG C 67 -11.91 12.91 5.47
N PHE C 68 -10.86 13.44 4.86
CA PHE C 68 -10.64 14.89 4.81
C PHE C 68 -10.99 15.44 3.44
N THR C 69 -11.22 16.75 3.39
CA THR C 69 -11.57 17.43 2.14
C THR C 69 -10.97 18.83 2.19
N ILE C 70 -10.13 19.15 1.21
CA ILE C 70 -9.47 20.44 1.14
C ILE C 70 -10.17 21.32 0.11
N SER C 71 -10.24 22.62 0.38
CA SER C 71 -10.87 23.55 -0.54
C SER C 71 -10.34 24.95 -0.25
N ARG C 72 -10.73 25.91 -1.10
CA ARG C 72 -10.21 27.26 -0.93
C ARG C 72 -11.16 28.26 -1.57
N ASP C 73 -11.17 29.47 -1.02
CA ASP C 73 -11.84 30.62 -1.61
C ASP C 73 -10.76 31.65 -1.95
N ASN C 74 -10.56 31.87 -3.26
CA ASN C 74 -9.57 32.84 -3.72
C ASN C 74 -10.06 34.27 -3.53
N SER C 75 -11.37 34.50 -3.63
CA SER C 75 -11.93 35.82 -3.40
C SER C 75 -11.88 36.24 -1.94
N LYS C 76 -11.39 35.37 -1.06
CA LYS C 76 -11.17 35.71 0.34
C LYS C 76 -9.74 35.43 0.79
N ASN C 77 -8.90 34.87 -0.08
CA ASN C 77 -7.55 34.41 0.28
C ASN C 77 -7.60 33.46 1.46
N THR C 78 -8.50 32.47 1.39
CA THR C 78 -8.73 31.58 2.51
C THR C 78 -8.67 30.12 2.06
N LEU C 79 -8.16 29.27 2.95
CA LEU C 79 -8.00 27.85 2.71
C LEU C 79 -8.72 27.08 3.81
N PHE C 80 -9.53 26.09 3.44
CA PHE C 80 -10.25 25.26 4.39
C PHE C 80 -9.80 23.82 4.29
N LEU C 81 -9.72 23.17 5.44
CA LEU C 81 -9.53 21.72 5.56
C LEU C 81 -10.65 21.18 6.42
N GLN C 82 -11.57 20.44 5.81
CA GLN C 82 -12.70 19.83 6.50
C GLN C 82 -12.31 18.42 6.91
N MET C 83 -12.15 18.19 8.21
CA MET C 83 -11.80 16.88 8.73
C MET C 83 -13.05 16.24 9.31
N ASN C 84 -13.42 15.07 8.79
CA ASN C 84 -14.57 14.34 9.27
C ASN C 84 -14.12 12.98 9.80
N ARG C 85 -14.96 12.41 10.67
CA ARG C 85 -14.73 11.07 11.21
C ARG C 85 -13.34 10.97 11.84
N LEU C 86 -13.08 11.88 12.78
CA LEU C 86 -11.75 12.04 13.31
C LEU C 86 -11.38 10.90 14.26
N ARG C 87 -10.09 10.78 14.53
CA ARG C 87 -9.54 9.76 15.41
C ARG C 87 -8.42 10.38 16.23
N ALA C 88 -8.03 9.69 17.29
CA ALA C 88 -6.91 10.14 18.10
C ALA C 88 -5.61 10.18 17.31
N GLU C 89 -5.50 9.31 16.29
CA GLU C 89 -4.32 9.31 15.43
C GLU C 89 -4.08 10.67 14.78
N ASP C 90 -5.15 11.43 14.53
CA ASP C 90 -5.07 12.72 13.86
C ASP C 90 -4.77 13.88 14.81
N THR C 91 -4.48 13.60 16.08
CA THR C 91 -4.08 14.65 17.01
C THR C 91 -2.68 15.13 16.67
N ALA C 92 -2.57 16.36 16.19
CA ALA C 92 -1.28 16.87 15.72
C ALA C 92 -1.38 18.38 15.48
N LEU C 93 -0.22 18.97 15.22
CA LEU C 93 -0.13 20.37 14.79
C LEU C 93 -0.24 20.42 13.28
N TYR C 94 -1.19 21.18 12.77
CA TYR C 94 -1.49 21.27 11.34
C TYR C 94 -0.95 22.60 10.82
N TYR C 95 0.07 22.52 9.96
CA TYR C 95 0.64 23.67 9.29
C TYR C 95 -0.05 23.84 7.94
N CYS C 96 -0.55 25.05 7.71
CA CYS C 96 -1.00 25.49 6.39
C CYS C 96 0.17 26.13 5.68
N VAL C 97 0.58 25.56 4.54
CA VAL C 97 1.75 26.02 3.84
C VAL C 97 1.39 26.29 2.38
N GLY C 98 2.25 27.04 1.70
CA GLY C 98 1.96 27.45 0.34
C GLY C 98 3.18 27.56 -0.54
N GLY C 99 3.15 26.89 -1.69
CA GLY C 99 4.22 26.98 -2.68
C GLY C 99 3.75 27.76 -3.90
N SER C 100 4.62 28.63 -4.39
CA SER C 100 4.31 29.41 -5.58
C SER C 100 4.44 28.54 -6.82
N SER C 101 3.50 28.70 -7.76
CA SER C 101 3.44 27.84 -8.92
C SER C 101 4.16 28.43 -10.14
N ALA C 102 4.73 29.62 -10.02
CA ALA C 102 5.47 30.21 -11.13
C ALA C 102 6.82 29.54 -11.26
N TYR C 103 7.15 29.08 -12.47
CA TYR C 103 8.42 28.41 -12.71
C TYR C 103 9.35 29.31 -13.53
N ASN C 104 9.11 29.38 -14.84
CA ASN C 104 9.96 30.15 -15.73
C ASN C 104 9.97 31.62 -15.39
N GLY C 105 9.01 32.08 -14.59
CA GLY C 105 8.94 33.49 -14.23
C GLY C 105 7.90 34.20 -15.07
N ASP C 106 6.65 34.17 -14.63
CA ASP C 106 5.51 34.74 -15.35
C ASP C 106 5.33 34.08 -16.73
N ASN C 107 5.98 32.94 -16.95
CA ASN C 107 5.87 32.23 -18.21
C ASN C 107 5.44 30.79 -17.97
N GLY C 108 6.14 30.11 -17.07
CA GLY C 108 5.83 28.73 -16.77
C GLY C 108 4.72 28.58 -15.75
N TRP C 109 4.19 27.36 -15.71
CA TRP C 109 3.29 26.91 -14.66
C TRP C 109 3.71 25.51 -14.27
N ARG C 110 3.65 25.22 -12.97
CA ARG C 110 4.28 24.03 -12.42
C ARG C 110 3.36 23.36 -11.43
N GLU C 111 3.29 22.02 -11.50
CA GLU C 111 2.52 21.27 -10.51
C GLU C 111 3.32 21.07 -9.23
N ALA C 112 4.57 20.61 -9.36
CA ALA C 112 5.42 20.31 -8.21
C ALA C 112 6.03 21.60 -7.67
N ALA C 113 5.17 22.42 -7.07
CA ALA C 113 5.51 23.79 -6.71
C ALA C 113 6.45 23.90 -5.50
N SER C 114 6.83 22.78 -4.89
CA SER C 114 7.64 22.77 -3.66
C SER C 114 6.92 23.47 -2.51
N LEU C 115 7.52 23.47 -1.33
CA LEU C 115 6.90 24.00 -0.13
C LEU C 115 7.70 25.21 0.34
N ASP C 116 7.35 26.38 -0.18
CA ASP C 116 8.14 27.59 0.09
C ASP C 116 7.81 28.17 1.45
N ASP C 117 6.61 28.73 1.60
CA ASP C 117 6.24 29.51 2.78
C ASP C 117 5.40 28.66 3.73
N TRP C 118 5.78 28.66 5.01
CA TRP C 118 5.10 27.89 6.04
C TRP C 118 4.44 28.82 7.04
N GLY C 119 3.22 28.47 7.46
CA GLY C 119 2.55 29.18 8.52
C GLY C 119 2.93 28.65 9.90
N GLN C 120 2.41 29.32 10.92
CA GLN C 120 2.69 28.90 12.29
C GLN C 120 2.01 27.58 12.62
N GLY C 121 0.81 27.36 12.11
CA GLY C 121 0.10 26.12 12.35
C GLY C 121 -0.78 26.18 13.59
N THR C 122 -1.87 25.40 13.56
CA THR C 122 -2.79 25.31 14.68
C THR C 122 -2.88 23.87 15.16
N LEU C 123 -3.09 23.69 16.46
CA LEU C 123 -3.04 22.38 17.09
C LEU C 123 -4.44 21.79 17.18
N VAL C 124 -4.59 20.54 16.73
CA VAL C 124 -5.85 19.80 16.83
C VAL C 124 -5.64 18.63 17.77
N THR C 125 -6.36 18.65 18.89
CA THR C 125 -6.33 17.58 19.88
C THR C 125 -7.62 16.78 19.79
N VAL C 126 -7.50 15.46 19.61
CA VAL C 126 -8.68 14.61 19.51
C VAL C 126 -8.81 13.82 20.80
N SER C 127 -9.41 14.43 21.82
CA SER C 127 -9.64 13.79 23.11
C SER C 127 -11.10 13.94 23.50
N SER C 128 -11.60 12.96 24.23
CA SER C 128 -12.97 13.01 24.75
C SER C 128 -13.09 13.87 26.00
N ALA C 129 -11.98 14.23 26.64
CA ALA C 129 -12.04 15.05 27.83
C ALA C 129 -12.36 16.51 27.46
N SER C 130 -12.83 17.25 28.46
CA SER C 130 -13.28 18.62 28.25
C SER C 130 -12.12 19.60 28.43
N THR C 131 -12.36 20.84 28.00
CA THR C 131 -11.38 21.91 28.16
C THR C 131 -11.44 22.45 29.59
N LYS C 132 -10.29 22.54 30.24
CA LYS C 132 -10.18 23.08 31.59
C LYS C 132 -9.39 24.37 31.56
N GLY C 133 -9.90 25.39 32.24
CA GLY C 133 -9.23 26.66 32.32
C GLY C 133 -8.06 26.62 33.28
N PRO C 134 -7.04 27.44 33.01
CA PRO C 134 -5.86 27.45 33.87
C PRO C 134 -6.03 28.41 35.05
N SER C 135 -5.16 28.21 36.04
CA SER C 135 -5.10 29.09 37.20
C SER C 135 -3.76 29.83 37.20
N VAL C 136 -3.81 31.15 37.26
CA VAL C 136 -2.62 31.98 37.14
C VAL C 136 -2.23 32.47 38.52
N PHE C 137 -1.04 32.08 38.97
CA PHE C 137 -0.48 32.51 40.25
C PHE C 137 0.85 33.22 40.04
N PRO C 138 1.18 34.21 40.87
CA PRO C 138 2.44 34.92 40.73
C PRO C 138 3.59 34.22 41.45
N LEU C 139 4.81 34.59 41.04
CA LEU C 139 6.05 34.09 41.66
C LEU C 139 6.97 35.28 41.85
N ALA C 140 6.97 35.84 43.06
CA ALA C 140 7.73 37.03 43.39
C ALA C 140 9.21 36.70 43.55
N PRO C 141 10.09 37.69 43.41
CA PRO C 141 11.52 37.45 43.62
C PRO C 141 11.83 37.17 45.09
N SER C 142 12.99 36.55 45.31
CA SER C 142 13.39 36.05 46.62
C SER C 142 13.44 37.18 47.65
N SER C 143 13.37 36.79 48.92
CA SER C 143 13.44 37.73 50.03
C SER C 143 14.86 38.22 50.33
N LYS C 144 15.85 37.81 49.54
CA LYS C 144 17.20 38.36 49.67
C LYS C 144 17.77 38.72 48.29
N SER C 145 16.91 39.03 47.34
CA SER C 145 17.31 39.50 46.02
C SER C 145 16.87 40.92 45.71
N THR C 146 16.01 41.52 46.54
CA THR C 146 15.63 42.91 46.36
C THR C 146 16.85 43.83 46.44
N SER C 147 17.80 43.52 47.30
CA SER C 147 19.03 44.32 47.46
C SER C 147 20.17 43.56 46.79
N GLY C 148 20.51 43.97 45.57
CA GLY C 148 21.57 43.33 44.83
C GLY C 148 21.73 43.82 43.40
N GLY C 149 21.91 42.89 42.47
CA GLY C 149 22.10 43.26 41.08
C GLY C 149 21.00 42.79 40.15
N THR C 150 20.67 41.51 40.20
CA THR C 150 19.64 40.95 39.32
C THR C 150 18.80 39.93 40.07
N ALA C 151 17.57 39.76 39.61
CA ALA C 151 16.62 38.85 40.25
C ALA C 151 15.66 38.31 39.20
N ALA C 152 15.08 37.15 39.49
CA ALA C 152 14.13 36.50 38.60
C ALA C 152 12.73 36.53 39.19
N LEU C 153 11.72 36.67 38.33
CA LEU C 153 10.34 36.71 38.76
C LEU C 153 9.46 36.13 37.66
N GLY C 154 8.36 35.50 38.05
CA GLY C 154 7.62 34.78 37.03
C GLY C 154 6.15 34.56 37.33
N CYS C 155 5.52 33.79 36.44
CA CYS C 155 4.11 33.43 36.53
C CYS C 155 3.98 31.92 36.40
N LEU C 156 3.06 31.36 37.18
CA LEU C 156 2.74 29.93 37.17
C LEU C 156 1.34 29.74 36.62
N VAL C 157 1.18 28.78 35.72
CA VAL C 157 -0.07 28.48 35.06
C VAL C 157 -0.39 27.02 35.40
N LYS C 158 -1.28 26.83 36.39
CA LYS C 158 -1.55 25.52 36.97
C LYS C 158 -2.80 24.90 36.37
N ASP C 159 -2.71 23.60 36.08
CA ASP C 159 -3.84 22.73 35.77
C ASP C 159 -4.75 23.27 34.67
N TYR C 160 -4.37 23.00 33.42
CA TYR C 160 -5.21 23.35 32.27
C TYR C 160 -5.21 22.19 31.29
N PHE C 161 -6.13 22.26 30.32
CA PHE C 161 -6.22 21.28 29.24
C PHE C 161 -7.05 21.88 28.13
N PRO C 162 -6.62 21.75 26.86
CA PRO C 162 -5.34 21.15 26.49
C PRO C 162 -4.28 22.20 26.15
N GLU C 163 -3.16 21.77 25.57
CA GLU C 163 -2.21 22.71 25.01
C GLU C 163 -2.85 23.47 23.85
N PRO C 164 -2.34 24.67 23.52
CA PRO C 164 -1.27 25.40 24.20
C PRO C 164 -1.74 26.60 25.00
N VAL C 165 -0.88 27.10 25.89
CA VAL C 165 -1.06 28.40 26.50
C VAL C 165 0.03 29.32 25.99
N THR C 166 -0.19 30.62 26.12
CA THR C 166 0.78 31.61 25.66
C THR C 166 0.92 32.69 26.71
N VAL C 167 2.16 33.15 26.91
CA VAL C 167 2.47 34.14 27.93
C VAL C 167 3.34 35.23 27.31
N SER C 168 2.87 36.47 27.40
CA SER C 168 3.65 37.65 27.08
C SER C 168 3.95 38.40 28.37
N TRP C 169 4.68 39.50 28.27
CA TRP C 169 5.01 40.30 29.44
C TRP C 169 4.87 41.78 29.10
N ASN C 170 4.17 42.51 29.97
CA ASN C 170 3.83 43.91 29.75
C ASN C 170 3.08 44.07 28.44
N SER C 171 2.02 43.26 28.28
CA SER C 171 1.20 43.20 27.07
C SER C 171 2.00 42.78 25.84
N GLY C 172 3.19 42.22 26.05
CA GLY C 172 4.09 41.91 24.96
C GLY C 172 5.17 42.93 24.70
N ALA C 173 5.46 43.81 25.66
CA ALA C 173 6.49 44.83 25.51
C ALA C 173 7.74 44.50 26.34
N LEU C 174 8.07 43.20 26.42
CA LEU C 174 9.25 42.74 27.13
C LEU C 174 9.53 41.28 26.79
N THR C 175 10.62 41.03 26.05
CA THR C 175 11.01 39.67 25.74
C THR C 175 12.51 39.44 25.92
N SER C 176 13.28 40.44 26.31
CA SER C 176 14.70 40.28 26.55
C SER C 176 14.90 39.68 27.93
N GLY C 177 15.30 38.41 27.97
CA GLY C 177 15.48 37.70 29.22
C GLY C 177 14.30 36.89 29.68
N VAL C 178 13.31 36.65 28.82
CA VAL C 178 12.13 35.89 29.16
C VAL C 178 12.36 34.44 28.79
N HIS C 179 11.96 33.52 29.69
CA HIS C 179 12.09 32.09 29.48
C HIS C 179 10.75 31.46 29.85
N THR C 180 9.99 31.05 28.82
CA THR C 180 8.77 30.28 29.01
C THR C 180 9.13 28.80 28.92
N PHE C 181 9.02 28.09 30.04
CA PHE C 181 9.43 26.69 30.06
C PHE C 181 8.36 25.80 29.45
N PRO C 182 8.74 24.65 28.91
CA PRO C 182 7.75 23.69 28.42
C PRO C 182 6.86 23.19 29.54
N ALA C 183 5.61 22.89 29.20
CA ALA C 183 4.65 22.43 30.18
C ALA C 183 4.99 21.02 30.65
N VAL C 184 4.29 20.58 31.70
CA VAL C 184 4.47 19.26 32.29
C VAL C 184 3.14 18.52 32.23
N LEU C 185 3.18 17.28 31.74
CA LEU C 185 2.00 16.42 31.76
C LEU C 185 1.87 15.81 33.14
N GLN C 186 0.93 16.34 33.93
CA GLN C 186 0.68 15.80 35.25
C GLN C 186 0.03 14.43 35.17
N SER C 187 0.20 13.64 36.24
CA SER C 187 -0.47 12.35 36.33
C SER C 187 -1.97 12.49 36.22
N SER C 188 -2.53 13.59 36.76
CA SER C 188 -3.96 13.84 36.62
C SER C 188 -4.36 14.04 35.16
N GLY C 189 -3.42 14.46 34.32
CA GLY C 189 -3.68 14.69 32.91
C GLY C 189 -3.68 16.14 32.50
N LEU C 190 -3.67 17.07 33.46
CA LEU C 190 -3.67 18.49 33.17
C LEU C 190 -2.24 18.99 33.00
N TYR C 191 -2.08 20.00 32.16
CA TYR C 191 -0.77 20.61 31.93
C TYR C 191 -0.54 21.76 32.92
N SER C 192 0.74 22.06 33.13
CA SER C 192 1.15 23.15 34.02
C SER C 192 2.45 23.74 33.48
N LEU C 193 2.59 25.05 33.60
CA LEU C 193 3.66 25.76 32.91
C LEU C 193 4.14 26.92 33.78
N SER C 194 5.33 27.41 33.48
CA SER C 194 5.87 28.58 34.15
C SER C 194 6.56 29.48 33.12
N SER C 195 6.63 30.76 33.44
CA SER C 195 7.30 31.74 32.58
C SER C 195 8.00 32.76 33.45
N VAL C 196 9.32 32.89 33.30
CA VAL C 196 10.13 33.68 34.21
C VAL C 196 10.95 34.70 33.42
N VAL C 197 10.97 35.94 33.92
CA VAL C 197 11.79 37.01 33.37
C VAL C 197 12.86 37.37 34.40
N THR C 198 14.09 37.56 33.91
CA THR C 198 15.17 38.10 34.73
C THR C 198 15.22 39.61 34.56
N VAL C 199 15.47 40.31 35.65
CA VAL C 199 15.44 41.77 35.68
C VAL C 199 16.59 42.27 36.54
N PRO C 200 16.97 43.53 36.40
CA PRO C 200 17.94 44.11 37.32
C PRO C 200 17.28 44.50 38.64
N SER C 201 17.99 44.20 39.74
CA SER C 201 17.47 44.53 41.07
C SER C 201 17.18 46.02 41.24
N SER C 202 17.79 46.87 40.42
CA SER C 202 17.56 48.31 40.53
C SER C 202 16.10 48.66 40.31
N SER C 203 15.52 48.19 39.21
CA SER C 203 14.15 48.54 38.85
C SER C 203 13.18 47.45 39.32
N LEU C 204 13.01 47.40 40.64
CA LEU C 204 12.00 46.55 41.27
C LEU C 204 10.81 47.34 41.78
N GLY C 205 11.07 48.39 42.58
CA GLY C 205 9.98 49.26 43.00
C GLY C 205 9.51 50.21 41.93
N THR C 206 10.37 50.53 40.96
CA THR C 206 9.99 51.47 39.90
C THR C 206 9.20 50.79 38.79
N GLN C 207 9.83 49.83 38.11
CA GLN C 207 9.19 49.18 36.97
C GLN C 207 8.16 48.16 37.44
N THR C 208 7.05 48.06 36.72
CA THR C 208 5.98 47.12 37.02
C THR C 208 5.93 46.04 35.95
N TYR C 209 5.54 44.83 36.38
CA TYR C 209 5.55 43.66 35.53
C TYR C 209 4.17 43.01 35.54
N ILE C 210 3.63 42.78 34.35
CA ILE C 210 2.35 42.09 34.17
C ILE C 210 2.56 40.98 33.15
N CYS C 211 2.36 39.74 33.57
CA CYS C 211 2.39 38.61 32.66
C CYS C 211 1.00 38.43 32.05
N ASN C 212 0.94 38.29 30.74
CA ASN C 212 -0.31 38.20 29.99
C ASN C 212 -0.45 36.75 29.52
N VAL C 213 -1.30 36.00 30.21
CA VAL C 213 -1.54 34.59 29.91
C VAL C 213 -2.80 34.49 29.06
N ASN C 214 -2.79 33.55 28.10
CA ASN C 214 -3.97 33.29 27.29
C ASN C 214 -4.04 31.80 26.98
N HIS C 215 -5.24 31.23 27.14
CA HIS C 215 -5.56 29.85 26.78
C HIS C 215 -6.85 29.92 25.98
N LYS C 216 -6.72 30.15 24.68
CA LYS C 216 -7.90 30.39 23.85
C LYS C 216 -8.89 29.24 23.78
N PRO C 217 -8.49 27.95 23.85
CA PRO C 217 -9.51 26.89 23.93
C PRO C 217 -10.59 27.15 24.97
N SER C 218 -10.19 27.45 26.21
CA SER C 218 -11.15 27.83 27.25
C SER C 218 -11.50 29.31 27.23
N ASN C 219 -10.85 30.10 26.39
CA ASN C 219 -11.08 31.53 26.26
C ASN C 219 -10.71 32.29 27.53
N THR C 220 -9.71 31.80 28.25
CA THR C 220 -9.19 32.47 29.43
C THR C 220 -8.13 33.48 29.03
N LYS C 221 -8.06 34.58 29.78
CA LYS C 221 -7.10 35.63 29.50
C LYS C 221 -6.81 36.48 30.73
N VAL C 222 -6.28 35.85 31.78
CA VAL C 222 -5.94 36.56 33.00
C VAL C 222 -4.57 37.20 32.83
N ASP C 223 -4.42 38.42 33.35
CA ASP C 223 -3.17 39.18 33.24
C ASP C 223 -2.73 39.55 34.65
N LYS C 224 -2.08 38.60 35.32
CA LYS C 224 -1.65 38.81 36.69
C LYS C 224 -0.44 39.75 36.76
N LYS C 225 -0.22 40.29 37.95
CA LYS C 225 0.88 41.19 38.25
C LYS C 225 1.75 40.59 39.35
N VAL C 226 3.01 41.01 39.40
CA VAL C 226 3.98 40.54 40.39
C VAL C 226 4.85 41.72 40.82
N GLU C 227 4.86 42.02 42.13
CA GLU C 227 5.62 43.14 42.68
C GLU C 227 6.59 42.70 43.77
N PRO C 228 7.71 43.43 43.94
CA PRO C 228 8.72 43.05 44.94
C PRO C 228 8.18 43.00 46.36
N LYS C 229 8.90 42.28 47.22
CA LYS C 229 8.47 42.13 48.60
C LYS C 229 9.68 42.12 49.55
N SER C 230 9.60 42.92 50.61
CA SER C 230 10.60 42.93 51.67
C SER C 230 9.99 42.30 52.92
N CYS C 231 9.79 40.99 52.88
CA CYS C 231 9.08 40.30 53.95
C CYS C 231 9.65 38.91 54.22
N SER D 2 -0.76 -5.52 4.45
CA SER D 2 0.59 -6.07 4.44
C SER D 2 0.97 -6.59 5.82
N ALA D 3 0.47 -5.94 6.86
CA ALA D 3 0.74 -6.35 8.23
C ALA D 3 -0.54 -6.27 9.05
N LEU D 4 -0.71 -7.23 9.95
CA LEU D 4 -1.79 -7.22 10.92
C LEU D 4 -1.22 -6.82 12.27
N THR D 5 -1.86 -5.86 12.93
CA THR D 5 -1.30 -5.26 14.14
C THR D 5 -1.62 -6.14 15.34
N GLN D 6 -0.64 -6.91 15.74
CA GLN D 6 -0.62 -7.80 16.88
C GLN D 6 0.25 -7.19 17.96
N PRO D 7 0.02 -7.50 19.22
CA PRO D 7 0.85 -6.91 20.27
C PRO D 7 2.23 -7.56 20.22
N ALA D 8 3.18 -6.90 20.87
CA ALA D 8 4.53 -7.40 20.79
C ALA D 8 4.76 -8.49 21.83
N SER D 9 4.51 -8.18 23.09
CA SER D 9 4.58 -9.14 24.18
C SER D 9 3.30 -9.09 24.99
N VAL D 10 2.96 -10.22 25.60
CA VAL D 10 1.85 -10.34 26.54
C VAL D 10 2.33 -11.19 27.71
N SER D 11 2.07 -10.74 28.93
CA SER D 11 2.59 -11.38 30.12
C SER D 11 1.44 -11.73 31.05
N GLY D 12 1.45 -12.96 31.55
CA GLY D 12 0.42 -13.39 32.48
C GLY D 12 1.00 -14.37 33.48
N SER D 13 0.40 -14.40 34.66
CA SER D 13 0.76 -15.38 35.68
C SER D 13 0.09 -16.71 35.41
N PRO D 14 0.66 -17.81 35.91
CA PRO D 14 0.07 -19.13 35.66
C PRO D 14 -1.34 -19.23 36.20
N GLY D 15 -2.21 -19.89 35.44
CA GLY D 15 -3.63 -20.01 35.76
C GLY D 15 -4.48 -18.94 35.12
N GLN D 16 -3.97 -17.70 35.06
CA GLN D 16 -4.73 -16.59 34.51
C GLN D 16 -5.09 -16.84 33.04
N SER D 17 -6.03 -16.05 32.55
CA SER D 17 -6.39 -16.02 31.14
C SER D 17 -5.80 -14.77 30.49
N ILE D 18 -5.19 -14.94 29.32
CA ILE D 18 -4.58 -13.83 28.61
C ILE D 18 -5.15 -13.74 27.20
N THR D 19 -5.10 -12.54 26.64
CA THR D 19 -5.72 -12.23 25.36
C THR D 19 -4.72 -11.53 24.45
N ILE D 20 -4.79 -11.85 23.15
CA ILE D 20 -3.84 -11.36 22.16
C ILE D 20 -4.63 -10.73 21.01
N PHE D 21 -4.25 -9.50 20.63
CA PHE D 21 -4.80 -8.77 19.49
C PHE D 21 -4.74 -9.57 18.21
N CYS D 22 -5.45 -9.07 17.19
CA CYS D 22 -5.14 -9.29 15.79
C CYS D 22 -6.02 -8.36 14.96
N SER D 23 -5.64 -7.09 14.89
CA SER D 23 -6.50 -6.08 14.30
C SER D 23 -6.16 -5.89 12.83
N GLY D 24 -7.20 -5.74 12.01
CA GLY D 24 -7.03 -5.58 10.59
C GLY D 24 -8.04 -4.63 9.99
N SER D 25 -8.46 -4.90 8.76
CA SER D 25 -9.40 -4.06 8.04
C SER D 25 -10.63 -4.88 7.64
N SER D 26 -11.61 -4.18 7.08
CA SER D 26 -12.83 -4.82 6.58
C SER D 26 -12.54 -5.76 5.42
N ASN D 27 -11.29 -5.81 4.97
CA ASN D 27 -10.90 -6.62 3.82
C ASN D 27 -10.04 -7.82 4.23
N ASP D 28 -10.06 -8.20 5.50
CA ASP D 28 -9.26 -9.33 5.95
C ASP D 28 -9.88 -9.98 7.19
N VAL D 29 -9.86 -9.27 8.32
CA VAL D 29 -10.46 -9.80 9.53
C VAL D 29 -11.96 -9.56 9.54
N GLY D 30 -12.38 -8.32 9.27
CA GLY D 30 -13.79 -7.98 9.24
C GLY D 30 -14.54 -8.45 8.02
N GLY D 31 -13.84 -8.90 6.98
CA GLY D 31 -14.51 -9.30 5.77
C GLY D 31 -14.82 -10.77 5.67
N TYR D 32 -14.17 -11.58 6.50
CA TYR D 32 -14.33 -13.03 6.43
C TYR D 32 -14.19 -13.65 7.80
N ASN D 33 -14.63 -14.90 7.90
CA ASN D 33 -14.37 -15.72 9.08
C ASN D 33 -13.28 -16.75 8.78
N TYR D 34 -12.13 -16.23 8.34
CA TYR D 34 -11.02 -17.08 7.91
C TYR D 34 -9.72 -16.76 8.65
N VAL D 35 -9.79 -16.19 9.84
CA VAL D 35 -8.59 -15.88 10.61
C VAL D 35 -8.15 -17.13 11.36
N SER D 36 -6.85 -17.43 11.28
CA SER D 36 -6.26 -18.57 11.95
C SER D 36 -5.23 -18.08 12.95
N TRP D 37 -4.83 -18.98 13.84
CA TRP D 37 -3.80 -18.74 14.85
C TRP D 37 -2.84 -19.91 14.85
N TYR D 38 -1.54 -19.58 14.83
CA TYR D 38 -0.46 -20.56 14.79
C TYR D 38 0.47 -20.32 15.96
N GLN D 39 0.94 -21.42 16.55
CA GLN D 39 1.91 -21.40 17.64
C GLN D 39 3.25 -21.90 17.12
N GLN D 40 4.30 -21.13 17.38
CA GLN D 40 5.66 -21.48 16.99
C GLN D 40 6.52 -21.53 18.25
N TYR D 41 7.05 -22.72 18.54
CA TYR D 41 8.09 -22.84 19.55
C TYR D 41 9.43 -22.46 18.94
N PRO D 42 10.37 -21.94 19.75
CA PRO D 42 11.64 -21.47 19.19
C PRO D 42 12.39 -22.59 18.49
N GLY D 43 12.74 -22.34 17.23
CA GLY D 43 13.46 -23.32 16.44
C GLY D 43 12.64 -24.52 16.01
N LYS D 44 11.32 -24.37 15.93
CA LYS D 44 10.45 -25.42 15.44
C LYS D 44 9.46 -24.86 14.43
N VAL D 45 8.75 -25.76 13.76
CA VAL D 45 7.79 -25.40 12.73
C VAL D 45 6.53 -24.86 13.38
N PRO D 46 5.93 -23.79 12.86
CA PRO D 46 4.66 -23.31 13.42
C PRO D 46 3.57 -24.36 13.34
N LYS D 47 2.67 -24.32 14.31
CA LYS D 47 1.59 -25.29 14.43
C LYS D 47 0.25 -24.57 14.44
N LEU D 48 -0.69 -25.07 13.65
CA LEU D 48 -2.02 -24.47 13.60
C LEU D 48 -2.76 -24.75 14.91
N LEU D 49 -3.09 -23.68 15.63
CA LEU D 49 -3.88 -23.79 16.85
C LEU D 49 -5.36 -23.56 16.59
N ILE D 50 -5.70 -22.51 15.86
CA ILE D 50 -7.08 -22.16 15.60
C ILE D 50 -7.25 -21.89 14.11
N TYR D 51 -8.40 -22.25 13.55
CA TYR D 51 -8.74 -21.88 12.19
C TYR D 51 -10.21 -21.51 12.13
N ASP D 52 -10.57 -20.73 11.12
CA ASP D 52 -11.93 -20.21 10.95
C ASP D 52 -12.45 -19.60 12.25
N VAL D 53 -11.68 -18.63 12.75
CA VAL D 53 -12.02 -17.80 13.90
C VAL D 53 -12.04 -18.59 15.21
N ASN D 54 -12.91 -19.60 15.31
CA ASN D 54 -13.17 -20.23 16.59
C ASN D 54 -13.03 -21.75 16.63
N SER D 55 -12.79 -22.41 15.50
CA SER D 55 -12.68 -23.86 15.49
C SER D 55 -11.23 -24.28 15.69
N ARG D 56 -11.04 -25.39 16.40
CA ARG D 56 -9.72 -25.93 16.69
C ARG D 56 -9.57 -27.32 16.09
N PRO D 57 -8.40 -27.65 15.56
CA PRO D 57 -8.20 -28.98 14.96
C PRO D 57 -8.04 -30.05 16.01
N SER D 58 -8.18 -31.30 15.56
CA SER D 58 -8.05 -32.45 16.45
C SER D 58 -6.67 -32.47 17.09
N GLY D 59 -6.65 -32.74 18.39
CA GLY D 59 -5.40 -32.78 19.13
C GLY D 59 -4.86 -31.42 19.52
N VAL D 60 -5.73 -30.48 19.86
CA VAL D 60 -5.31 -29.17 20.37
C VAL D 60 -6.03 -28.92 21.69
N SER D 61 -5.29 -28.43 22.68
CA SER D 61 -5.85 -28.18 24.00
C SER D 61 -7.00 -27.17 23.91
N ASN D 62 -8.08 -27.47 24.64
CA ASN D 62 -9.24 -26.59 24.73
C ASN D 62 -8.97 -25.33 25.54
N ARG D 63 -7.73 -25.12 25.98
CA ARG D 63 -7.36 -23.88 26.66
C ARG D 63 -7.29 -22.70 25.70
N PHE D 64 -7.21 -22.95 24.39
CA PHE D 64 -7.12 -21.90 23.39
C PHE D 64 -8.51 -21.64 22.83
N SER D 65 -8.95 -20.37 22.88
CA SER D 65 -10.23 -19.98 22.33
C SER D 65 -10.03 -18.79 21.39
N GLY D 66 -10.85 -18.74 20.34
CA GLY D 66 -10.73 -17.68 19.36
C GLY D 66 -11.98 -16.85 19.20
N SER D 67 -11.89 -15.56 19.51
CA SER D 67 -12.99 -14.63 19.33
C SER D 67 -12.69 -13.66 18.19
N LYS D 68 -13.73 -12.99 17.73
CA LYS D 68 -13.57 -11.92 16.75
C LYS D 68 -14.71 -10.92 16.92
N SER D 69 -14.38 -9.63 16.80
CA SER D 69 -15.36 -8.57 16.91
C SER D 69 -14.97 -7.46 15.94
N GLY D 70 -15.89 -7.12 15.05
CA GLY D 70 -15.62 -6.09 14.06
C GLY D 70 -14.41 -6.48 13.21
N ASN D 71 -13.39 -5.63 13.25
CA ASN D 71 -12.17 -5.84 12.48
C ASN D 71 -11.02 -6.35 13.35
N THR D 72 -11.30 -6.85 14.54
CA THR D 72 -10.26 -7.25 15.47
C THR D 72 -10.55 -8.66 15.99
N ALA D 73 -9.63 -9.58 15.74
CA ALA D 73 -9.72 -10.93 16.28
C ALA D 73 -8.84 -11.05 17.51
N SER D 74 -9.22 -11.95 18.42
CA SER D 74 -8.55 -12.12 19.69
C SER D 74 -8.32 -13.60 19.95
N LEU D 75 -7.12 -13.91 20.44
CA LEU D 75 -6.81 -15.27 20.90
C LEU D 75 -6.68 -15.27 22.41
N THR D 76 -7.44 -16.13 23.07
CA THR D 76 -7.44 -16.22 24.53
C THR D 76 -6.83 -17.55 24.95
N ILE D 77 -5.78 -17.48 25.75
CA ILE D 77 -5.16 -18.64 26.38
C ILE D 77 -5.59 -18.64 27.83
N SER D 78 -6.46 -19.58 28.19
CA SER D 78 -6.97 -19.72 29.54
C SER D 78 -6.23 -20.83 30.26
N GLY D 79 -5.99 -20.65 31.56
CA GLY D 79 -5.20 -21.58 32.31
C GLY D 79 -3.75 -21.59 31.83
N LEU D 80 -3.03 -20.51 32.11
CA LEU D 80 -1.67 -20.36 31.61
C LEU D 80 -0.75 -21.42 32.21
N GLN D 81 0.11 -21.98 31.36
CA GLN D 81 1.08 -22.97 31.77
C GLN D 81 2.43 -22.61 31.18
N ALA D 82 3.49 -23.22 31.74
CA ALA D 82 4.83 -23.04 31.18
C ALA D 82 4.90 -23.47 29.72
N GLU D 83 4.07 -24.46 29.33
CA GLU D 83 4.09 -24.94 27.96
C GLU D 83 3.68 -23.87 26.95
N ASP D 84 2.99 -22.81 27.39
CA ASP D 84 2.49 -21.78 26.51
C ASP D 84 3.50 -20.68 26.22
N GLU D 85 4.72 -20.78 26.74
CA GLU D 85 5.77 -19.80 26.45
C GLU D 85 6.24 -19.99 25.02
N ALA D 86 5.82 -19.10 24.12
CA ALA D 86 6.12 -19.28 22.70
C ALA D 86 5.64 -18.11 21.84
N ASP D 87 5.88 -18.16 20.54
CA ASP D 87 5.41 -17.13 19.62
C ASP D 87 4.04 -17.53 19.06
N TYR D 88 3.18 -16.53 18.88
CA TYR D 88 1.83 -16.75 18.38
C TYR D 88 1.55 -15.76 17.25
N TYR D 89 1.16 -16.28 16.10
CA TYR D 89 0.82 -15.47 14.95
C TYR D 89 -0.65 -15.66 14.58
N CYS D 90 -1.24 -14.62 14.02
CA CYS D 90 -2.55 -14.72 13.40
C CYS D 90 -2.43 -14.52 11.89
N SER D 91 -3.28 -15.21 11.15
CA SER D 91 -3.32 -15.11 9.70
C SER D 91 -4.75 -14.88 9.25
N SER D 92 -4.90 -14.38 8.03
CA SER D 92 -6.23 -14.14 7.52
C SER D 92 -6.22 -14.15 6.00
N TYR D 93 -7.32 -14.66 5.44
CA TYR D 93 -7.66 -14.47 4.04
C TYR D 93 -7.92 -12.99 3.78
N THR D 94 -7.79 -12.60 2.51
CA THR D 94 -7.87 -11.19 2.14
C THR D 94 -8.83 -11.03 0.98
N SER D 95 -9.43 -9.84 0.89
CA SER D 95 -10.24 -9.48 -0.27
C SER D 95 -9.42 -9.48 -1.56
N ARG D 96 -8.10 -9.58 -1.45
CA ARG D 96 -7.19 -9.62 -2.58
C ARG D 96 -6.84 -11.04 -3.00
N ARG D 97 -7.62 -12.03 -2.53
CA ARG D 97 -7.37 -13.44 -2.78
C ARG D 97 -6.02 -13.89 -2.25
N THR D 98 -5.48 -13.19 -1.27
CA THR D 98 -4.18 -13.48 -0.68
C THR D 98 -4.35 -13.83 0.79
N TRP D 99 -3.24 -14.18 1.43
CA TRP D 99 -3.20 -14.40 2.86
C TRP D 99 -2.22 -13.42 3.51
N VAL D 100 -2.42 -13.16 4.79
CA VAL D 100 -1.58 -12.18 5.48
C VAL D 100 -1.43 -12.60 6.93
N PHE D 101 -0.20 -12.51 7.44
CA PHE D 101 0.14 -12.82 8.81
C PHE D 101 0.30 -11.54 9.62
N GLY D 102 0.23 -11.69 10.95
CA GLY D 102 0.45 -10.58 11.84
C GLY D 102 1.90 -10.47 12.28
N GLY D 103 2.20 -9.37 12.98
CA GLY D 103 3.54 -9.16 13.49
C GLY D 103 4.00 -10.28 14.42
N GLY D 104 3.09 -10.79 15.21
CA GLY D 104 3.44 -11.87 16.13
C GLY D 104 3.55 -11.37 17.55
N THR D 105 3.14 -12.23 18.48
CA THR D 105 3.19 -11.91 19.91
C THR D 105 3.95 -12.99 20.64
N ILE D 106 4.85 -12.60 21.53
CA ILE D 106 5.63 -13.54 22.33
C ILE D 106 4.97 -13.66 23.69
N VAL D 107 4.59 -14.88 24.06
CA VAL D 107 3.90 -15.15 25.32
C VAL D 107 4.92 -15.74 26.29
N THR D 108 5.08 -15.07 27.43
CA THR D 108 6.00 -15.44 28.50
C THR D 108 5.23 -15.60 29.80
N VAL D 109 5.53 -16.67 30.53
CA VAL D 109 4.82 -17.01 31.77
C VAL D 109 5.63 -16.50 32.94
N LEU D 110 5.02 -15.65 33.76
CA LEU D 110 5.69 -15.02 34.88
C LEU D 110 5.85 -16.01 36.04
N GLY D 111 6.62 -15.59 37.04
CA GLY D 111 6.81 -16.36 38.26
C GLY D 111 7.41 -17.73 38.05
N GLN D 112 8.43 -17.83 37.21
CA GLN D 112 9.02 -19.15 37.03
C GLN D 112 10.26 -19.30 37.91
N PRO D 113 10.48 -20.48 38.48
CA PRO D 113 11.61 -20.65 39.41
C PRO D 113 12.95 -20.46 38.73
N LYS D 114 13.90 -19.89 39.48
CA LYS D 114 15.23 -19.65 38.96
C LYS D 114 15.98 -20.96 38.74
N ALA D 115 16.76 -21.02 37.67
CA ALA D 115 17.54 -22.19 37.31
C ALA D 115 19.00 -21.79 37.16
N ASN D 116 19.88 -22.58 37.78
CA ASN D 116 21.32 -22.28 37.81
C ASN D 116 22.01 -22.90 36.59
N PRO D 117 22.97 -22.19 36.02
CA PRO D 117 23.58 -22.66 34.78
C PRO D 117 24.47 -23.88 35.00
N THR D 118 24.42 -24.79 34.03
CA THR D 118 25.35 -25.92 33.95
C THR D 118 26.38 -25.63 32.87
N VAL D 119 27.66 -25.70 33.24
CA VAL D 119 28.74 -25.25 32.39
C VAL D 119 29.63 -26.43 32.04
N THR D 120 29.86 -26.64 30.75
CA THR D 120 30.76 -27.67 30.25
C THR D 120 31.91 -26.98 29.54
N LEU D 121 33.13 -27.24 30.00
CA LEU D 121 34.33 -26.68 29.40
C LEU D 121 35.07 -27.76 28.63
N PHE D 122 35.58 -27.41 27.46
CA PHE D 122 36.31 -28.33 26.61
C PHE D 122 37.60 -27.69 26.14
N PRO D 123 38.74 -28.36 26.33
CA PRO D 123 40.02 -27.81 25.88
C PRO D 123 40.21 -28.07 24.39
N PRO D 124 41.19 -27.42 23.77
CA PRO D 124 41.43 -27.69 22.34
C PRO D 124 41.85 -29.13 22.12
N SER D 125 41.25 -29.76 21.12
CA SER D 125 41.63 -31.11 20.75
C SER D 125 43.03 -31.13 20.16
N SER D 126 43.64 -32.31 20.18
CA SER D 126 44.97 -32.46 19.59
C SER D 126 44.95 -32.13 18.09
N GLU D 127 43.85 -32.43 17.42
CA GLU D 127 43.73 -32.08 16.00
C GLU D 127 43.83 -30.57 15.79
N GLU D 128 43.02 -29.80 16.54
CA GLU D 128 43.07 -28.35 16.40
C GLU D 128 44.45 -27.80 16.73
N LEU D 129 45.08 -28.32 17.79
CA LEU D 129 46.45 -27.92 18.11
C LEU D 129 47.39 -28.18 16.95
N GLN D 130 47.25 -29.33 16.28
CA GLN D 130 48.08 -29.63 15.12
C GLN D 130 47.83 -28.68 13.96
N ALA D 131 46.67 -28.03 13.91
CA ALA D 131 46.31 -27.14 12.81
C ALA D 131 46.69 -25.68 13.06
N ASN D 132 47.55 -25.41 14.05
CA ASN D 132 48.14 -24.11 14.38
C ASN D 132 47.18 -23.21 15.17
N LYS D 133 45.95 -23.62 15.42
CA LYS D 133 45.00 -22.82 16.18
C LYS D 133 44.59 -23.58 17.45
N ALA D 134 43.81 -22.90 18.29
CA ALA D 134 43.31 -23.50 19.52
C ALA D 134 42.04 -22.79 19.92
N THR D 135 41.02 -23.55 20.29
CA THR D 135 39.73 -23.00 20.67
C THR D 135 39.23 -23.69 21.93
N LEU D 136 38.98 -22.90 22.96
CA LEU D 136 38.41 -23.37 24.22
C LEU D 136 36.90 -23.16 24.17
N VAL D 137 36.14 -24.21 24.47
CA VAL D 137 34.68 -24.18 24.32
C VAL D 137 34.06 -24.15 25.70
N CYS D 138 33.26 -23.11 25.98
CA CYS D 138 32.52 -22.99 27.22
C CYS D 138 31.03 -23.00 26.88
N LEU D 139 30.31 -23.96 27.42
CA LEU D 139 28.91 -24.18 27.06
C LEU D 139 28.04 -24.03 28.30
N ILE D 140 27.21 -23.00 28.32
CA ILE D 140 26.25 -22.77 29.39
C ILE D 140 24.91 -23.33 28.93
N SER D 141 24.23 -24.06 29.82
CA SER D 141 22.92 -24.58 29.46
C SER D 141 22.04 -24.67 30.68
N ASP D 142 20.73 -24.65 30.43
CA ASP D 142 19.70 -24.86 31.45
C ASP D 142 19.81 -23.84 32.58
N PHE D 143 19.61 -22.57 32.21
CA PHE D 143 19.55 -21.48 33.18
C PHE D 143 18.34 -20.60 32.88
N TYR D 144 17.90 -19.88 33.91
CA TYR D 144 16.75 -18.98 33.83
C TYR D 144 16.89 -17.93 34.93
N PRO D 145 16.66 -16.65 34.63
CA PRO D 145 16.33 -16.12 33.30
C PRO D 145 17.54 -15.98 32.39
N GLY D 146 17.31 -15.66 31.12
CA GLY D 146 18.39 -15.60 30.15
C GLY D 146 19.25 -14.36 30.23
N ALA D 147 19.92 -14.17 31.36
CA ALA D 147 20.81 -13.03 31.57
C ALA D 147 22.10 -13.58 32.20
N VAL D 148 23.09 -13.86 31.36
CA VAL D 148 24.36 -14.44 31.80
C VAL D 148 25.50 -13.54 31.35
N THR D 149 26.39 -13.22 32.29
CA THR D 149 27.66 -12.57 31.99
C THR D 149 28.75 -13.62 31.87
N VAL D 150 29.72 -13.37 30.99
CA VAL D 150 30.82 -14.31 30.77
C VAL D 150 32.13 -13.59 31.05
N ALA D 151 33.11 -14.33 31.54
CA ALA D 151 34.43 -13.78 31.79
C ALA D 151 35.48 -14.88 31.60
N TRP D 152 36.61 -14.51 31.01
CA TRP D 152 37.71 -15.43 30.76
C TRP D 152 38.93 -14.98 31.55
N LYS D 153 39.57 -15.93 32.23
CA LYS D 153 40.77 -15.67 33.02
C LYS D 153 41.93 -16.51 32.50
N ALA D 154 43.10 -15.88 32.37
CA ALA D 154 44.33 -16.55 31.96
C ALA D 154 45.19 -16.74 33.20
N ASP D 155 44.84 -17.75 34.00
CA ASP D 155 45.31 -17.91 35.37
C ASP D 155 45.45 -16.55 36.06
N GLY D 156 44.32 -15.86 36.12
CA GLY D 156 44.28 -14.46 36.53
C GLY D 156 44.19 -13.54 35.32
N SER D 157 43.83 -12.29 35.61
CA SER D 157 43.67 -11.23 34.62
C SER D 157 42.51 -11.54 33.67
N PRO D 158 41.89 -10.53 33.07
CA PRO D 158 40.85 -10.80 32.07
C PRO D 158 41.45 -11.29 30.75
N VAL D 159 40.60 -11.67 29.80
CA VAL D 159 41.02 -12.04 28.46
C VAL D 159 40.09 -11.37 27.48
N LYS D 160 40.66 -10.73 26.46
CA LYS D 160 39.89 -9.98 25.47
C LYS D 160 40.01 -10.52 24.06
N ALA D 161 41.18 -11.02 23.67
CA ALA D 161 41.39 -11.46 22.30
C ALA D 161 40.66 -12.79 22.05
N GLY D 162 39.99 -12.87 20.90
CA GLY D 162 39.37 -14.11 20.48
C GLY D 162 38.21 -14.56 21.34
N VAL D 163 37.54 -13.64 22.03
CA VAL D 163 36.41 -13.97 22.89
C VAL D 163 35.14 -13.79 22.06
N GLU D 164 34.44 -14.89 21.78
CA GLU D 164 33.19 -14.84 21.03
C GLU D 164 32.10 -15.51 21.86
N THR D 165 30.92 -14.88 21.93
CA THR D 165 29.86 -15.37 22.80
C THR D 165 28.51 -15.16 22.14
N THR D 166 27.74 -16.24 22.05
CA THR D 166 26.39 -16.15 21.49
C THR D 166 25.46 -15.44 22.46
N LYS D 167 24.36 -14.93 21.92
CA LYS D 167 23.32 -14.40 22.76
C LYS D 167 22.51 -15.55 23.37
N PRO D 168 21.83 -15.32 24.49
CA PRO D 168 21.04 -16.40 25.09
C PRO D 168 19.98 -16.90 24.12
N SER D 169 19.85 -18.23 24.05
CA SER D 169 18.93 -18.89 23.14
C SER D 169 18.03 -19.83 23.93
N LYS D 170 16.72 -19.69 23.76
CA LYS D 170 15.78 -20.51 24.51
C LYS D 170 15.76 -21.94 23.97
N GLN D 171 15.59 -22.90 24.89
CA GLN D 171 15.53 -24.31 24.55
C GLN D 171 14.18 -24.88 24.95
N SER D 172 13.99 -26.17 24.65
CA SER D 172 12.67 -26.78 24.73
C SER D 172 12.04 -26.65 26.11
N ASN D 173 12.83 -26.85 27.17
CA ASN D 173 12.30 -26.83 28.53
C ASN D 173 12.28 -25.44 29.16
N ASN D 174 11.98 -24.42 28.36
CA ASN D 174 11.78 -23.04 28.84
C ASN D 174 13.03 -22.43 29.44
N LYS D 175 14.12 -23.20 29.54
CA LYS D 175 15.39 -22.70 30.03
C LYS D 175 16.14 -22.04 28.87
N TYR D 176 17.39 -21.65 29.11
CA TYR D 176 18.19 -20.97 28.11
C TYR D 176 19.55 -21.62 27.99
N ALA D 177 20.18 -21.43 26.83
CA ALA D 177 21.51 -21.97 26.57
C ALA D 177 22.36 -20.90 25.88
N ALA D 178 23.67 -21.11 25.91
CA ALA D 178 24.61 -20.15 25.36
C ALA D 178 25.96 -20.82 25.14
N SER D 179 26.69 -20.32 24.15
CA SER D 179 28.02 -20.82 23.82
C SER D 179 29.02 -19.68 23.90
N SER D 180 30.27 -20.02 24.18
CA SER D 180 31.36 -19.04 24.19
C SER D 180 32.64 -19.74 23.79
N TYR D 181 33.26 -19.26 22.71
CA TYR D 181 34.50 -19.82 22.22
C TYR D 181 35.64 -18.83 22.42
N LEU D 182 36.80 -19.35 22.81
CA LEU D 182 38.01 -18.54 22.95
C LEU D 182 39.03 -19.07 21.95
N SER D 183 39.31 -18.29 20.92
CA SER D 183 40.20 -18.70 19.84
C SER D 183 41.57 -18.06 20.08
N LEU D 184 42.55 -18.87 20.47
CA LEU D 184 43.89 -18.42 20.77
C LEU D 184 44.91 -19.29 20.04
N THR D 185 46.11 -18.75 19.93
CA THR D 185 47.22 -19.53 19.36
C THR D 185 47.83 -20.43 20.42
N PRO D 186 48.39 -21.57 20.01
CA PRO D 186 48.99 -22.50 20.98
C PRO D 186 50.05 -21.86 21.87
N GLU D 187 50.71 -20.79 21.42
CA GLU D 187 51.72 -20.14 22.25
C GLU D 187 51.09 -19.48 23.47
N GLN D 188 49.98 -18.75 23.27
CA GLN D 188 49.26 -18.19 24.41
C GLN D 188 48.71 -19.30 25.31
N TRP D 189 48.23 -20.39 24.69
CA TRP D 189 47.71 -21.52 25.45
C TRP D 189 48.77 -22.11 26.38
N LYS D 190 49.98 -22.29 25.86
CA LYS D 190 51.03 -22.95 26.64
C LYS D 190 51.68 -22.00 27.63
N SER D 191 51.82 -20.72 27.28
CA SER D 191 52.54 -19.78 28.14
C SER D 191 51.86 -19.65 29.50
N HIS D 192 50.54 -19.55 29.51
CA HIS D 192 49.78 -19.48 30.74
C HIS D 192 49.48 -20.89 31.25
N ARG D 193 49.43 -21.02 32.58
CA ARG D 193 49.38 -22.36 33.17
C ARG D 193 47.98 -22.96 33.14
N SER D 194 46.93 -22.15 33.13
CA SER D 194 45.58 -22.66 33.06
C SER D 194 44.66 -21.56 32.55
N TYR D 195 43.40 -21.92 32.30
CA TYR D 195 42.41 -20.99 31.79
C TYR D 195 41.07 -21.27 32.43
N SER D 196 40.37 -20.20 32.81
CA SER D 196 39.15 -20.30 33.61
C SER D 196 38.02 -19.55 32.92
N CYS D 197 36.99 -20.28 32.51
CA CYS D 197 35.73 -19.69 32.06
C CYS D 197 34.83 -19.54 33.28
N GLN D 198 34.46 -18.31 33.63
CA GLN D 198 33.57 -18.07 34.76
C GLN D 198 32.33 -17.32 34.27
N VAL D 199 31.17 -17.86 34.62
CA VAL D 199 29.90 -17.33 34.13
C VAL D 199 29.11 -16.82 35.32
N THR D 200 28.74 -15.54 35.26
CA THR D 200 27.92 -14.91 36.27
C THR D 200 26.45 -14.97 35.85
N HIS D 201 25.57 -15.21 36.83
CA HIS D 201 24.15 -15.34 36.54
C HIS D 201 23.40 -15.04 37.84
N GLU D 202 22.83 -13.84 37.93
CA GLU D 202 22.07 -13.40 39.10
C GLU D 202 22.93 -13.49 40.36
N GLY D 203 24.05 -12.76 40.33
CA GLY D 203 24.94 -12.73 41.47
C GLY D 203 25.96 -13.85 41.51
N SER D 204 25.46 -15.09 41.51
CA SER D 204 26.33 -16.25 41.64
C SER D 204 27.18 -16.46 40.38
N THR D 205 28.43 -16.86 40.59
CA THR D 205 29.40 -17.02 39.51
C THR D 205 29.95 -18.44 39.52
N VAL D 206 29.55 -19.23 38.53
CA VAL D 206 30.11 -20.57 38.35
C VAL D 206 31.47 -20.45 37.69
N GLU D 207 32.37 -21.38 38.00
CA GLU D 207 33.72 -21.36 37.45
C GLU D 207 34.09 -22.73 36.90
N LYS D 208 34.87 -22.72 35.81
CA LYS D 208 35.41 -23.93 35.22
C LYS D 208 36.83 -23.66 34.75
N THR D 209 37.74 -24.60 35.02
CA THR D 209 39.15 -24.42 34.71
C THR D 209 39.66 -25.60 33.89
N VAL D 210 40.62 -25.32 33.01
CA VAL D 210 41.27 -26.38 32.24
C VAL D 210 42.69 -25.93 31.91
N ALA D 211 43.60 -26.89 31.83
CA ALA D 211 45.02 -26.66 31.66
C ALA D 211 45.56 -27.47 30.50
N PRO D 212 46.76 -27.13 30.00
CA PRO D 212 47.39 -27.95 28.96
C PRO D 212 47.53 -29.43 29.32
N THR D 213 47.89 -29.73 30.57
CA THR D 213 48.08 -31.10 31.09
C THR D 213 48.70 -32.06 30.08
N ARG E 1 2.14 -39.72 8.49
CA ARG E 1 1.44 -40.04 7.24
C ARG E 1 1.58 -38.90 6.23
N VAL E 2 1.73 -37.67 6.70
CA VAL E 2 1.81 -36.50 5.83
C VAL E 2 3.24 -35.96 5.91
N HIS E 3 3.99 -36.13 4.82
CA HIS E 3 5.37 -35.67 4.75
C HIS E 3 5.53 -34.66 3.63
N LEU E 4 6.17 -33.53 3.96
CA LEU E 4 6.59 -32.52 2.99
C LEU E 4 8.07 -32.25 3.20
N VAL E 5 8.86 -32.38 2.13
CA VAL E 5 10.31 -32.21 2.20
C VAL E 5 10.73 -31.12 1.22
N GLU E 6 11.43 -30.11 1.73
CA GLU E 6 11.93 -29.03 0.90
C GLU E 6 13.34 -29.32 0.41
N SER E 7 13.75 -28.58 -0.62
CA SER E 7 15.07 -28.73 -1.20
C SER E 7 15.38 -27.53 -2.07
N GLY E 8 16.67 -27.32 -2.33
CA GLY E 8 17.15 -26.25 -3.19
C GLY E 8 17.84 -25.12 -2.47
N GLY E 9 17.63 -24.97 -1.16
CA GLY E 9 18.19 -23.86 -0.43
C GLY E 9 19.71 -23.84 -0.46
N GLY E 10 20.26 -22.66 -0.20
CA GLY E 10 21.71 -22.47 -0.19
C GLY E 10 22.06 -21.00 -0.35
N VAL E 11 23.24 -20.76 -0.91
CA VAL E 11 23.70 -19.41 -1.22
C VAL E 11 23.35 -19.09 -2.67
N VAL E 12 23.04 -17.83 -2.93
CA VAL E 12 22.74 -17.36 -4.27
C VAL E 12 23.27 -15.93 -4.39
N GLN E 13 23.88 -15.64 -5.53
CA GLN E 13 24.37 -14.29 -5.77
C GLN E 13 23.21 -13.30 -5.73
N PRO E 14 23.41 -12.12 -5.14
CA PRO E 14 22.35 -11.09 -5.17
C PRO E 14 21.96 -10.77 -6.61
N GLY E 15 20.66 -10.57 -6.82
CA GLY E 15 20.16 -10.31 -8.15
C GLY E 15 20.33 -11.47 -9.11
N ARG E 16 20.08 -12.70 -8.63
CA ARG E 16 20.20 -13.87 -9.48
C ARG E 16 18.91 -14.69 -9.45
N SER E 17 19.02 -16.02 -9.46
CA SER E 17 17.85 -16.86 -9.59
C SER E 17 18.08 -18.20 -8.87
N LEU E 18 16.99 -18.78 -8.39
CA LEU E 18 17.06 -20.05 -7.68
C LEU E 18 15.69 -20.73 -7.74
N ARG E 19 15.70 -22.05 -7.86
CA ARG E 19 14.49 -22.86 -7.95
C ARG E 19 14.38 -23.74 -6.71
N LEU E 20 13.35 -23.50 -5.90
CA LEU E 20 13.10 -24.28 -4.69
C LEU E 20 12.07 -25.35 -4.97
N SER E 21 12.27 -26.54 -4.39
CA SER E 21 11.42 -27.69 -4.66
C SER E 21 10.83 -28.21 -3.36
N CYS E 22 9.65 -28.81 -3.46
CA CYS E 22 8.95 -29.40 -2.33
C CYS E 22 8.29 -30.69 -2.79
N VAL E 23 8.74 -31.82 -2.23
CA VAL E 23 8.18 -33.12 -2.53
C VAL E 23 7.18 -33.49 -1.45
N ALA E 24 6.07 -34.10 -1.85
CA ALA E 24 5.01 -34.49 -0.94
C ALA E 24 4.86 -36.01 -0.94
N SER E 25 4.39 -36.54 0.19
CA SER E 25 4.20 -37.98 0.28
C SER E 25 3.20 -38.31 1.38
N GLY E 26 2.33 -39.27 1.09
CA GLY E 26 1.39 -39.79 2.07
C GLY E 26 0.01 -39.20 2.06
N PHE E 27 -0.34 -38.39 1.05
CA PHE E 27 -1.66 -37.79 0.99
C PHE E 27 -1.95 -37.37 -0.44
N ALA E 28 -3.23 -37.16 -0.73
CA ALA E 28 -3.67 -36.80 -2.08
C ALA E 28 -3.20 -35.38 -2.39
N PHE E 29 -2.08 -35.28 -3.11
CA PHE E 29 -1.52 -33.97 -3.45
C PHE E 29 -2.48 -33.17 -4.32
N SER E 30 -3.27 -33.84 -5.16
CA SER E 30 -4.14 -33.15 -6.11
C SER E 30 -5.30 -32.42 -5.44
N ASN E 31 -5.48 -32.56 -4.14
CA ASN E 31 -6.58 -31.93 -3.43
C ASN E 31 -6.15 -30.82 -2.47
N TYR E 32 -4.85 -30.54 -2.37
CA TYR E 32 -4.34 -29.56 -1.42
C TYR E 32 -3.88 -28.30 -2.15
N HIS E 33 -4.39 -27.16 -1.72
CA HIS E 33 -3.75 -25.89 -2.06
C HIS E 33 -2.41 -25.80 -1.36
N MET E 34 -1.41 -25.29 -2.07
CA MET E 34 -0.04 -25.28 -1.58
C MET E 34 0.48 -23.86 -1.49
N HIS E 35 1.07 -23.52 -0.35
CA HIS E 35 1.57 -22.18 -0.08
C HIS E 35 3.07 -22.22 0.20
N TRP E 36 3.73 -21.10 -0.13
CA TRP E 36 5.06 -20.78 0.35
C TRP E 36 4.94 -19.65 1.37
N VAL E 37 5.53 -19.87 2.55
CA VAL E 37 5.59 -18.87 3.61
C VAL E 37 7.02 -18.76 4.09
N ARG E 38 7.56 -17.55 4.15
CA ARG E 38 8.95 -17.38 4.53
C ARG E 38 9.06 -16.64 5.85
N GLN E 39 10.21 -16.83 6.50
CA GLN E 39 10.50 -16.24 7.81
C GLN E 39 11.97 -15.87 7.86
N ALA E 40 12.26 -14.59 8.02
CA ALA E 40 13.63 -14.18 8.24
C ALA E 40 14.10 -14.67 9.61
N PRO E 41 15.40 -14.92 9.78
CA PRO E 41 15.88 -15.45 11.06
C PRO E 41 15.52 -14.54 12.23
N GLY E 42 14.75 -15.10 13.16
CA GLY E 42 14.31 -14.33 14.32
C GLY E 42 13.31 -13.25 14.00
N LYS E 43 12.53 -13.40 12.95
CA LYS E 43 11.53 -12.41 12.55
C LYS E 43 10.18 -13.09 12.41
N GLY E 44 9.15 -12.28 12.15
CA GLY E 44 7.82 -12.80 11.98
C GLY E 44 7.64 -13.57 10.68
N LEU E 45 6.52 -14.28 10.60
CA LEU E 45 6.21 -15.04 9.40
C LEU E 45 5.73 -14.09 8.28
N GLU E 46 6.04 -14.46 7.05
CA GLU E 46 5.64 -13.71 5.88
C GLU E 46 5.11 -14.67 4.83
N TRP E 47 3.82 -14.55 4.51
CA TRP E 47 3.22 -15.36 3.47
C TRP E 47 3.75 -14.93 2.10
N VAL E 48 4.19 -15.91 1.30
CA VAL E 48 4.78 -15.60 0.00
C VAL E 48 3.75 -15.80 -1.10
N ALA E 49 3.25 -17.02 -1.25
CA ALA E 49 2.40 -17.28 -2.41
C ALA E 49 1.52 -18.51 -2.18
N ILE E 50 0.48 -18.61 -3.00
CA ILE E 50 -0.43 -19.76 -3.02
C ILE E 50 -0.62 -20.23 -4.45
N ILE E 51 -0.74 -21.55 -4.62
CA ILE E 51 -1.23 -22.14 -5.86
C ILE E 51 -2.31 -23.16 -5.50
N TRP E 52 -3.40 -23.16 -6.26
CA TRP E 52 -4.51 -24.05 -5.97
C TRP E 52 -4.14 -25.50 -6.28
N ASP E 53 -5.07 -26.39 -5.93
CA ASP E 53 -4.83 -27.83 -6.09
C ASP E 53 -4.55 -28.21 -7.53
N ASP E 54 -5.29 -27.63 -8.48
CA ASP E 54 -5.16 -27.99 -9.89
C ASP E 54 -4.28 -27.03 -10.67
N GLY E 55 -3.73 -25.99 -10.03
CA GLY E 55 -2.93 -25.01 -10.74
C GLY E 55 -3.71 -24.02 -11.57
N SER E 56 -5.04 -24.00 -11.44
CA SER E 56 -5.87 -23.04 -12.16
C SER E 56 -5.38 -21.61 -11.90
N ASP E 57 -5.15 -21.27 -10.64
CA ASP E 57 -4.76 -19.92 -10.25
C ASP E 57 -3.54 -19.96 -9.34
N GLN E 58 -2.82 -18.84 -9.34
CA GLN E 58 -1.73 -18.59 -8.40
C GLN E 58 -1.87 -17.15 -7.92
N TYR E 59 -1.47 -16.91 -6.68
CA TYR E 59 -1.57 -15.57 -6.12
C TYR E 59 -0.36 -15.27 -5.25
N TYR E 60 0.23 -14.09 -5.44
CA TYR E 60 1.48 -13.70 -4.82
C TYR E 60 1.28 -12.46 -3.96
N ALA E 61 2.16 -12.31 -2.98
CA ALA E 61 2.19 -11.10 -2.18
C ALA E 61 2.84 -9.96 -2.96
N ASP E 62 2.52 -8.73 -2.55
CA ASP E 62 3.03 -7.56 -3.26
C ASP E 62 4.55 -7.51 -3.26
N SER E 63 5.19 -8.05 -2.22
CA SER E 63 6.64 -7.97 -2.10
C SER E 63 7.36 -8.78 -3.18
N VAL E 64 6.69 -9.74 -3.80
CA VAL E 64 7.34 -10.63 -4.76
C VAL E 64 6.59 -10.65 -6.08
N LYS E 65 5.66 -9.71 -6.27
CA LYS E 65 4.91 -9.63 -7.52
C LYS E 65 5.84 -9.45 -8.70
N GLY E 66 5.65 -10.28 -9.73
CA GLY E 66 6.46 -10.21 -10.93
C GLY E 66 7.87 -10.72 -10.79
N ARG E 67 8.27 -11.20 -9.62
CA ARG E 67 9.61 -11.71 -9.39
C ARG E 67 9.64 -13.20 -9.09
N PHE E 68 8.71 -13.70 -8.28
CA PHE E 68 8.64 -15.12 -7.98
C PHE E 68 7.50 -15.76 -8.78
N THR E 69 7.59 -17.08 -8.94
CA THR E 69 6.59 -17.81 -9.70
C THR E 69 6.39 -19.18 -9.07
N ILE E 70 5.16 -19.48 -8.68
CA ILE E 70 4.83 -20.74 -8.02
C ILE E 70 4.18 -21.66 -9.05
N SER E 71 4.48 -22.96 -8.96
CA SER E 71 3.91 -23.92 -9.90
C SER E 71 3.98 -25.30 -9.25
N ARG E 72 3.37 -26.27 -9.91
CA ARG E 72 3.31 -27.62 -9.36
C ARG E 72 3.12 -28.64 -10.47
N ASP E 73 3.64 -29.84 -10.23
CA ASP E 73 3.34 -31.02 -11.03
C ASP E 73 2.65 -32.01 -10.10
N ASN E 74 1.36 -32.26 -10.35
CA ASN E 74 0.60 -33.19 -9.53
C ASN E 74 0.95 -34.63 -9.84
N SER E 75 1.30 -34.94 -11.09
CA SER E 75 1.73 -36.27 -11.46
C SER E 75 3.10 -36.63 -10.91
N LYS E 76 3.73 -35.72 -10.18
CA LYS E 76 4.98 -35.99 -9.47
C LYS E 76 4.87 -35.71 -7.99
N ASN E 77 3.74 -35.18 -7.52
CA ASN E 77 3.59 -34.69 -6.14
C ASN E 77 4.71 -33.71 -5.80
N THR E 78 4.95 -32.77 -6.72
CA THR E 78 6.08 -31.86 -6.57
C THR E 78 5.63 -30.43 -6.77
N LEU E 79 6.24 -29.52 -6.01
CA LEU E 79 5.89 -28.10 -6.02
C LEU E 79 7.18 -27.32 -6.28
N PHE E 80 7.14 -26.36 -7.21
CA PHE E 80 8.28 -25.51 -7.51
C PHE E 80 7.99 -24.06 -7.19
N LEU E 81 9.02 -23.36 -6.69
CA LEU E 81 8.99 -21.92 -6.53
C LEU E 81 10.25 -21.35 -7.20
N GLN E 82 10.06 -20.67 -8.32
CA GLN E 82 11.15 -20.06 -9.06
C GLN E 82 11.29 -18.61 -8.60
N MET E 83 12.39 -18.30 -7.93
CA MET E 83 12.68 -16.96 -7.46
C MET E 83 13.70 -16.33 -8.38
N ASN E 84 13.34 -15.21 -8.99
CA ASN E 84 14.23 -14.50 -9.90
C ASN E 84 14.50 -13.10 -9.37
N ARG E 85 15.61 -12.52 -9.80
CA ARG E 85 16.01 -11.16 -9.44
C ARG E 85 15.98 -10.97 -7.93
N LEU E 86 16.76 -11.81 -7.25
CA LEU E 86 16.70 -11.93 -5.81
C LEU E 86 17.35 -10.74 -5.12
N ARG E 87 17.06 -10.61 -3.82
CA ARG E 87 17.57 -9.54 -3.00
C ARG E 87 17.92 -10.10 -1.62
N ALA E 88 18.70 -9.32 -0.86
CA ALA E 88 19.05 -9.73 0.49
C ALA E 88 17.82 -9.81 1.38
N GLU E 89 16.78 -9.00 1.11
CA GLU E 89 15.54 -9.07 1.86
C GLU E 89 14.93 -10.46 1.81
N ASP E 90 15.16 -11.20 0.73
CA ASP E 90 14.56 -12.52 0.54
C ASP E 90 15.35 -13.64 1.21
N THR E 91 16.40 -13.32 1.96
CA THR E 91 17.13 -14.33 2.73
C THR E 91 16.27 -14.76 3.91
N ALA E 92 15.81 -16.01 3.89
CA ALA E 92 14.87 -16.47 4.91
C ALA E 92 14.71 -17.98 4.83
N LEU E 93 14.00 -18.52 5.81
CA LEU E 93 13.57 -19.90 5.82
C LEU E 93 12.24 -20.00 5.11
N TYR E 94 12.16 -20.83 4.08
CA TYR E 94 10.98 -20.97 3.24
C TYR E 94 10.30 -22.28 3.59
N TYR E 95 9.10 -22.19 4.17
CA TYR E 95 8.27 -23.33 4.48
C TYR E 95 7.30 -23.58 3.33
N CYS E 96 7.30 -24.81 2.83
CA CYS E 96 6.28 -25.31 1.90
C CYS E 96 5.16 -25.94 2.72
N VAL E 97 3.96 -25.39 2.61
CA VAL E 97 2.83 -25.81 3.43
C VAL E 97 1.64 -26.13 2.55
N GLY E 98 0.68 -26.86 3.12
CA GLY E 98 -0.47 -27.31 2.36
C GLY E 98 -1.77 -27.41 3.13
N GLY E 99 -2.82 -26.79 2.60
CA GLY E 99 -4.16 -26.89 3.17
C GLY E 99 -5.06 -27.70 2.25
N SER E 100 -5.88 -28.56 2.84
CA SER E 100 -6.75 -29.41 2.04
C SER E 100 -7.94 -28.62 1.51
N SER E 101 -8.24 -28.84 0.22
CA SER E 101 -9.31 -28.13 -0.46
C SER E 101 -10.57 -29.00 -0.52
N ALA E 102 -11.20 -29.14 0.64
CA ALA E 102 -12.45 -29.87 0.76
C ALA E 102 -13.13 -29.40 2.03
N TYR E 103 -14.40 -29.00 1.93
CA TYR E 103 -15.10 -28.48 3.10
C TYR E 103 -16.11 -29.47 3.63
N ASN E 104 -17.25 -29.61 2.94
CA ASN E 104 -18.32 -30.48 3.41
C ASN E 104 -17.90 -31.94 3.51
N GLY E 105 -16.77 -32.31 2.92
CA GLY E 105 -16.31 -33.69 2.94
C GLY E 105 -16.62 -34.43 1.67
N ASP E 106 -15.73 -34.34 0.69
CA ASP E 106 -15.91 -34.93 -0.65
C ASP E 106 -17.14 -34.36 -1.35
N ASN E 107 -17.67 -33.25 -0.84
CA ASN E 107 -18.83 -32.60 -1.44
C ASN E 107 -18.48 -31.14 -1.71
N GLY E 108 -17.96 -30.46 -0.69
CA GLY E 108 -17.57 -29.08 -0.86
C GLY E 108 -16.19 -28.90 -1.45
N TRP E 109 -15.95 -27.70 -1.97
CA TRP E 109 -14.64 -27.25 -2.39
C TRP E 109 -14.49 -25.81 -1.94
N ARG E 110 -13.33 -25.46 -1.41
CA ARG E 110 -13.17 -24.16 -0.77
C ARG E 110 -11.83 -23.55 -1.14
N GLU E 111 -11.84 -22.24 -1.41
CA GLU E 111 -10.61 -21.53 -1.74
C GLU E 111 -9.79 -21.23 -0.49
N ALA E 112 -10.43 -20.73 0.56
CA ALA E 112 -9.74 -20.34 1.79
C ALA E 112 -9.46 -21.60 2.63
N ALA E 113 -8.53 -22.41 2.13
CA ALA E 113 -8.27 -23.75 2.65
C ALA E 113 -7.51 -23.77 3.97
N SER E 114 -7.12 -22.61 4.51
CA SER E 114 -6.31 -22.51 5.72
C SER E 114 -4.95 -23.18 5.53
N LEU E 115 -4.08 -23.11 6.55
CA LEU E 115 -2.71 -23.60 6.46
C LEU E 115 -2.55 -24.77 7.43
N ASP E 116 -2.86 -25.97 6.94
CA ASP E 116 -2.88 -27.16 7.81
C ASP E 116 -1.47 -27.71 8.05
N ASP E 117 -0.88 -28.31 7.02
CA ASP E 117 0.36 -29.08 7.17
C ASP E 117 1.55 -28.25 6.72
N TRP E 118 2.58 -28.19 7.57
CA TRP E 118 3.78 -27.43 7.32
C TRP E 118 4.98 -28.36 7.19
N GLY E 119 5.87 -28.04 6.24
CA GLY E 119 7.13 -28.74 6.10
C GLY E 119 8.21 -28.16 7.00
N GLN E 120 9.37 -28.80 6.99
CA GLN E 120 10.49 -28.32 7.80
C GLN E 120 11.03 -27.00 7.26
N GLY E 121 11.04 -26.84 5.94
CA GLY E 121 11.49 -25.61 5.33
C GLY E 121 12.97 -25.65 4.99
N THR E 122 13.33 -24.90 3.93
CA THR E 122 14.71 -24.81 3.48
C THR E 122 15.19 -23.36 3.55
N LEU E 123 16.48 -23.18 3.79
CA LEU E 123 17.04 -21.87 4.03
C LEU E 123 17.63 -21.29 2.75
N VAL E 124 17.26 -20.06 2.42
CA VAL E 124 17.81 -19.35 1.27
C VAL E 124 18.59 -18.16 1.81
N THR E 125 19.90 -18.18 1.60
CA THR E 125 20.79 -17.09 1.99
C THR E 125 21.27 -16.38 0.74
N VAL E 126 21.04 -15.07 0.68
CA VAL E 126 21.44 -14.28 -0.48
C VAL E 126 22.66 -13.43 -0.10
N SER E 127 23.85 -14.02 -0.23
CA SER E 127 25.10 -13.34 0.08
C SER E 127 26.05 -13.47 -1.11
N SER E 128 26.89 -12.46 -1.28
CA SER E 128 27.91 -12.50 -2.32
C SER E 128 29.11 -13.35 -1.95
N ALA E 129 29.25 -13.72 -0.67
CA ALA E 129 30.35 -14.56 -0.24
C ALA E 129 30.13 -16.01 -0.68
N SER E 130 31.22 -16.76 -0.71
CA SER E 130 31.20 -18.14 -1.19
C SER E 130 30.88 -19.10 -0.05
N THR E 131 30.62 -20.35 -0.43
CA THR E 131 30.35 -21.40 0.54
C THR E 131 31.67 -21.91 1.12
N LYS E 132 31.73 -22.00 2.45
CA LYS E 132 32.91 -22.47 3.16
C LYS E 132 32.60 -23.79 3.83
N GLY E 133 33.50 -24.76 3.68
CA GLY E 133 33.35 -26.05 4.29
C GLY E 133 33.69 -26.03 5.77
N PRO E 134 33.03 -26.88 6.55
CA PRO E 134 33.28 -26.93 7.99
C PRO E 134 34.46 -27.85 8.35
N SER E 135 34.97 -27.65 9.56
CA SER E 135 36.01 -28.51 10.12
C SER E 135 35.43 -29.24 11.32
N VAL E 136 35.52 -30.57 11.30
CA VAL E 136 34.89 -31.40 12.33
C VAL E 136 35.97 -31.93 13.26
N PHE E 137 35.89 -31.55 14.54
CA PHE E 137 36.81 -32.04 15.55
C PHE E 137 36.05 -32.75 16.67
N PRO E 138 36.63 -33.79 17.26
CA PRO E 138 35.99 -34.45 18.39
C PRO E 138 36.35 -33.78 19.71
N LEU E 139 35.53 -34.05 20.72
CA LEU E 139 35.72 -33.54 22.08
C LEU E 139 35.50 -34.71 23.02
N ALA E 140 36.61 -35.31 23.48
CA ALA E 140 36.56 -36.50 24.29
C ALA E 140 36.10 -36.19 25.71
N PRO E 141 35.60 -37.18 26.43
CA PRO E 141 35.19 -36.95 27.82
C PRO E 141 36.40 -36.68 28.71
N SER E 142 36.13 -36.04 29.84
CA SER E 142 37.19 -35.54 30.72
C SER E 142 38.08 -36.68 31.21
N SER E 143 39.31 -36.29 31.60
CA SER E 143 40.26 -37.22 32.18
C SER E 143 39.98 -37.52 33.64
N LYS E 144 38.89 -36.97 34.19
CA LYS E 144 38.42 -37.29 35.52
C LYS E 144 36.91 -37.52 35.49
N SER E 145 36.40 -37.96 34.34
CA SER E 145 35.01 -38.33 34.19
C SER E 145 34.84 -39.81 33.87
N THR E 146 35.93 -40.51 33.53
CA THR E 146 35.88 -41.97 33.46
C THR E 146 35.57 -42.55 34.83
N SER E 147 36.07 -41.90 35.89
CA SER E 147 35.83 -42.31 37.26
C SER E 147 34.78 -41.37 37.86
N GLY E 148 33.52 -41.80 37.85
CA GLY E 148 32.44 -41.01 38.40
C GLY E 148 31.07 -41.60 38.12
N GLY E 149 30.14 -40.74 37.75
CA GLY E 149 28.78 -41.16 37.45
C GLY E 149 28.38 -40.91 36.00
N THR E 150 28.61 -39.68 35.54
CA THR E 150 28.24 -39.28 34.20
C THR E 150 29.33 -38.39 33.62
N ALA E 151 29.38 -38.33 32.28
CA ALA E 151 30.40 -37.59 31.57
C ALA E 151 29.83 -37.00 30.29
N ALA E 152 30.44 -35.93 29.81
CA ALA E 152 30.01 -35.25 28.60
C ALA E 152 31.03 -35.42 27.49
N LEU E 153 30.55 -35.55 26.25
CA LEU E 153 31.42 -35.68 25.10
C LEU E 153 30.72 -35.08 23.89
N GLY E 154 31.48 -34.53 22.96
CA GLY E 154 30.82 -33.79 21.90
C GLY E 154 31.61 -33.66 20.62
N CYS E 155 31.05 -32.89 19.70
CA CYS E 155 31.63 -32.59 18.40
C CYS E 155 31.64 -31.09 18.19
N LEU E 156 32.73 -30.59 17.59
CA LEU E 156 32.90 -29.18 17.27
C LEU E 156 32.95 -29.03 15.75
N VAL E 157 32.20 -28.05 15.23
CA VAL E 157 32.11 -27.78 13.81
C VAL E 157 32.56 -26.33 13.62
N LYS E 158 33.81 -26.15 13.22
CA LYS E 158 34.44 -24.84 13.17
C LYS E 158 34.41 -24.28 11.75
N ASP E 159 34.09 -22.98 11.66
CA ASP E 159 34.26 -22.18 10.45
C ASP E 159 33.59 -22.78 9.22
N TYR E 160 32.29 -22.52 9.06
CA TYR E 160 31.55 -22.95 7.87
C TYR E 160 30.66 -21.80 7.43
N PHE E 161 30.13 -21.93 6.20
CA PHE E 161 29.19 -20.96 5.68
C PHE E 161 28.47 -21.57 4.48
N PRO E 162 27.14 -21.42 4.38
CA PRO E 162 26.31 -20.77 5.40
C PRO E 162 25.56 -21.77 6.26
N GLU E 163 24.61 -21.26 7.04
CA GLU E 163 23.66 -22.13 7.71
C GLU E 163 22.79 -22.83 6.67
N PRO E 164 22.20 -23.99 7.02
CA PRO E 164 22.34 -24.69 8.29
C PRO E 164 23.22 -25.93 8.23
N VAL E 165 23.68 -26.39 9.40
CA VAL E 165 24.31 -27.69 9.55
C VAL E 165 23.39 -28.56 10.40
N THR E 166 23.60 -29.87 10.31
CA THR E 166 22.81 -30.83 11.07
C THR E 166 23.72 -31.88 11.67
N VAL E 167 23.41 -32.31 12.89
CA VAL E 167 24.23 -33.26 13.64
C VAL E 167 23.33 -34.36 14.20
N SER E 168 23.62 -35.60 13.84
CA SER E 168 23.04 -36.78 14.45
C SER E 168 24.11 -37.51 15.26
N TRP E 169 23.73 -38.61 15.89
CA TRP E 169 24.68 -39.41 16.67
C TRP E 169 24.42 -40.89 16.47
N ASN E 170 25.51 -41.64 16.21
CA ASN E 170 25.43 -43.07 15.91
C ASN E 170 24.52 -43.34 14.73
N SER E 171 24.79 -42.65 13.62
CA SER E 171 24.01 -42.70 12.38
C SER E 171 22.59 -42.20 12.58
N GLY E 172 22.31 -41.51 13.67
CA GLY E 172 20.97 -41.10 14.01
C GLY E 172 20.24 -42.01 14.96
N ALA E 173 20.94 -42.89 15.66
CA ALA E 173 20.36 -43.82 16.62
C ALA E 173 20.65 -43.41 18.06
N LEU E 174 20.64 -42.10 18.32
CA LEU E 174 20.87 -41.58 19.66
C LEU E 174 20.49 -40.10 19.74
N THR E 175 19.41 -39.81 20.48
CA THR E 175 18.98 -38.44 20.70
C THR E 175 18.62 -38.14 22.15
N SER E 176 18.71 -39.12 23.04
CA SER E 176 18.38 -38.91 24.45
C SER E 176 19.56 -38.26 25.17
N GLY E 177 19.41 -36.99 25.52
CA GLY E 177 20.47 -36.25 26.20
C GLY E 177 21.38 -35.45 25.30
N VAL E 178 21.01 -35.25 24.04
CA VAL E 178 21.82 -34.52 23.09
C VAL E 178 21.43 -33.06 23.10
N HIS E 179 22.43 -32.17 23.06
CA HIS E 179 22.21 -30.74 23.02
C HIS E 179 23.08 -30.18 21.89
N THR E 180 22.43 -29.84 20.77
CA THR E 180 23.09 -29.13 19.69
C THR E 180 22.85 -27.64 19.91
N PHE E 181 23.91 -26.91 20.23
CA PHE E 181 23.77 -25.51 20.56
C PHE E 181 23.64 -24.67 19.28
N PRO E 182 23.01 -23.50 19.38
CA PRO E 182 22.98 -22.59 18.23
C PRO E 182 24.39 -22.15 17.86
N ALA E 183 24.59 -21.93 16.57
CA ALA E 183 25.91 -21.54 16.08
C ALA E 183 26.24 -20.12 16.53
N VAL E 184 27.49 -19.72 16.28
CA VAL E 184 27.96 -18.39 16.61
C VAL E 184 28.41 -17.71 15.33
N LEU E 185 27.92 -16.49 15.10
CA LEU E 185 28.37 -15.68 13.98
C LEU E 185 29.69 -15.02 14.38
N GLN E 186 30.79 -15.54 13.84
CA GLN E 186 32.10 -14.98 14.17
C GLN E 186 32.24 -13.58 13.58
N SER E 187 33.11 -12.78 14.21
CA SER E 187 33.42 -11.46 13.66
C SER E 187 33.96 -11.57 12.24
N SER E 188 34.71 -12.64 11.95
CA SER E 188 35.18 -12.89 10.59
C SER E 188 34.03 -13.12 9.61
N GLY E 189 32.87 -13.55 10.11
CA GLY E 189 31.71 -13.80 9.27
C GLY E 189 31.32 -15.26 9.13
N LEU E 190 32.17 -16.18 9.60
CA LEU E 190 31.89 -17.60 9.51
C LEU E 190 31.12 -18.08 10.73
N TYR E 191 30.30 -19.11 10.52
CA TYR E 191 29.56 -19.73 11.61
C TYR E 191 30.37 -20.85 12.24
N SER E 192 30.09 -21.13 13.50
CA SER E 192 30.74 -22.21 14.24
C SER E 192 29.77 -22.75 15.27
N LEU E 193 29.80 -24.06 15.48
CA LEU E 193 28.75 -24.73 16.26
C LEU E 193 29.35 -25.88 17.04
N SER E 194 28.63 -26.32 18.07
CA SER E 194 29.01 -27.49 18.85
C SER E 194 27.77 -28.31 19.17
N SER E 195 27.98 -29.61 19.41
CA SER E 195 26.89 -30.51 19.78
C SER E 195 27.42 -31.53 20.78
N VAL E 196 26.81 -31.58 21.96
CA VAL E 196 27.34 -32.36 23.09
C VAL E 196 26.28 -33.32 23.60
N VAL E 197 26.70 -34.56 23.86
CA VAL E 197 25.86 -35.59 24.47
C VAL E 197 26.40 -35.90 25.86
N THR E 198 25.49 -36.00 26.82
CA THR E 198 25.81 -36.51 28.15
C THR E 198 25.52 -38.01 28.19
N VAL E 199 26.41 -38.74 28.86
CA VAL E 199 26.35 -40.21 28.91
C VAL E 199 26.72 -40.64 30.33
N PRO E 200 26.40 -41.88 30.68
CA PRO E 200 26.90 -42.41 31.95
C PRO E 200 28.36 -42.83 31.82
N SER E 201 29.15 -42.48 32.84
CA SER E 201 30.57 -42.81 32.84
C SER E 201 30.84 -44.30 32.71
N SER E 202 29.86 -45.14 33.05
CA SER E 202 30.04 -46.58 32.97
C SER E 202 30.32 -47.03 31.53
N SER E 203 29.49 -46.60 30.59
CA SER E 203 29.58 -47.07 29.22
C SER E 203 30.43 -46.13 28.37
N LEU E 204 31.73 -46.14 28.68
CA LEU E 204 32.73 -45.47 27.85
C LEU E 204 33.56 -46.46 27.06
N GLY E 205 34.09 -47.50 27.71
CA GLY E 205 34.76 -48.56 26.97
C GLY E 205 33.81 -49.46 26.22
N THR E 206 32.56 -49.54 26.64
CA THR E 206 31.57 -50.36 25.96
C THR E 206 30.98 -49.63 24.77
N GLN E 207 30.30 -48.51 25.01
CA GLN E 207 29.61 -47.79 23.96
C GLN E 207 30.59 -46.95 23.15
N THR E 208 30.36 -46.89 21.84
CA THR E 208 31.12 -46.06 20.93
C THR E 208 30.23 -44.95 20.39
N TYR E 209 30.82 -43.79 20.14
CA TYR E 209 30.05 -42.61 19.76
C TYR E 209 30.58 -42.04 18.46
N ILE E 210 29.68 -41.87 17.49
CA ILE E 210 30.00 -41.25 16.21
C ILE E 210 28.95 -40.17 15.95
N CYS E 211 29.40 -38.92 15.87
CA CYS E 211 28.52 -37.82 15.49
C CYS E 211 28.52 -37.69 13.96
N ASN E 212 27.33 -37.57 13.40
CA ASN E 212 27.13 -37.52 11.96
C ASN E 212 26.80 -36.08 11.59
N VAL E 213 27.78 -35.38 11.03
CA VAL E 213 27.64 -33.97 10.65
C VAL E 213 27.28 -33.90 9.17
N ASN E 214 26.44 -32.92 8.82
CA ASN E 214 26.11 -32.67 7.43
C ASN E 214 25.98 -31.17 7.21
N HIS E 215 26.62 -30.68 6.16
CA HIS E 215 26.53 -29.30 5.70
C HIS E 215 26.33 -29.35 4.19
N LYS E 216 25.07 -29.47 3.77
CA LYS E 216 24.78 -29.68 2.35
C LYS E 216 25.21 -28.54 1.44
N PRO E 217 25.18 -27.25 1.85
CA PRO E 217 25.73 -26.20 0.97
C PRO E 217 27.10 -26.51 0.40
N SER E 218 28.08 -26.83 1.25
CA SER E 218 29.39 -27.24 0.78
C SER E 218 29.45 -28.74 0.45
N ASN E 219 28.38 -29.47 0.72
CA ASN E 219 28.27 -30.90 0.44
C ASN E 219 29.25 -31.74 1.28
N THR E 220 29.59 -31.25 2.47
CA THR E 220 30.44 -32.00 3.39
C THR E 220 29.58 -32.90 4.28
N LYS E 221 30.17 -34.03 4.67
CA LYS E 221 29.44 -35.02 5.47
C LYS E 221 30.40 -35.90 6.26
N VAL E 222 31.18 -35.30 7.14
CA VAL E 222 32.14 -36.04 7.96
C VAL E 222 31.43 -36.64 9.17
N ASP E 223 31.80 -37.87 9.52
CA ASP E 223 31.20 -38.60 10.62
C ASP E 223 32.32 -39.00 11.59
N LYS E 224 32.72 -38.06 12.44
CA LYS E 224 33.82 -38.30 13.36
C LYS E 224 33.40 -39.23 14.49
N LYS E 225 34.40 -39.77 15.17
CA LYS E 225 34.23 -40.67 16.30
C LYS E 225 34.84 -40.01 17.54
N VAL E 226 34.40 -40.46 18.71
CA VAL E 226 34.89 -39.92 19.97
C VAL E 226 35.19 -41.08 20.90
N GLU E 227 36.45 -41.19 21.30
CA GLU E 227 36.98 -42.19 22.20
C GLU E 227 37.64 -41.46 23.36
N PRO E 228 37.68 -42.05 24.55
CA PRO E 228 38.25 -41.33 25.70
C PRO E 228 39.66 -40.86 25.40
N LYS E 229 40.05 -39.77 26.04
CA LYS E 229 41.35 -39.17 25.80
C LYS E 229 42.45 -40.06 26.39
N SER E 230 43.52 -40.25 25.64
CA SER E 230 44.62 -41.08 26.11
C SER E 230 45.79 -40.24 26.64
N SER F 2 5.09 5.38 0.58
CA SER F 2 4.35 5.84 1.74
C SER F 2 5.26 6.52 2.75
N ALA F 3 6.50 6.02 2.86
CA ALA F 3 7.48 6.56 3.77
C ALA F 3 8.82 6.66 3.07
N LEU F 4 9.57 7.71 3.39
CA LEU F 4 10.94 7.85 2.92
C LEU F 4 11.89 7.52 4.06
N THR F 5 12.84 6.62 3.79
CA THR F 5 13.73 6.07 4.83
C THR F 5 14.91 7.02 5.03
N GLN F 6 14.85 7.80 6.09
CA GLN F 6 15.90 8.70 6.49
C GLN F 6 16.58 8.13 7.72
N PRO F 7 17.85 8.43 7.96
CA PRO F 7 18.52 7.86 9.13
C PRO F 7 17.98 8.51 10.39
N ALA F 8 18.29 7.89 11.52
CA ALA F 8 17.71 8.38 12.76
C ALA F 8 18.54 9.54 13.31
N SER F 9 19.83 9.31 13.54
CA SER F 9 20.74 10.35 13.98
C SER F 9 21.99 10.35 13.12
N VAL F 10 22.63 11.51 13.03
CA VAL F 10 23.93 11.68 12.38
C VAL F 10 24.78 12.55 13.28
N SER F 11 26.02 12.15 13.51
CA SER F 11 26.90 12.82 14.45
C SER F 11 28.19 13.22 13.74
N GLY F 12 28.62 14.45 13.96
CA GLY F 12 29.87 14.92 13.39
C GLY F 12 30.52 15.93 14.31
N SER F 13 31.84 15.98 14.25
CA SER F 13 32.59 17.00 14.97
C SER F 13 32.59 18.30 14.19
N PRO F 14 32.77 19.44 14.87
CA PRO F 14 32.74 20.73 14.16
C PRO F 14 33.81 20.79 13.08
N GLY F 15 33.44 21.38 11.95
CA GLY F 15 34.30 21.43 10.77
C GLY F 15 34.04 20.31 9.79
N GLN F 16 33.75 19.11 10.29
CA GLN F 16 33.54 17.95 9.44
C GLN F 16 32.36 18.16 8.50
N SER F 17 32.30 17.32 7.47
CA SER F 17 31.16 17.24 6.57
C SER F 17 30.38 15.97 6.89
N ILE F 18 29.05 16.09 6.95
CA ILE F 18 28.19 14.96 7.27
C ILE F 18 27.16 14.79 6.16
N THR F 19 26.66 13.56 6.04
CA THR F 19 25.76 13.19 4.94
C THR F 19 24.55 12.47 5.52
N ILE F 20 23.38 12.74 4.93
CA ILE F 20 22.10 12.24 5.41
C ILE F 20 21.37 11.55 4.27
N PHE F 21 20.93 10.30 4.51
CA PHE F 21 20.12 9.51 3.59
C PHE F 21 18.87 10.23 3.13
N CYS F 22 18.21 9.68 2.10
CA CYS F 22 16.79 9.88 1.84
C CYS F 22 16.37 8.91 0.76
N SER F 23 16.14 7.66 1.13
CA SER F 23 15.93 6.59 0.16
C SER F 23 14.45 6.39 -0.13
N GLY F 24 14.14 6.17 -1.41
CA GLY F 24 12.78 5.98 -1.86
C GLY F 24 12.68 4.96 -2.98
N SER F 25 11.74 5.15 -3.89
CA SER F 25 11.51 4.24 -4.99
C SER F 25 11.63 4.99 -6.32
N SER F 26 11.55 4.23 -7.41
CA SER F 26 11.57 4.78 -8.75
C SER F 26 10.37 5.67 -9.04
N ASN F 27 9.43 5.75 -8.10
CA ASN F 27 8.20 6.50 -8.28
C ASN F 27 8.16 7.76 -7.42
N ASP F 28 9.32 8.22 -6.93
CA ASP F 28 9.35 9.41 -6.09
C ASP F 28 10.70 10.10 -6.17
N VAL F 29 11.74 9.46 -5.62
CA VAL F 29 13.07 10.04 -5.69
C VAL F 29 13.74 9.72 -7.02
N GLY F 30 13.69 8.46 -7.44
CA GLY F 30 14.27 8.07 -8.71
C GLY F 30 13.48 8.46 -9.93
N GLY F 31 12.22 8.86 -9.76
CA GLY F 31 11.37 9.19 -10.88
C GLY F 31 11.36 10.67 -11.24
N TYR F 32 11.78 11.53 -10.31
CA TYR F 32 11.73 12.97 -10.54
C TYR F 32 12.89 13.63 -9.84
N ASN F 33 13.15 14.89 -10.23
CA ASN F 33 14.11 15.72 -9.53
C ASN F 33 13.39 16.78 -8.70
N TYR F 34 12.52 16.34 -7.78
CA TYR F 34 11.70 17.26 -7.00
C TYR F 34 11.86 17.03 -5.50
N VAL F 35 13.00 16.47 -5.07
CA VAL F 35 13.22 16.23 -3.64
C VAL F 35 13.73 17.50 -2.98
N SER F 36 13.15 17.84 -1.84
CA SER F 36 13.51 19.02 -1.05
C SER F 36 13.99 18.58 0.33
N TRP F 37 14.64 19.53 1.03
CA TRP F 37 15.16 19.34 2.38
C TRP F 37 14.77 20.52 3.24
N TYR F 38 14.26 20.23 4.44
CA TYR F 38 13.79 21.21 5.40
C TYR F 38 14.52 21.04 6.72
N GLN F 39 14.84 22.17 7.35
CA GLN F 39 15.46 22.22 8.67
C GLN F 39 14.45 22.75 9.69
N GLN F 40 14.29 22.01 10.78
CA GLN F 40 13.38 22.38 11.86
C GLN F 40 14.16 22.48 13.16
N TYR F 41 14.17 23.67 13.75
CA TYR F 41 14.66 23.80 15.11
C TYR F 41 13.56 23.34 16.08
N PRO F 42 13.93 22.82 17.24
CA PRO F 42 12.92 22.29 18.17
C PRO F 42 11.93 23.38 18.58
N GLY F 43 10.65 23.08 18.37
CA GLY F 43 9.61 24.04 18.71
C GLY F 43 9.53 25.24 17.81
N LYS F 44 9.97 25.12 16.56
CA LYS F 44 9.88 26.21 15.60
C LYS F 44 9.30 25.67 14.29
N VAL F 45 8.98 26.60 13.39
CA VAL F 45 8.38 26.26 12.10
C VAL F 45 9.48 25.70 11.19
N PRO F 46 9.21 24.63 10.44
CA PRO F 46 10.22 24.11 9.51
C PRO F 46 10.62 25.14 8.46
N LYS F 47 11.88 25.05 8.03
CA LYS F 47 12.47 26.00 7.08
C LYS F 47 13.02 25.24 5.88
N LEU F 48 12.67 25.70 4.68
CA LEU F 48 13.15 25.08 3.45
C LEU F 48 14.64 25.36 3.26
N LEU F 49 15.45 24.31 3.24
CA LEU F 49 16.87 24.47 2.97
C LEU F 49 17.21 24.23 1.50
N ILE F 50 16.70 23.15 0.92
CA ILE F 50 17.02 22.78 -0.46
C ILE F 50 15.72 22.42 -1.17
N TYR F 51 15.65 22.75 -2.46
CA TYR F 51 14.54 22.30 -3.29
C TYR F 51 15.08 21.90 -4.65
N ASP F 52 14.31 21.07 -5.36
CA ASP F 52 14.72 20.51 -6.65
C ASP F 52 16.13 19.92 -6.58
N VAL F 53 16.29 18.99 -5.63
CA VAL F 53 17.49 18.19 -5.46
C VAL F 53 18.66 19.03 -4.97
N ASN F 54 19.07 20.03 -5.74
CA ASN F 54 20.33 20.72 -5.49
C ASN F 54 20.22 22.23 -5.39
N SER F 55 19.05 22.82 -5.61
CA SER F 55 18.91 24.28 -5.57
C SER F 55 18.56 24.74 -4.16
N ARG F 56 19.10 25.90 -3.80
CA ARG F 56 18.84 26.49 -2.49
C ARG F 56 18.19 27.86 -2.64
N PRO F 57 17.23 28.20 -1.80
CA PRO F 57 16.59 29.52 -1.90
C PRO F 57 17.49 30.63 -1.37
N SER F 58 17.14 31.85 -1.76
CA SER F 58 17.89 33.02 -1.31
C SER F 58 17.87 33.11 0.21
N GLY F 59 19.03 33.41 0.79
CA GLY F 59 19.15 33.50 2.23
C GLY F 59 19.30 32.18 2.93
N VAL F 60 20.00 31.23 2.31
CA VAL F 60 20.35 29.96 2.92
C VAL F 60 21.85 29.77 2.78
N SER F 61 22.51 29.37 3.86
CA SER F 61 23.95 29.19 3.83
C SER F 61 24.35 28.16 2.79
N ASN F 62 25.41 28.45 2.04
CA ASN F 62 25.93 27.53 1.03
C ASN F 62 26.62 26.32 1.64
N ARG F 63 26.55 26.17 2.96
CA ARG F 63 27.07 24.97 3.62
C ARG F 63 26.21 23.74 3.37
N PHE F 64 24.96 23.94 2.95
CA PHE F 64 24.05 22.83 2.67
C PHE F 64 24.07 22.53 1.19
N SER F 65 24.34 21.27 0.84
CA SER F 65 24.34 20.84 -0.56
C SER F 65 23.46 19.61 -0.73
N GLY F 66 22.82 19.51 -1.88
CA GLY F 66 21.93 18.41 -2.15
C GLY F 66 22.32 17.56 -3.34
N SER F 67 22.60 16.28 -3.10
CA SER F 67 22.92 15.33 -4.15
C SER F 67 21.78 14.33 -4.31
N LYS F 68 21.80 13.62 -5.44
CA LYS F 68 20.88 12.52 -5.66
C LYS F 68 21.53 11.51 -6.60
N SER F 69 21.36 10.23 -6.31
CA SER F 69 21.89 9.17 -7.15
C SER F 69 20.92 8.00 -7.14
N GLY F 70 20.50 7.59 -8.32
CA GLY F 70 19.55 6.49 -8.44
C GLY F 70 18.27 6.81 -7.70
N ASN F 71 17.93 5.98 -6.72
CA ASN F 71 16.72 6.14 -5.93
C ASN F 71 17.01 6.72 -4.54
N THR F 72 18.19 7.28 -4.33
CA THR F 72 18.58 7.76 -3.00
C THR F 72 19.13 9.17 -3.10
N ALA F 73 18.51 10.10 -2.39
CA ALA F 73 18.99 11.47 -2.30
C ALA F 73 19.78 11.66 -1.01
N SER F 74 20.72 12.61 -1.04
CA SER F 74 21.63 12.84 0.07
C SER F 74 21.71 14.33 0.37
N LEU F 75 21.71 14.66 1.66
CA LEU F 75 21.94 16.03 2.11
C LEU F 75 23.31 16.10 2.79
N THR F 76 24.16 17.01 2.32
CA THR F 76 25.51 17.16 2.86
C THR F 76 25.61 18.50 3.57
N ILE F 77 25.96 18.44 4.86
CA ILE F 77 26.24 19.63 5.66
C ILE F 77 27.74 19.71 5.82
N SER F 78 28.36 20.69 5.14
CA SER F 78 29.79 20.92 5.21
C SER F 78 30.07 22.09 6.14
N GLY F 79 31.18 21.99 6.88
CA GLY F 79 31.50 22.99 7.89
C GLY F 79 30.50 22.99 9.02
N LEU F 80 30.52 21.93 9.83
CA LEU F 80 29.53 21.78 10.90
C LEU F 80 29.70 22.86 11.96
N GLN F 81 28.58 23.39 12.42
CA GLN F 81 28.54 24.40 13.47
C GLN F 81 27.47 24.05 14.48
N ALA F 82 27.56 24.70 15.65
CA ALA F 82 26.52 24.53 16.66
C ALA F 82 25.14 24.90 16.13
N GLU F 83 25.08 25.85 15.18
CA GLU F 83 23.81 26.27 14.62
C GLU F 83 23.08 25.14 13.90
N ASP F 84 23.80 24.11 13.46
CA ASP F 84 23.23 23.04 12.66
C ASP F 84 22.61 21.92 13.50
N GLU F 85 22.62 22.03 14.82
CA GLU F 85 21.99 21.04 15.69
C GLU F 85 20.47 21.17 15.59
N ALA F 86 19.83 20.24 14.87
CA ALA F 86 18.39 20.35 14.60
C ALA F 86 17.82 19.15 13.88
N ASP F 87 16.52 19.16 13.60
CA ASP F 87 15.88 18.09 12.86
C ASP F 87 15.92 18.42 11.37
N TYR F 88 16.11 17.40 10.55
CA TYR F 88 16.21 17.58 9.10
C TYR F 88 15.31 16.55 8.43
N TYR F 89 14.41 17.03 7.57
CA TYR F 89 13.51 16.17 6.83
C TYR F 89 13.76 16.32 5.34
N CYS F 90 13.51 15.24 4.60
CA CYS F 90 13.46 15.31 3.15
C CYS F 90 12.03 15.01 2.68
N SER F 91 11.65 15.66 1.59
CA SER F 91 10.34 15.48 0.98
C SER F 91 10.50 15.25 -0.51
N SER F 92 9.49 14.66 -1.13
CA SER F 92 9.56 14.39 -2.55
C SER F 92 8.17 14.30 -3.16
N TYR F 93 8.07 14.76 -4.40
CA TYR F 93 6.92 14.52 -5.25
C TYR F 93 6.81 13.03 -5.57
N THR F 94 5.60 12.61 -5.95
CA THR F 94 5.31 11.20 -6.14
C THR F 94 4.64 10.97 -7.48
N SER F 95 4.80 9.75 -8.02
CA SER F 95 4.08 9.35 -9.22
C SER F 95 2.57 9.35 -9.01
N ARG F 96 2.10 9.48 -7.77
CA ARG F 96 0.70 9.54 -7.44
C ARG F 96 0.19 10.98 -7.34
N ARG F 97 0.93 11.93 -7.91
CA ARG F 97 0.63 13.36 -7.85
C ARG F 97 0.58 13.87 -6.42
N THR F 98 1.28 13.21 -5.51
CA THR F 98 1.29 13.54 -4.09
C THR F 98 2.70 13.93 -3.65
N TRP F 99 2.81 14.33 -2.39
CA TRP F 99 4.08 14.60 -1.73
C TRP F 99 4.26 13.66 -0.55
N VAL F 100 5.51 13.42 -0.18
CA VAL F 100 5.79 12.49 0.92
C VAL F 100 7.06 12.94 1.64
N PHE F 101 7.02 12.90 2.97
CA PHE F 101 8.14 13.25 3.83
C PHE F 101 8.85 12.00 4.35
N GLY F 102 10.07 12.21 4.82
CA GLY F 102 10.83 11.14 5.44
C GLY F 102 10.67 11.11 6.96
N GLY F 103 11.21 10.04 7.56
CA GLY F 103 11.15 9.91 9.00
C GLY F 103 11.82 11.07 9.72
N GLY F 104 12.91 11.57 9.18
CA GLY F 104 13.61 12.67 9.80
C GLY F 104 14.89 12.21 10.47
N THR F 105 15.91 13.06 10.43
CA THR F 105 17.20 12.80 11.04
C THR F 105 17.54 13.93 11.97
N ILE F 106 17.99 13.61 13.18
CA ILE F 106 18.38 14.62 14.16
C ILE F 106 19.90 14.76 14.12
N VAL F 107 20.37 15.97 13.86
CA VAL F 107 21.78 16.27 13.74
C VAL F 107 22.26 16.92 15.02
N THR F 108 23.24 16.28 15.66
CA THR F 108 23.85 16.72 16.91
C THR F 108 25.34 16.88 16.69
N VAL F 109 25.89 17.99 17.18
CA VAL F 109 27.28 18.36 16.95
C VAL F 109 28.11 17.89 18.15
N LEU F 110 29.13 17.10 17.88
CA LEU F 110 29.97 16.52 18.91
C LEU F 110 30.93 17.57 19.47
N GLY F 111 31.60 17.19 20.56
CA GLY F 111 32.62 18.05 21.16
C GLY F 111 32.12 19.42 21.58
N GLN F 112 30.94 19.47 22.20
CA GLN F 112 30.53 20.81 22.58
C GLN F 112 30.89 21.09 24.04
N PRO F 113 31.29 22.31 24.36
CA PRO F 113 31.73 22.60 25.74
C PRO F 113 30.59 22.46 26.73
N LYS F 114 30.94 22.01 27.93
CA LYS F 114 29.96 21.79 28.99
C LYS F 114 29.41 23.12 29.50
N ALA F 115 28.12 23.13 29.80
CA ALA F 115 27.44 24.31 30.31
C ALA F 115 26.78 23.98 31.64
N ASN F 116 27.00 24.82 32.64
CA ASN F 116 26.51 24.50 33.96
C ASN F 116 25.10 25.06 34.17
N PRO F 117 24.23 24.30 34.83
CA PRO F 117 22.84 24.71 34.94
C PRO F 117 22.66 25.87 35.91
N THR F 118 21.74 26.77 35.56
CA THR F 118 21.27 27.81 36.46
C THR F 118 19.87 27.43 36.92
N VAL F 119 19.68 27.31 38.23
CA VAL F 119 18.47 26.77 38.83
C VAL F 119 17.84 27.84 39.72
N THR F 120 16.57 28.13 39.47
CA THR F 120 15.80 29.07 40.28
C THR F 120 14.65 28.35 40.96
N LEU F 121 14.58 28.47 42.28
CA LEU F 121 13.53 27.88 43.09
C LEU F 121 12.56 28.97 43.54
N PHE F 122 11.27 28.65 43.52
CA PHE F 122 10.21 29.57 43.92
C PHE F 122 9.26 28.86 44.87
N PRO F 123 8.98 29.43 46.04
CA PRO F 123 8.04 28.83 46.96
C PRO F 123 6.61 29.15 46.57
N PRO F 124 5.62 28.47 47.15
CA PRO F 124 4.22 28.80 46.81
C PRO F 124 3.87 30.22 47.22
N SER F 125 3.23 30.94 46.31
CA SER F 125 2.78 32.29 46.60
C SER F 125 1.66 32.27 47.63
N SER F 126 1.45 33.41 48.29
CA SER F 126 0.36 33.53 49.25
C SER F 126 -0.99 33.30 48.58
N GLU F 127 -1.12 33.68 47.31
CA GLU F 127 -2.35 33.41 46.57
C GLU F 127 -2.61 31.91 46.47
N GLU F 128 -1.60 31.15 46.04
CA GLU F 128 -1.76 29.70 45.95
C GLU F 128 -2.11 29.10 47.31
N LEU F 129 -1.43 29.56 48.37
CA LEU F 129 -1.77 29.10 49.71
C LEU F 129 -3.23 29.37 50.04
N GLN F 130 -3.72 30.56 49.69
CA GLN F 130 -5.13 30.89 49.92
C GLN F 130 -6.07 30.03 49.09
N ALA F 131 -5.59 29.44 48.01
CA ALA F 131 -6.42 28.62 47.13
C ALA F 131 -6.41 27.15 47.51
N ASN F 132 -5.94 26.83 48.72
CA ASN F 132 -5.95 25.51 49.36
C ASN F 132 -4.84 24.60 48.85
N LYS F 133 -4.04 25.01 47.88
CA LYS F 133 -2.96 24.19 47.36
C LYS F 133 -1.62 24.88 47.59
N ALA F 134 -0.54 24.16 47.25
CA ALA F 134 0.81 24.72 47.35
C ALA F 134 1.71 23.96 46.39
N THR F 135 2.50 24.70 45.61
CA THR F 135 3.38 24.10 44.63
C THR F 135 4.72 24.82 44.64
N LEU F 136 5.79 24.07 44.85
CA LEU F 136 7.15 24.60 44.79
C LEU F 136 7.70 24.37 43.40
N VAL F 137 8.23 25.44 42.79
CA VAL F 137 8.65 25.44 41.39
C VAL F 137 10.19 25.45 41.34
N CYS F 138 10.77 24.45 40.69
CA CYS F 138 12.22 24.38 40.49
C CYS F 138 12.47 24.42 38.99
N LEU F 139 13.24 25.42 38.55
CA LEU F 139 13.44 25.66 37.11
C LEU F 139 14.93 25.60 36.81
N ILE F 140 15.33 24.59 36.03
CA ILE F 140 16.71 24.45 35.55
C ILE F 140 16.76 25.01 34.14
N SER F 141 17.81 25.78 33.85
CA SER F 141 17.96 26.31 32.49
C SER F 141 19.44 26.46 32.16
N ASP F 142 19.71 26.45 30.85
CA ASP F 142 21.03 26.73 30.30
C ASP F 142 22.07 25.74 30.84
N PHE F 143 21.87 24.47 30.52
CA PHE F 143 22.82 23.42 30.83
C PHE F 143 23.04 22.54 29.61
N TYR F 144 24.19 21.87 29.59
CA TYR F 144 24.56 20.97 28.50
C TYR F 144 25.56 19.95 29.02
N PRO F 145 25.39 18.65 28.71
CA PRO F 145 24.27 18.11 27.93
C PRO F 145 22.98 17.96 28.74
N GLY F 146 21.89 17.61 28.08
CA GLY F 146 20.59 17.52 28.71
C GLY F 146 20.39 16.29 29.57
N ALA F 147 21.19 16.15 30.63
CA ALA F 147 21.09 15.03 31.56
C ALA F 147 21.09 15.58 32.98
N VAL F 148 19.90 15.78 33.54
CA VAL F 148 19.74 16.32 34.88
C VAL F 148 18.91 15.35 35.72
N THR F 149 19.40 15.03 36.90
CA THR F 149 18.64 14.32 37.91
C THR F 149 18.07 15.33 38.90
N VAL F 150 16.87 15.04 39.42
CA VAL F 150 16.22 15.94 40.37
C VAL F 150 15.96 15.17 41.65
N ALA F 151 16.02 15.88 42.77
CA ALA F 151 15.71 15.31 44.07
C ALA F 151 15.13 16.41 44.96
N TRP F 152 14.15 16.02 45.77
CA TRP F 152 13.48 16.94 46.68
C TRP F 152 13.74 16.51 48.11
N LYS F 153 14.12 17.47 48.95
CA LYS F 153 14.36 17.24 50.36
C LYS F 153 13.42 18.11 51.18
N ALA F 154 12.84 17.52 52.23
CA ALA F 154 11.98 18.26 53.15
C ALA F 154 12.82 18.55 54.38
N ASP F 155 13.68 19.57 54.26
CA ASP F 155 14.79 19.84 55.18
C ASP F 155 15.41 18.53 55.68
N GLY F 156 15.86 17.74 54.73
CA GLY F 156 16.29 16.37 54.98
C GLY F 156 15.21 15.38 54.57
N SER F 157 15.62 14.11 54.52
CA SER F 157 14.76 12.98 54.15
C SER F 157 14.32 13.08 52.69
N PRO F 158 14.00 11.97 52.03
CA PRO F 158 13.49 12.04 50.67
C PRO F 158 12.06 12.58 50.63
N VAL F 159 11.58 12.81 49.41
CA VAL F 159 10.22 13.24 49.16
C VAL F 159 9.66 12.44 48.00
N LYS F 160 8.45 11.91 48.17
CA LYS F 160 7.82 11.07 47.16
C LYS F 160 6.52 11.64 46.62
N ALA F 161 5.73 12.32 47.46
CA ALA F 161 4.43 12.82 47.04
C ALA F 161 4.55 14.08 46.18
N GLY F 162 3.76 14.13 45.12
CA GLY F 162 3.63 15.32 44.30
C GLY F 162 4.86 15.77 43.54
N VAL F 163 5.77 14.84 43.22
CA VAL F 163 6.98 15.18 42.48
C VAL F 163 6.73 14.95 41.00
N GLU F 164 6.69 16.03 40.22
CA GLU F 164 6.52 15.93 38.78
C GLU F 164 7.67 16.66 38.10
N THR F 165 8.22 16.07 37.05
CA THR F 165 9.44 16.59 36.42
C THR F 165 9.35 16.44 34.91
N THR F 166 9.57 17.54 34.19
CA THR F 166 9.57 17.50 32.74
C THR F 166 10.83 16.82 32.22
N LYS F 167 10.74 16.33 31.00
CA LYS F 167 11.90 15.80 30.31
C LYS F 167 12.75 16.95 29.78
N PRO F 168 14.04 16.72 29.55
CA PRO F 168 14.90 17.79 29.02
C PRO F 168 14.39 18.29 27.68
N SER F 169 14.37 19.61 27.53
CA SER F 169 13.88 20.27 26.32
C SER F 169 14.94 21.22 25.81
N LYS F 170 15.30 21.07 24.54
CA LYS F 170 16.33 21.90 23.95
C LYS F 170 15.82 23.32 23.71
N GLN F 171 16.69 24.30 23.88
CA GLN F 171 16.34 25.70 23.70
C GLN F 171 17.18 26.29 22.57
N SER F 172 16.91 27.56 22.27
CA SER F 172 17.43 28.20 21.06
C SER F 172 18.95 28.13 21.00
N ASN F 173 19.63 28.37 22.12
CA ASN F 173 21.09 28.39 22.15
C ASN F 173 21.70 27.02 22.40
N ASN F 174 21.09 25.97 21.86
CA ASN F 174 21.63 24.60 21.91
C ASN F 174 21.74 24.04 23.33
N LYS F 175 21.41 24.85 24.34
CA LYS F 175 21.41 24.38 25.71
C LYS F 175 20.08 23.69 26.01
N TYR F 176 19.85 23.33 27.27
CA TYR F 176 18.64 22.62 27.66
C TYR F 176 18.01 23.29 28.88
N ALA F 177 16.71 23.04 29.04
CA ALA F 177 15.94 23.55 30.16
C ALA F 177 15.03 22.44 30.67
N ALA F 178 14.55 22.62 31.91
CA ALA F 178 13.71 21.61 32.55
C ALA F 178 12.96 22.23 33.72
N SER F 179 11.78 21.69 34.00
CA SER F 179 10.96 22.13 35.11
C SER F 179 10.67 20.97 36.05
N SER F 180 10.44 21.29 37.32
CA SER F 180 10.04 20.29 38.31
C SER F 180 9.15 20.95 39.34
N TYR F 181 7.93 20.45 39.48
CA TYR F 181 6.97 20.98 40.43
C TYR F 181 6.73 19.98 41.56
N LEU F 182 6.61 20.52 42.77
CA LEU F 182 6.31 19.74 43.97
C LEU F 182 4.96 20.20 44.50
N SER F 183 3.96 19.32 44.45
CA SER F 183 2.58 19.66 44.80
C SER F 183 2.31 19.20 46.22
N LEU F 184 2.15 20.15 47.13
CA LEU F 184 1.95 19.88 48.55
C LEU F 184 0.73 20.65 49.06
N THR F 185 0.19 20.18 50.20
CA THR F 185 -0.85 20.90 50.92
C THR F 185 -0.22 21.92 51.87
N PRO F 186 -0.90 23.03 52.15
CA PRO F 186 -0.33 24.02 53.07
C PRO F 186 0.06 23.45 54.42
N GLU F 187 -0.61 22.39 54.87
CA GLU F 187 -0.23 21.74 56.12
C GLU F 187 1.14 21.09 56.02
N GLN F 188 1.39 20.38 54.91
CA GLN F 188 2.74 19.85 54.66
C GLN F 188 3.75 20.98 54.53
N TRP F 189 3.35 22.09 53.91
CA TRP F 189 4.23 23.24 53.76
C TRP F 189 4.68 23.76 55.12
N LYS F 190 3.74 23.89 56.06
CA LYS F 190 4.06 24.46 57.36
C LYS F 190 4.75 23.46 58.29
N SER F 191 4.38 22.18 58.20
CA SER F 191 4.90 21.19 59.14
C SER F 191 6.41 21.05 59.05
N HIS F 192 6.96 21.02 57.84
CA HIS F 192 8.40 20.93 57.66
C HIS F 192 9.03 22.32 57.69
N ARG F 193 10.26 22.38 58.20
CA ARG F 193 10.89 23.66 58.48
C ARG F 193 11.48 24.32 57.25
N SER F 194 11.87 23.55 56.23
CA SER F 194 12.39 24.11 55.00
C SER F 194 12.27 23.08 53.88
N TYR F 195 12.57 23.51 52.66
CA TYR F 195 12.47 22.64 51.49
C TYR F 195 13.61 22.93 50.53
N SER F 196 14.21 21.87 49.99
CA SER F 196 15.42 21.95 49.18
C SER F 196 15.24 21.20 47.87
N CYS F 197 15.31 21.92 46.75
CA CYS F 197 15.41 21.30 45.44
C CYS F 197 16.88 21.14 45.08
N GLN F 198 17.33 19.90 44.88
CA GLN F 198 18.72 19.63 44.52
C GLN F 198 18.78 18.89 43.19
N VAL F 199 19.57 19.43 42.26
CA VAL F 199 19.65 18.94 40.89
C VAL F 199 21.08 18.50 40.61
N THR F 200 21.23 17.24 40.20
CA THR F 200 22.53 16.70 39.82
C THR F 200 22.70 16.81 38.31
N HIS F 201 23.92 17.16 37.89
CA HIS F 201 24.19 17.33 36.47
C HIS F 201 25.69 17.17 36.24
N GLU F 202 26.09 16.03 35.69
CA GLU F 202 27.50 15.71 35.43
C GLU F 202 28.32 15.80 36.72
N GLY F 203 27.92 14.99 37.69
CA GLY F 203 28.61 14.91 38.97
C GLY F 203 28.16 15.94 39.98
N SER F 204 28.33 17.22 39.65
CA SER F 204 28.02 18.28 40.59
C SER F 204 26.51 18.45 40.76
N THR F 205 26.08 18.70 42.00
CA THR F 205 24.67 18.78 42.36
C THR F 205 24.38 20.11 43.05
N VAL F 206 23.68 21.00 42.35
CA VAL F 206 23.29 22.29 42.94
C VAL F 206 22.13 22.07 43.90
N GLU F 207 22.04 22.92 44.92
CA GLU F 207 20.96 22.88 45.88
C GLU F 207 20.38 24.29 46.03
N LYS F 208 19.07 24.37 46.23
CA LYS F 208 18.39 25.62 46.52
C LYS F 208 17.35 25.36 47.58
N THR F 209 17.29 26.22 48.59
CA THR F 209 16.43 26.02 49.74
C THR F 209 15.55 27.24 49.97
N VAL F 210 14.33 26.98 50.47
CA VAL F 210 13.43 28.05 50.88
C VAL F 210 12.52 27.49 51.97
N ALA F 211 12.16 28.34 52.91
CA ALA F 211 11.41 27.97 54.10
C ALA F 211 10.24 28.92 54.28
N PRO F 212 9.26 28.56 55.14
CA PRO F 212 8.20 29.52 55.48
C PRO F 212 8.74 30.84 55.98
N THR F 213 9.79 30.80 56.81
CA THR F 213 10.49 31.97 57.38
C THR F 213 9.57 33.14 57.70
#